data_6DBO
#
_entry.id   6DBO
#
_cell.length_a   1
_cell.length_b   1
_cell.length_c   1
_cell.angle_alpha   90.00
_cell.angle_beta   90.00
_cell.angle_gamma   90.00
#
_symmetry.space_group_name_H-M   'P 1'
#
loop_
_entity.id
_entity.type
_entity.pdbx_description
1 polymer 'Recombination activating gene 1 - MBP chimera'
2 polymer 'Recombination activating gene 2'
3 polymer 'Forward strand of substrate RSS DNA'
4 polymer 'Reverse strand of substrate RSS DNA'
5 non-polymer 'ZINC ION'
6 non-polymer 'CALCIUM ION'
#
loop_
_entity_poly.entity_id
_entity_poly.type
_entity_poly.pdbx_seq_one_letter_code
_entity_poly.pdbx_strand_id
1 'polypeptide(L)'
;MGSSHHHHHHGTKTEEGKLVIWINGDKGYNGLAEVGKKFEKDTGIKVTVEHPDKLEEKFPQVAATGDGPDIIFWAHDRFG
GYAQSGLLAEITPDKAFQDKLYPFTWDAVRYNGKLIAYPIAVEALSLIYNKDLLPNPPKTWEEIPALDKELKAKGKSALM
FNLQEPYFTWPLIAADGGYAFKYENGKYDIKDVGVDNAGAKAGLTFLVDLIKNKHMNADTDYSIAEAAFNKGETAMTING
PWAWSNIDTSKVNYGVTVLPTFKGQPSKPFVGVLSAGINAASPNKELAKEFLENYLLTDEGLEAVNKDKPLGAVALKSYE
EELAKDPRIAATMENAQKGEIMPNIPQMSAFWYAVRTAVINAASGRQTVDEALKDAQTGTDYDIPTTLEVLFQGPLGSRC
QRDHLSTKLIPTEVPADLIRAVTCQVCDHLLSDPVQSPCRHLFCRLCIIRYTHALGPNCPTCNQHLNPSHLIKPAKFFLA
TLSSLPLLCPSEECSDWVRLDSFREHCLNHYREKESQEEQTPSEQNLDGYLPVNKGGRPRQHLLSLTRRAQKHRLRDLKN
QVKTFAEKEEGGDVKSVCLTLFLLALRAGNEHKQADELEAMMQGRGFGLHPAVCLAIRVNTFLSCSQYHKMYRTVKATSG
RQIFQPLHTLRNAEKELLPGFHQFEWQPALKNVSTSWDVGIIDGLSGWTVSVDDVPADTISRRFRYDVALVSALKDLEED
IMEGLRERALDDSMCTSGFTVVVKESCDGMGDVSEKHGSGPAVPEKAVRFSFTIMSISIRLEGEDDGITIFQEQKPNSEL
SCRPLCLMFVDESDHETLTAILGPVVAERKAMMESRLIISVGGLLRSFRFFFRGTGYDEKMVREMEGLEASGSTYICTLC
DSTRAEASQNMVLHSITRSHDENLERYEIWRKNPFSESADELRDRVKGVSAKPFMETQPTLDALHCDIGNATEFYKIFQD
EIGEVYQKPNPSREERRRWRSTLDKQLRKKMKLKPVMRMNGNYARRLMTREAVEAVCELVPSEERREALLKLMDLYLQMK
PVWRSTCPSRDCPDQLCQYSYNSQQFADLLSSMFKYRYDGKITNYLHKTLAHVPEIVERDGSIGAWASEGNESGNKLFRR
FRKMNARQSKTFELEDILKHHWLYTSKYLQKFMEAHKNS
;
A,C
2 'polypeptide(L)'
;GGSMSLQPLTAVNCGSLVQPGFSLLDLEGDVYLFGQKGWPKRSCPTGIFGVRIKKGELKLRAISFSNNSSYLPPLRCPAI
AHFEAQDGKPECYLIHGGRTPNNELSSSLYMLSVDSRGCNRKVTLRCEEKELVGDVPSARYGHTLSVINSRGKTACVLFG
GRSYMPPTERTTQNWNSVVDCPPQVYLIDLEFGCCTAHTLPELTDGQSFHVALARQDCVYFLGGHILSSDCRPSRLIRLH
VELLLGSPVLTCTILHEGLTITSAIASPIGYHEYIIFGGYQSETQKRMECTYVGLDDVGVHMESREPPQWTSEISHSRTW
FGGSLGKGTALVAIPSEGNPTPPEAYHFYQVSFQKEQDGEATAQGGSQESTDFEDSAPLEDSEELYFGREPHELEYSSDV
EGDTYNEEDEEDESQTGYWIKCCLSCQVDPNIWEPYYSTELTRPAMIFCSRGEGGHWVHAQCMELPESLLLQLSQDNSKY
FCLDHGGLPKQEMTPPKQMLPVKRVPMKMTHRKAPVSLKMTPAKKTFLRRLFD
;
B,D
3 'polydeoxyribonucleotide'
;(DG)(DA)(DT)(DC)(DT)(DG)(DG)(DC)(DC)(DT)(DG)(DT)(DC)(DT)(DT)(DA)(DC)(DA)(DC)(DA)
(DG)(DT)(DG)(DG)(DT)(DA)(DG)(DT)(DA)(DC)(DT)(DC)
;
E,G
4 'polydeoxyribonucleotide'
;(DG)(DA)(DG)(DT)(DA)(DC)(DT)(DA)(DC)(DC)(DA)(DC)(DT)(DG)(DT)(DG)(DT)(DA)(DA)(DG)
(DA)(DC)(DA)(DG)(DG)(DC)(DC)(DA)(DG)(DA)(DT)(DC)
;
F,H
#
# COMPACT_ATOMS: atom_id res chain seq x y z
N GLY A 608 -20.58 -10.01 -39.36
CA GLY A 608 -19.43 -9.12 -39.47
C GLY A 608 -19.56 -7.75 -38.78
N LEU A 609 -18.54 -7.34 -38.00
CA LEU A 609 -18.42 -6.00 -37.42
C LEU A 609 -17.30 -5.16 -38.03
N HIS A 610 -17.50 -3.85 -38.05
CA HIS A 610 -16.47 -2.94 -38.54
C HIS A 610 -15.31 -2.95 -37.56
N PRO A 611 -14.06 -2.92 -38.05
CA PRO A 611 -12.91 -2.90 -37.13
C PRO A 611 -12.84 -1.72 -36.17
N ALA A 612 -13.25 -0.54 -36.59
CA ALA A 612 -13.39 0.59 -35.67
C ALA A 612 -14.28 0.25 -34.48
N VAL A 613 -15.47 -0.28 -34.75
CA VAL A 613 -16.41 -0.56 -33.66
C VAL A 613 -15.74 -1.46 -32.64
N CYS A 614 -15.08 -2.52 -33.10
CA CYS A 614 -14.52 -3.49 -32.15
C CYS A 614 -13.29 -2.90 -31.45
N LEU A 615 -12.49 -2.10 -32.14
CA LEU A 615 -11.46 -1.36 -31.45
C LEU A 615 -12.06 -0.64 -30.24
N ALA A 616 -13.16 0.09 -30.48
CA ALA A 616 -13.81 0.82 -29.40
C ALA A 616 -14.35 -0.10 -28.32
N ILE A 617 -14.87 -1.26 -28.72
CA ILE A 617 -15.31 -2.26 -27.75
C ILE A 617 -14.16 -2.63 -26.83
N ARG A 618 -12.93 -2.66 -27.38
CA ARG A 618 -11.83 -3.16 -26.58
C ARG A 618 -11.28 -2.06 -25.69
N VAL A 619 -11.30 -0.82 -26.18
CA VAL A 619 -10.89 0.30 -25.36
C VAL A 619 -11.96 0.61 -24.32
N ASN A 620 -13.23 0.63 -24.74
CA ASN A 620 -14.25 1.16 -23.85
C ASN A 620 -14.66 0.19 -22.76
N THR A 621 -14.25 -1.07 -22.80
CA THR A 621 -14.67 -2.01 -21.77
C THR A 621 -13.50 -2.46 -20.91
N PHE A 622 -12.31 -1.92 -21.16
CA PHE A 622 -11.12 -2.13 -20.34
C PHE A 622 -10.70 -3.57 -20.54
N LEU A 623 -10.15 -3.89 -21.69
CA LEU A 623 -9.65 -5.23 -21.95
C LEU A 623 -8.23 -5.18 -22.45
N SER A 624 -7.39 -6.04 -21.87
CA SER A 624 -6.07 -6.30 -22.39
C SER A 624 -6.13 -6.95 -23.77
N CYS A 625 -5.00 -6.92 -24.44
CA CYS A 625 -4.87 -7.65 -25.69
C CYS A 625 -5.11 -9.12 -25.48
N SER A 626 -4.53 -9.70 -24.42
CA SER A 626 -4.65 -11.13 -24.27
C SER A 626 -6.04 -11.57 -23.77
N GLN A 627 -6.72 -10.75 -22.97
CA GLN A 627 -8.11 -11.04 -22.60
C GLN A 627 -9.04 -10.96 -23.81
N TYR A 628 -8.93 -9.87 -24.57
CA TYR A 628 -9.74 -9.70 -25.77
C TYR A 628 -9.48 -10.83 -26.74
N HIS A 629 -8.21 -11.21 -26.92
CA HIS A 629 -7.86 -12.33 -27.78
C HIS A 629 -8.47 -13.66 -27.33
N LYS A 630 -8.36 -14.01 -26.04
CA LYS A 630 -9.04 -15.19 -25.49
C LYS A 630 -10.52 -15.21 -25.83
N MET A 631 -11.16 -14.05 -25.82
CA MET A 631 -12.59 -14.02 -26.11
C MET A 631 -12.82 -14.10 -27.62
N TYR A 632 -11.93 -13.45 -28.38
CA TYR A 632 -12.05 -13.49 -29.83
C TYR A 632 -11.92 -14.92 -30.32
N ARG A 633 -10.85 -15.60 -29.90
CA ARG A 633 -10.67 -16.98 -30.30
C ARG A 633 -11.82 -17.86 -29.81
N THR A 634 -12.39 -17.54 -28.64
CA THR A 634 -13.43 -18.39 -28.06
C THR A 634 -14.75 -18.27 -28.83
N VAL A 635 -15.22 -17.03 -29.03
CA VAL A 635 -16.43 -16.81 -29.83
C VAL A 635 -16.23 -17.14 -31.30
N LYS A 636 -14.97 -17.31 -31.74
CA LYS A 636 -14.69 -17.70 -33.13
C LYS A 636 -14.60 -19.19 -33.35
N ALA A 637 -14.42 -19.99 -32.31
CA ALA A 637 -14.47 -21.41 -32.64
C ALA A 637 -15.81 -22.06 -32.28
N THR A 638 -16.55 -21.55 -31.28
CA THR A 638 -18.01 -21.66 -31.26
C THR A 638 -18.68 -20.62 -32.15
N SER A 639 -19.56 -21.06 -33.05
CA SER A 639 -20.33 -20.16 -33.93
C SER A 639 -19.44 -19.17 -34.69
N GLY A 640 -18.59 -19.69 -35.57
CA GLY A 640 -17.71 -18.83 -36.34
C GLY A 640 -17.77 -19.22 -37.80
N ARG A 641 -18.11 -18.33 -38.75
CA ARG A 641 -18.18 -16.85 -38.76
C ARG A 641 -17.51 -15.96 -37.70
N GLN A 642 -16.43 -15.30 -38.13
CA GLN A 642 -15.69 -14.36 -37.30
C GLN A 642 -16.58 -13.17 -36.94
N ILE A 643 -16.80 -12.93 -35.65
CA ILE A 643 -17.57 -11.75 -35.29
C ILE A 643 -16.69 -10.55 -35.00
N PHE A 644 -15.68 -10.76 -34.17
CA PHE A 644 -14.71 -9.75 -33.77
C PHE A 644 -13.51 -9.73 -34.70
N GLN A 645 -12.91 -8.60 -34.80
CA GLN A 645 -11.73 -8.59 -35.61
C GLN A 645 -10.54 -9.09 -34.76
N PRO A 646 -9.51 -9.66 -35.37
CA PRO A 646 -8.30 -9.98 -34.60
C PRO A 646 -7.53 -8.73 -34.23
N LEU A 647 -6.49 -8.96 -33.41
CA LEU A 647 -5.83 -7.86 -32.74
C LEU A 647 -5.06 -6.96 -33.71
N HIS A 648 -4.22 -7.55 -34.55
CA HIS A 648 -3.34 -6.74 -35.39
C HIS A 648 -4.13 -5.81 -36.30
N THR A 649 -5.37 -6.17 -36.68
CA THR A 649 -6.17 -5.28 -37.51
C THR A 649 -6.83 -4.17 -36.71
N LEU A 650 -6.78 -4.27 -35.40
CA LEU A 650 -7.18 -3.14 -34.58
C LEU A 650 -5.98 -2.24 -34.35
N ARG A 651 -4.83 -2.86 -34.08
CA ARG A 651 -3.58 -2.10 -34.04
C ARG A 651 -3.41 -1.29 -35.33
N ASN A 652 -3.75 -1.89 -36.48
CA ASN A 652 -3.69 -1.15 -37.75
C ASN A 652 -4.88 -0.18 -37.91
N ALA A 653 -6.04 -0.50 -37.29
CA ALA A 653 -7.26 0.29 -37.44
C ALA A 653 -7.22 1.68 -36.79
N GLU A 654 -6.50 1.84 -35.68
CA GLU A 654 -6.58 3.07 -34.89
C GLU A 654 -5.69 4.18 -35.42
N LYS A 655 -4.61 3.84 -36.14
CA LYS A 655 -3.65 4.89 -36.53
C LYS A 655 -4.30 5.99 -37.33
N GLU A 656 -5.54 5.81 -37.78
CA GLU A 656 -6.34 6.95 -38.23
C GLU A 656 -6.83 7.82 -37.07
N LEU A 657 -6.82 7.31 -35.82
CA LEU A 657 -7.39 8.02 -34.67
C LEU A 657 -6.38 8.58 -33.68
N LEU A 658 -5.15 8.05 -33.62
CA LEU A 658 -4.11 8.59 -32.75
C LEU A 658 -3.52 9.88 -33.35
N PRO A 659 -2.80 10.65 -32.55
CA PRO A 659 -2.14 11.82 -33.13
C PRO A 659 -0.98 11.45 -34.03
N GLY A 660 -0.76 12.28 -35.04
CA GLY A 660 0.28 12.01 -36.02
C GLY A 660 -0.16 11.37 -37.33
N PHE A 661 -1.41 11.56 -37.78
CA PHE A 661 -1.88 10.90 -38.99
C PHE A 661 -2.30 11.83 -40.11
N HIS A 662 -3.03 12.91 -39.82
CA HIS A 662 -3.50 13.76 -40.90
C HIS A 662 -2.49 14.85 -41.25
N GLN A 663 -2.50 15.24 -42.51
CA GLN A 663 -1.61 16.27 -43.02
C GLN A 663 -2.28 17.63 -42.90
N PHE A 664 -1.53 18.59 -42.39
CA PHE A 664 -1.97 19.95 -42.19
C PHE A 664 -0.81 20.89 -42.48
N GLU A 665 -1.09 22.18 -42.42
CA GLU A 665 -0.01 23.14 -42.50
C GLU A 665 -0.50 24.49 -41.99
N TRP A 666 0.42 25.26 -41.43
CA TRP A 666 0.12 26.55 -40.85
C TRP A 666 0.53 27.69 -41.79
N GLN A 667 -0.22 28.79 -41.74
CA GLN A 667 0.24 30.00 -42.43
C GLN A 667 -0.01 31.21 -41.54
N PRO A 668 1.04 31.97 -41.22
CA PRO A 668 2.45 31.74 -41.60
C PRO A 668 3.05 30.56 -40.84
N ALA A 669 4.26 30.07 -41.16
CA ALA A 669 4.77 28.91 -40.43
C ALA A 669 4.80 29.20 -38.92
N LEU A 670 4.85 28.15 -38.11
CA LEU A 670 4.81 28.34 -36.66
C LEU A 670 6.17 28.75 -36.13
N LYS A 671 6.17 29.71 -35.22
CA LYS A 671 7.41 30.22 -34.70
C LYS A 671 8.04 29.21 -33.75
N ASN A 672 9.29 28.86 -34.04
CA ASN A 672 10.09 27.82 -33.38
C ASN A 672 9.29 26.56 -33.07
N VAL A 673 8.41 26.16 -34.01
CA VAL A 673 7.79 24.83 -34.03
C VAL A 673 8.14 24.13 -35.35
N SER A 674 8.49 22.84 -35.28
CA SER A 674 8.95 22.12 -36.46
C SER A 674 7.83 21.92 -37.48
N THR A 675 8.21 21.70 -38.74
CA THR A 675 7.23 21.60 -39.80
C THR A 675 6.75 20.18 -40.06
N SER A 676 7.28 19.20 -39.33
CA SER A 676 6.82 17.83 -39.50
C SER A 676 5.41 17.71 -38.95
N TRP A 677 4.56 16.94 -39.63
CA TRP A 677 3.14 16.87 -39.28
C TRP A 677 2.72 15.47 -38.88
N ASP A 678 3.67 14.54 -38.79
CA ASP A 678 3.37 13.11 -38.61
C ASP A 678 4.00 12.56 -37.34
N VAL A 679 4.28 13.40 -36.38
CA VAL A 679 4.91 13.02 -35.13
C VAL A 679 3.86 12.55 -34.15
N GLY A 680 4.19 11.49 -33.41
CA GLY A 680 3.21 10.82 -32.56
C GLY A 680 3.31 11.08 -31.06
N ILE A 681 3.87 10.11 -30.34
CA ILE A 681 4.11 10.20 -28.90
C ILE A 681 5.59 10.48 -28.65
N ILE A 682 5.89 11.61 -28.05
CA ILE A 682 7.26 11.94 -27.66
C ILE A 682 7.37 11.72 -26.15
N ASP A 683 8.60 11.61 -25.66
CA ASP A 683 8.86 11.73 -24.23
C ASP A 683 9.01 13.23 -23.90
N GLY A 684 8.46 13.64 -22.76
CA GLY A 684 8.31 15.08 -22.46
C GLY A 684 9.54 15.84 -22.05
N LEU A 685 10.68 15.18 -21.89
CA LEU A 685 11.90 15.86 -21.50
C LEU A 685 12.41 16.79 -22.59
N SER A 686 12.01 16.54 -23.85
CA SER A 686 12.19 17.49 -24.95
C SER A 686 13.67 17.77 -25.23
N GLY A 687 14.52 16.79 -24.99
CA GLY A 687 15.93 16.83 -25.31
C GLY A 687 16.81 17.26 -24.18
N TRP A 688 16.43 16.99 -22.94
CA TRP A 688 17.19 17.36 -21.76
C TRP A 688 18.60 16.73 -21.80
N THR A 689 19.64 17.52 -22.04
CA THR A 689 20.98 16.93 -22.12
C THR A 689 21.32 16.36 -20.76
N VAL A 690 21.83 15.14 -20.74
CA VAL A 690 21.71 14.37 -19.51
C VAL A 690 23.09 14.36 -18.83
N SER A 691 23.86 15.43 -19.01
CA SER A 691 25.04 15.61 -18.16
C SER A 691 24.64 15.43 -16.68
N VAL A 692 25.59 14.97 -15.86
CA VAL A 692 25.42 14.77 -14.42
C VAL A 692 25.66 16.03 -13.61
N ASP A 693 26.38 16.99 -14.19
CA ASP A 693 26.64 18.25 -13.49
C ASP A 693 25.49 19.23 -13.59
N ASP A 694 24.55 19.03 -14.51
CA ASP A 694 23.41 19.93 -14.62
C ASP A 694 22.36 19.40 -13.65
N VAL A 695 21.20 20.04 -13.59
CA VAL A 695 20.14 19.48 -12.74
C VAL A 695 19.70 18.16 -13.38
N PRO A 696 19.46 17.10 -12.61
CA PRO A 696 19.25 15.80 -13.24
C PRO A 696 17.99 15.76 -14.10
N ALA A 697 18.01 14.82 -15.05
CA ALA A 697 16.84 14.50 -15.87
C ALA A 697 16.09 13.31 -15.32
N ASP A 698 15.63 13.51 -14.08
CA ASP A 698 15.00 12.43 -13.31
C ASP A 698 13.58 12.21 -13.79
N THR A 699 12.96 13.25 -14.32
CA THR A 699 11.53 13.23 -14.57
C THR A 699 11.21 12.17 -15.59
N ILE A 700 10.09 11.48 -15.41
CA ILE A 700 9.51 10.66 -16.46
C ILE A 700 8.26 11.33 -16.92
N SER A 701 8.21 11.65 -18.20
CA SER A 701 7.07 12.34 -18.76
C SER A 701 6.90 12.02 -20.23
N ARG A 702 5.66 12.08 -20.65
CA ARG A 702 5.28 11.74 -22.01
C ARG A 702 4.21 12.73 -22.41
N ARG A 703 4.08 12.88 -23.71
CA ARG A 703 3.21 13.92 -24.22
C ARG A 703 3.13 13.71 -25.71
N PHE A 704 2.07 14.25 -26.26
CA PHE A 704 2.01 14.42 -27.69
C PHE A 704 2.65 15.76 -28.00
N ARG A 705 2.32 16.34 -29.16
CA ARG A 705 2.82 17.65 -29.54
C ARG A 705 1.59 18.48 -29.87
N TYR A 706 1.46 19.63 -29.20
CA TYR A 706 0.17 20.27 -28.97
C TYR A 706 -0.67 20.40 -30.23
N ASP A 707 -0.07 20.95 -31.27
CA ASP A 707 -0.78 21.23 -32.51
C ASP A 707 -1.20 19.96 -33.24
N VAL A 708 -0.38 18.91 -33.18
CA VAL A 708 -0.75 17.64 -33.81
C VAL A 708 -2.03 17.10 -33.19
N ALA A 709 -2.11 17.10 -31.86
CA ALA A 709 -3.31 16.66 -31.16
C ALA A 709 -4.48 17.58 -31.38
N LEU A 710 -4.21 18.87 -31.58
CA LEU A 710 -5.27 19.75 -31.99
C LEU A 710 -5.84 19.29 -33.35
N VAL A 711 -4.96 19.09 -34.35
CA VAL A 711 -5.43 18.73 -35.69
C VAL A 711 -6.09 17.36 -35.66
N SER A 712 -5.66 16.49 -34.74
CA SER A 712 -6.33 15.22 -34.57
C SER A 712 -7.76 15.47 -34.08
N ALA A 713 -7.92 16.35 -33.08
CA ALA A 713 -9.23 16.54 -32.50
C ALA A 713 -10.19 17.22 -33.47
N LEU A 714 -9.64 18.00 -34.39
CA LEU A 714 -10.52 18.63 -35.36
C LEU A 714 -10.90 17.64 -36.47
N LYS A 715 -9.90 16.91 -37.04
CA LYS A 715 -10.27 15.85 -37.97
C LYS A 715 -11.21 14.83 -37.37
N ASP A 716 -11.22 14.70 -36.03
CA ASP A 716 -12.21 13.82 -35.43
C ASP A 716 -13.58 14.49 -35.41
N LEU A 717 -13.63 15.80 -35.17
CA LEU A 717 -14.93 16.45 -35.23
C LEU A 717 -15.29 16.90 -36.64
N GLU A 718 -14.69 16.26 -37.67
CA GLU A 718 -15.03 16.60 -39.05
C GLU A 718 -16.52 16.41 -39.31
N GLU A 719 -17.04 15.24 -38.93
CA GLU A 719 -18.44 14.93 -39.18
C GLU A 719 -19.36 15.95 -38.55
N ASP A 720 -19.07 16.37 -37.31
CA ASP A 720 -19.99 17.27 -36.62
C ASP A 720 -19.84 18.74 -37.06
N ILE A 721 -18.65 19.19 -37.48
CA ILE A 721 -18.55 20.51 -38.11
C ILE A 721 -19.34 20.52 -39.42
N MET A 722 -19.20 19.48 -40.24
CA MET A 722 -19.93 19.45 -41.51
C MET A 722 -21.43 19.40 -41.25
N GLU A 723 -21.88 18.64 -40.24
CA GLU A 723 -23.31 18.50 -40.03
C GLU A 723 -23.87 19.78 -39.42
N GLY A 724 -23.09 20.47 -38.61
CA GLY A 724 -23.47 21.80 -38.19
C GLY A 724 -23.54 22.79 -39.34
N LEU A 725 -22.69 22.61 -40.35
CA LEU A 725 -22.75 23.45 -41.53
C LEU A 725 -24.04 23.21 -42.31
N ARG A 726 -24.40 21.94 -42.49
CA ARG A 726 -25.60 21.63 -43.26
C ARG A 726 -26.86 22.00 -42.49
N GLU A 727 -26.83 21.84 -41.16
CA GLU A 727 -27.99 22.11 -40.33
C GLU A 727 -28.30 23.59 -40.18
N ARG A 728 -27.30 24.48 -40.22
CA ARG A 728 -27.59 25.91 -40.29
C ARG A 728 -27.81 26.37 -41.72
N ALA A 729 -27.95 25.44 -42.66
CA ALA A 729 -28.29 25.75 -44.05
C ALA A 729 -27.23 26.68 -44.63
N LEU A 730 -25.99 26.50 -44.20
CA LEU A 730 -24.86 27.27 -44.70
C LEU A 730 -24.18 26.48 -45.82
N ASP A 731 -23.67 27.19 -46.81
CA ASP A 731 -23.03 26.44 -47.88
C ASP A 731 -21.63 26.00 -47.44
N ASP A 732 -21.09 25.00 -48.16
CA ASP A 732 -19.96 24.23 -47.67
C ASP A 732 -18.70 24.40 -48.50
N SER A 733 -18.82 24.61 -49.80
CA SER A 733 -17.65 24.93 -50.61
C SER A 733 -17.26 26.39 -50.46
N MET A 734 -18.24 27.26 -50.23
CA MET A 734 -18.02 28.56 -49.61
C MET A 734 -17.81 28.35 -48.11
N CYS A 735 -17.40 29.41 -47.42
CA CYS A 735 -17.17 29.37 -45.97
C CYS A 735 -16.25 28.19 -45.62
N THR A 736 -15.01 28.34 -46.09
CA THR A 736 -13.94 27.45 -45.65
C THR A 736 -12.74 28.26 -45.17
N SER A 737 -12.97 29.47 -44.67
CA SER A 737 -11.88 30.35 -44.25
C SER A 737 -12.07 30.95 -42.87
N GLY A 738 -13.29 31.03 -42.34
CA GLY A 738 -13.53 31.86 -41.17
C GLY A 738 -13.87 31.18 -39.87
N PHE A 739 -13.39 29.96 -39.68
CA PHE A 739 -13.75 29.15 -38.53
C PHE A 739 -13.03 29.66 -37.28
N THR A 740 -13.70 29.58 -36.12
CA THR A 740 -13.08 29.97 -34.84
C THR A 740 -13.40 28.87 -33.83
N VAL A 741 -12.35 28.24 -33.29
CA VAL A 741 -12.46 27.18 -32.28
C VAL A 741 -12.08 27.78 -30.93
N VAL A 742 -12.83 27.40 -29.89
CA VAL A 742 -12.55 27.83 -28.53
C VAL A 742 -12.15 26.60 -27.72
N VAL A 743 -10.91 26.63 -27.21
CA VAL A 743 -10.25 25.47 -26.61
C VAL A 743 -10.05 25.72 -25.11
N LYS A 744 -10.59 24.81 -24.28
CA LYS A 744 -10.44 24.82 -22.83
C LYS A 744 -9.30 23.91 -22.41
N GLU A 745 -8.25 24.46 -21.84
CA GLU A 745 -7.16 23.64 -21.36
C GLU A 745 -7.18 23.67 -19.84
N SER A 746 -6.41 22.79 -19.22
CA SER A 746 -6.80 22.31 -17.91
C SER A 746 -5.68 21.47 -17.29
N CYS A 747 -5.26 21.73 -16.06
CA CYS A 747 -4.14 20.98 -15.51
C CYS A 747 -4.39 20.71 -14.05
N ASP A 748 -4.05 19.50 -13.63
CA ASP A 748 -4.22 19.16 -12.23
C ASP A 748 -3.29 18.05 -11.80
N GLY A 749 -2.84 18.16 -10.57
CA GLY A 749 -2.04 17.14 -9.93
C GLY A 749 -2.89 16.00 -9.41
N MET A 750 -2.26 14.88 -9.10
CA MET A 750 -3.04 13.74 -8.68
C MET A 750 -2.24 12.71 -7.90
N GLY A 751 -2.77 12.34 -6.73
CA GLY A 751 -2.07 11.58 -5.73
C GLY A 751 -2.56 10.12 -5.70
N ASP A 752 -1.90 9.33 -4.87
CA ASP A 752 -2.25 7.94 -4.58
C ASP A 752 -2.40 7.08 -5.85
N VAL A 753 -1.27 6.88 -6.53
CA VAL A 753 -1.24 5.95 -7.66
C VAL A 753 -0.34 4.74 -7.38
N SER A 754 -0.58 4.03 -6.28
CA SER A 754 0.24 2.87 -5.86
C SER A 754 0.39 1.81 -6.96
N VAL A 763 5.18 6.36 -0.80
CA VAL A 763 5.15 7.69 -1.38
C VAL A 763 4.03 7.72 -2.44
N PRO A 764 3.34 8.86 -2.61
CA PRO A 764 2.24 8.90 -3.58
C PRO A 764 2.66 8.81 -5.03
N GLU A 765 3.89 9.25 -5.39
CA GLU A 765 4.30 9.24 -6.80
C GLU A 765 3.27 9.96 -7.63
N LYS A 766 2.65 10.98 -7.02
CA LYS A 766 1.70 11.89 -7.63
C LYS A 766 1.84 12.03 -9.13
N ALA A 767 0.81 12.55 -9.77
CA ALA A 767 0.82 12.69 -11.22
C ALA A 767 0.17 14.00 -11.61
N VAL A 768 0.68 14.57 -12.68
CA VAL A 768 0.07 15.77 -13.22
C VAL A 768 -0.32 15.44 -14.65
N ARG A 769 -1.42 16.01 -15.09
CA ARG A 769 -2.16 15.49 -16.24
C ARG A 769 -2.75 16.71 -16.91
N PHE A 770 -2.08 17.22 -17.94
CA PHE A 770 -2.45 18.48 -18.55
C PHE A 770 -3.25 18.08 -19.79
N SER A 771 -4.51 18.50 -19.86
CA SER A 771 -5.44 18.06 -20.89
C SER A 771 -6.20 19.26 -21.45
N PHE A 772 -6.92 19.04 -22.54
CA PHE A 772 -7.70 20.11 -23.11
C PHE A 772 -8.97 19.48 -23.69
N THR A 773 -9.91 20.34 -24.06
CA THR A 773 -11.27 19.99 -24.47
C THR A 773 -11.68 21.03 -25.49
N ILE A 774 -12.29 20.59 -26.58
CA ILE A 774 -12.80 21.50 -27.59
C ILE A 774 -14.22 21.87 -27.18
N MET A 775 -14.41 23.16 -26.87
CA MET A 775 -15.60 23.70 -26.26
C MET A 775 -16.66 24.05 -27.29
N SER A 776 -16.27 24.85 -28.30
CA SER A 776 -17.21 25.38 -29.27
C SER A 776 -16.45 25.67 -30.56
N ILE A 777 -17.15 25.59 -31.69
CA ILE A 777 -16.56 26.00 -32.97
C ILE A 777 -17.64 26.73 -33.78
N SER A 778 -17.33 27.98 -34.18
CA SER A 778 -18.29 28.94 -34.74
C SER A 778 -17.71 29.46 -36.05
N ILE A 779 -18.46 30.27 -36.80
CA ILE A 779 -17.96 30.76 -38.07
C ILE A 779 -18.25 32.25 -38.22
N ARG A 780 -17.25 32.99 -38.69
CA ARG A 780 -17.29 34.43 -38.86
C ARG A 780 -17.24 34.88 -40.30
N LEU A 781 -16.70 34.05 -41.21
CA LEU A 781 -16.74 34.33 -42.64
C LEU A 781 -18.16 34.63 -43.10
N GLU A 782 -18.30 35.67 -43.92
CA GLU A 782 -17.16 36.31 -44.60
C GLU A 782 -16.92 37.77 -44.26
N GLY A 783 -17.67 38.30 -43.29
CA GLY A 783 -17.76 39.74 -43.18
C GLY A 783 -18.81 40.22 -42.20
N GLU A 784 -19.70 41.07 -42.71
CA GLU A 784 -20.74 41.80 -41.99
C GLU A 784 -21.42 41.00 -40.88
N ASP A 785 -20.64 40.50 -39.92
CA ASP A 785 -21.14 39.74 -38.77
C ASP A 785 -20.00 39.55 -37.78
N ASP A 786 -20.27 38.81 -36.70
CA ASP A 786 -19.28 38.44 -35.71
C ASP A 786 -19.01 36.95 -35.60
N GLY A 787 -20.00 36.10 -35.89
CA GLY A 787 -19.82 34.67 -35.72
C GLY A 787 -21.11 33.87 -35.61
N ILE A 788 -21.21 32.82 -36.42
CA ILE A 788 -22.33 31.89 -36.43
C ILE A 788 -21.89 30.63 -35.70
N THR A 789 -22.34 30.44 -34.45
CA THR A 789 -21.95 29.21 -33.77
C THR A 789 -22.48 28.04 -34.58
N ILE A 790 -21.62 27.06 -34.80
CA ILE A 790 -21.98 25.88 -35.56
C ILE A 790 -22.02 24.64 -34.71
N PHE A 791 -21.13 24.53 -33.74
CA PHE A 791 -21.14 23.49 -32.74
C PHE A 791 -20.97 24.10 -31.36
N GLN A 792 -21.63 23.52 -30.37
CA GLN A 792 -21.26 23.87 -29.01
C GLN A 792 -21.44 22.60 -28.19
N GLU A 793 -20.62 22.50 -27.17
CA GLU A 793 -20.50 21.27 -26.42
C GLU A 793 -21.72 21.11 -25.52
N GLN A 794 -22.46 20.02 -25.73
CA GLN A 794 -23.66 19.81 -24.94
C GLN A 794 -23.33 19.37 -23.52
N LYS A 795 -22.18 18.70 -23.32
CA LYS A 795 -21.84 18.10 -22.04
C LYS A 795 -20.36 18.36 -21.70
N PRO A 796 -20.02 19.63 -21.45
CA PRO A 796 -18.61 20.04 -21.39
C PRO A 796 -17.89 19.56 -20.15
N ASN A 797 -18.63 19.14 -19.13
CA ASN A 797 -18.05 18.69 -17.88
C ASN A 797 -17.94 17.18 -17.81
N SER A 798 -18.07 16.49 -18.93
CA SER A 798 -17.92 15.05 -18.85
C SER A 798 -16.45 14.70 -19.06
N GLU A 799 -16.07 13.48 -18.70
CA GLU A 799 -14.72 13.00 -19.00
C GLU A 799 -14.58 12.82 -20.50
N LEU A 800 -15.55 12.13 -21.09
CA LEU A 800 -15.53 11.65 -22.46
C LEU A 800 -15.36 12.81 -23.44
N SER A 801 -15.24 14.06 -22.91
CA SER A 801 -14.82 15.25 -23.66
C SER A 801 -13.82 16.01 -22.75
N CYS A 802 -12.59 15.45 -22.67
CA CYS A 802 -11.43 16.00 -21.92
C CYS A 802 -10.19 15.25 -22.44
N ARG A 803 -9.54 15.83 -23.51
CA ARG A 803 -8.54 14.98 -24.15
C ARG A 803 -7.16 15.21 -23.55
N PRO A 804 -6.51 14.17 -23.08
CA PRO A 804 -5.20 14.33 -22.45
C PRO A 804 -4.15 14.70 -23.46
N LEU A 805 -3.27 15.52 -23.03
CA LEU A 805 -2.21 15.98 -23.87
C LEU A 805 -0.86 15.66 -23.27
N CYS A 806 -0.73 15.66 -21.95
CA CYS A 806 0.60 15.42 -21.42
C CYS A 806 0.53 14.88 -20.01
N LEU A 807 1.36 13.89 -19.72
CA LEU A 807 1.39 13.28 -18.40
C LEU A 807 2.80 13.35 -17.83
N MET A 808 2.88 13.43 -16.49
CA MET A 808 4.16 13.50 -15.80
C MET A 808 4.04 12.84 -14.44
N PHE A 809 5.16 12.31 -13.97
CA PHE A 809 5.25 11.93 -12.56
C PHE A 809 5.97 13.06 -11.83
N VAL A 810 5.19 14.06 -11.47
CA VAL A 810 5.66 15.31 -10.90
C VAL A 810 4.70 15.68 -9.78
N ASP A 811 5.19 16.41 -8.78
CA ASP A 811 4.38 17.12 -7.81
C ASP A 811 4.01 18.51 -8.34
N GLU A 812 2.74 18.91 -8.16
CA GLU A 812 2.28 20.27 -8.43
C GLU A 812 3.23 21.35 -7.93
N SER A 813 3.78 21.09 -6.76
CA SER A 813 4.36 22.13 -5.93
C SER A 813 5.76 22.53 -6.41
N ASP A 814 6.59 21.57 -6.85
CA ASP A 814 7.96 21.92 -7.26
C ASP A 814 7.91 22.58 -8.63
N HIS A 815 8.04 23.90 -8.63
CA HIS A 815 7.82 24.70 -9.81
C HIS A 815 8.94 24.50 -10.83
N GLU A 816 9.99 23.79 -10.43
CA GLU A 816 11.18 23.64 -11.26
C GLU A 816 10.99 22.57 -12.33
N THR A 817 10.41 21.44 -11.96
CA THR A 817 10.18 20.40 -12.92
C THR A 817 8.97 20.74 -13.79
N LEU A 818 7.91 21.21 -13.17
CA LEU A 818 6.74 21.58 -13.95
C LEU A 818 7.10 22.61 -15.03
N THR A 819 7.89 23.66 -14.71
CA THR A 819 8.26 24.59 -15.80
C THR A 819 9.22 23.97 -16.81
N ALA A 820 10.04 22.99 -16.40
CA ALA A 820 10.94 22.42 -17.38
C ALA A 820 10.20 21.55 -18.40
N ILE A 821 9.25 20.76 -17.94
CA ILE A 821 8.44 19.95 -18.85
C ILE A 821 7.40 20.78 -19.61
N LEU A 822 6.75 21.75 -18.97
CA LEU A 822 5.68 22.52 -19.60
C LEU A 822 6.17 23.74 -20.39
N GLY A 823 7.48 24.00 -20.43
CA GLY A 823 8.01 25.14 -21.13
C GLY A 823 7.75 25.08 -22.63
N PRO A 824 8.03 23.93 -23.24
CA PRO A 824 7.70 23.81 -24.66
C PRO A 824 6.23 24.05 -24.93
N VAL A 825 5.36 23.41 -24.15
CA VAL A 825 3.92 23.52 -24.35
C VAL A 825 3.45 24.98 -24.39
N VAL A 826 3.80 25.76 -23.35
CA VAL A 826 3.41 27.17 -23.37
C VAL A 826 4.05 27.91 -24.53
N ALA A 827 5.27 27.55 -24.92
CA ALA A 827 5.86 28.20 -26.09
C ALA A 827 5.02 27.96 -27.35
N GLU A 828 4.51 26.75 -27.50
CA GLU A 828 3.69 26.43 -28.66
C GLU A 828 2.35 27.13 -28.60
N ARG A 829 1.69 27.07 -27.45
CA ARG A 829 0.47 27.86 -27.30
C ARG A 829 0.70 29.30 -27.66
N LYS A 830 1.75 29.91 -27.13
CA LYS A 830 2.05 31.29 -27.48
C LYS A 830 2.34 31.42 -28.97
N ALA A 831 2.84 30.37 -29.62
CA ALA A 831 3.13 30.41 -31.05
C ALA A 831 1.91 30.26 -31.94
N MET A 832 0.84 29.66 -31.44
CA MET A 832 -0.35 29.35 -32.23
C MET A 832 -1.40 30.46 -32.22
N MET A 833 -1.31 31.44 -31.33
CA MET A 833 -2.33 32.48 -31.28
C MET A 833 -2.29 33.44 -32.46
N GLU A 834 -1.20 33.47 -33.23
CA GLU A 834 -1.10 34.37 -34.36
C GLU A 834 -1.47 33.72 -35.68
N SER A 835 -1.04 32.48 -35.90
CA SER A 835 -1.18 31.88 -37.21
C SER A 835 -2.60 31.38 -37.41
N ARG A 836 -2.89 30.99 -38.63
CA ARG A 836 -4.08 30.22 -38.94
C ARG A 836 -3.67 28.81 -39.35
N LEU A 837 -4.45 27.83 -38.90
CA LEU A 837 -4.28 26.42 -39.25
C LEU A 837 -4.94 26.15 -40.59
N ILE A 838 -4.41 25.17 -41.32
CA ILE A 838 -4.94 24.77 -42.61
C ILE A 838 -5.06 23.25 -42.67
N ILE A 839 -6.30 22.78 -42.82
CA ILE A 839 -6.70 21.39 -42.65
C ILE A 839 -7.54 20.98 -43.85
N SER A 840 -7.36 19.74 -44.32
CA SER A 840 -8.25 19.21 -45.35
C SER A 840 -9.44 18.58 -44.62
N VAL A 841 -10.53 19.33 -44.58
CA VAL A 841 -11.77 18.92 -43.91
C VAL A 841 -12.95 19.01 -44.88
N GLY A 842 -13.57 17.86 -45.12
CA GLY A 842 -14.60 17.74 -46.13
C GLY A 842 -14.10 18.00 -47.52
N GLY A 843 -12.98 17.39 -47.89
CA GLY A 843 -12.51 17.56 -49.24
C GLY A 843 -11.79 18.88 -49.46
N LEU A 844 -12.10 19.92 -48.66
CA LEU A 844 -11.50 21.22 -48.94
C LEU A 844 -10.47 21.64 -47.91
N LEU A 845 -9.47 22.38 -48.37
CA LEU A 845 -8.55 22.99 -47.43
C LEU A 845 -9.26 24.19 -46.81
N ARG A 846 -9.27 24.25 -45.48
CA ARG A 846 -9.92 25.36 -44.78
C ARG A 846 -9.04 25.87 -43.64
N SER A 847 -9.33 27.12 -43.26
CA SER A 847 -8.50 27.92 -42.37
C SER A 847 -9.16 28.07 -41.01
N PHE A 848 -8.44 27.72 -39.95
CA PHE A 848 -8.95 27.85 -38.59
C PHE A 848 -8.11 28.85 -37.81
N ARG A 849 -8.76 29.58 -36.89
CA ARG A 849 -8.11 30.43 -35.91
C ARG A 849 -8.42 29.89 -34.51
N PHE A 850 -7.58 30.22 -33.50
CA PHE A 850 -7.82 29.73 -32.15
C PHE A 850 -7.81 30.82 -31.06
N PHE A 851 -8.75 30.68 -30.11
CA PHE A 851 -8.86 31.45 -28.86
C PHE A 851 -8.76 30.47 -27.69
N PHE A 852 -7.78 30.65 -26.83
CA PHE A 852 -7.61 29.79 -25.67
C PHE A 852 -8.10 30.44 -24.38
N ARG A 853 -8.80 29.65 -23.57
CA ARG A 853 -9.40 30.09 -22.31
C ARG A 853 -8.90 29.08 -21.28
N GLY A 854 -7.90 29.46 -20.50
CA GLY A 854 -7.35 28.60 -19.50
C GLY A 854 -8.15 28.69 -18.22
N THR A 855 -9.02 27.70 -18.00
CA THR A 855 -9.95 27.72 -16.87
C THR A 855 -10.01 26.48 -15.99
N GLY A 856 -9.44 25.35 -16.40
CA GLY A 856 -9.51 24.18 -15.54
C GLY A 856 -8.42 24.11 -14.48
N TYR A 857 -8.11 25.21 -13.84
CA TYR A 857 -7.12 25.24 -12.77
C TYR A 857 -7.85 25.50 -11.46
N ASP A 858 -7.67 24.62 -10.48
CA ASP A 858 -8.03 24.99 -9.12
C ASP A 858 -7.20 26.19 -8.68
N GLU A 859 -7.58 26.74 -7.53
CA GLU A 859 -7.05 28.05 -7.17
C GLU A 859 -5.59 27.98 -6.75
N LYS A 860 -5.21 26.96 -5.97
CA LYS A 860 -3.80 26.78 -5.64
C LYS A 860 -2.95 26.91 -6.90
N MET A 861 -3.37 26.21 -7.96
CA MET A 861 -2.59 26.23 -9.17
C MET A 861 -2.60 27.61 -9.82
N VAL A 862 -3.75 28.30 -9.86
CA VAL A 862 -3.80 29.62 -10.49
C VAL A 862 -2.86 30.58 -9.77
N ARG A 863 -2.82 30.53 -8.45
CA ARG A 863 -1.91 31.42 -7.75
C ARG A 863 -0.45 31.06 -8.05
N GLU A 864 -0.12 29.77 -7.95
CA GLU A 864 1.23 29.31 -8.28
C GLU A 864 1.66 29.72 -9.69
N MET A 865 0.74 29.68 -10.65
CA MET A 865 1.00 29.91 -12.05
C MET A 865 0.81 31.36 -12.49
N GLU A 866 0.36 32.24 -11.59
CA GLU A 866 0.26 33.66 -11.87
C GLU A 866 1.15 34.51 -10.96
N GLY A 867 2.06 33.89 -10.23
CA GLY A 867 3.01 34.63 -9.41
C GLY A 867 2.47 35.17 -8.10
N LEU A 868 1.30 34.71 -7.69
CA LEU A 868 0.68 35.06 -6.41
C LEU A 868 1.06 34.07 -5.31
N GLU A 869 0.81 34.48 -4.08
CA GLU A 869 1.28 33.76 -2.91
C GLU A 869 0.12 32.96 -2.33
N ALA A 870 0.40 31.78 -1.82
CA ALA A 870 -0.63 30.77 -1.77
C ALA A 870 -0.80 30.32 -0.32
N SER A 871 -2.04 30.25 0.14
CA SER A 871 -3.21 30.74 -0.60
C SER A 871 -4.12 31.54 0.33
N GLY A 872 -3.88 31.36 1.62
CA GLY A 872 -4.44 32.13 2.71
C GLY A 872 -3.61 33.39 2.86
N SER A 873 -3.40 34.12 1.77
CA SER A 873 -2.54 35.30 1.78
C SER A 873 -3.28 36.52 2.33
N THR A 874 -2.64 37.69 2.23
CA THR A 874 -3.35 38.94 2.42
C THR A 874 -4.02 39.39 1.15
N TYR A 875 -3.65 38.81 0.02
CA TYR A 875 -4.28 39.11 -1.25
C TYR A 875 -5.08 37.87 -1.62
N ILE A 876 -6.40 38.00 -1.56
CA ILE A 876 -7.27 36.84 -1.59
C ILE A 876 -7.78 36.59 -3.00
N CYS A 877 -8.20 37.63 -3.69
CA CYS A 877 -8.87 37.46 -4.96
C CYS A 877 -7.83 37.21 -6.03
N THR A 878 -8.19 36.40 -7.00
CA THR A 878 -7.38 36.33 -8.20
C THR A 878 -7.75 37.46 -9.16
N LEU A 879 -8.99 37.98 -9.06
CA LEU A 879 -9.54 38.99 -9.98
C LEU A 879 -9.53 40.42 -9.49
N CYS A 880 -9.24 40.68 -8.21
CA CYS A 880 -9.37 42.01 -7.63
C CYS A 880 -8.12 42.29 -6.82
N ASP A 881 -8.07 43.50 -6.29
CA ASP A 881 -6.97 43.96 -5.47
C ASP A 881 -7.33 44.11 -4.00
N SER A 882 -8.46 43.57 -3.56
CA SER A 882 -8.92 43.84 -2.20
C SER A 882 -8.23 42.92 -1.22
N THR A 883 -7.92 43.45 -0.05
CA THR A 883 -7.26 42.69 0.99
C THR A 883 -8.31 41.85 1.73
N ARG A 884 -7.84 40.94 2.57
CA ARG A 884 -8.77 40.01 3.19
C ARG A 884 -9.71 40.75 4.13
N ALA A 885 -9.16 41.60 4.99
CA ALA A 885 -10.00 42.35 5.92
C ALA A 885 -10.91 43.31 5.17
N GLU A 886 -10.40 43.92 4.09
CA GLU A 886 -11.19 44.89 3.34
C GLU A 886 -12.31 44.21 2.55
N ALA A 887 -12.20 42.89 2.36
CA ALA A 887 -13.26 42.11 1.73
C ALA A 887 -14.15 41.44 2.77
N SER A 888 -14.13 41.92 4.02
CA SER A 888 -15.25 41.70 4.93
C SER A 888 -16.16 42.91 5.04
N GLN A 889 -15.58 44.12 5.01
CA GLN A 889 -16.41 45.32 5.07
C GLN A 889 -17.24 45.47 3.79
N ASN A 890 -16.58 45.48 2.64
CA ASN A 890 -17.25 45.53 1.34
C ASN A 890 -17.20 44.14 0.72
N MET A 891 -18.33 43.45 0.76
CA MET A 891 -18.42 42.07 0.30
C MET A 891 -18.83 41.95 -1.17
N VAL A 892 -19.30 43.03 -1.80
CA VAL A 892 -20.02 42.93 -3.07
C VAL A 892 -19.59 43.94 -4.13
N LEU A 893 -18.61 44.80 -3.87
CA LEU A 893 -18.32 45.90 -4.81
C LEU A 893 -16.85 45.85 -5.20
N HIS A 894 -16.55 45.15 -6.29
CA HIS A 894 -15.18 44.95 -6.74
C HIS A 894 -15.19 44.76 -8.25
N SER A 895 -14.33 45.48 -8.96
CA SER A 895 -14.25 45.32 -10.40
C SER A 895 -13.05 44.45 -10.76
N ILE A 896 -13.11 43.80 -11.93
CA ILE A 896 -12.03 42.93 -12.36
C ILE A 896 -10.93 43.77 -12.97
N THR A 897 -9.73 43.59 -12.49
CA THR A 897 -8.58 44.41 -12.82
C THR A 897 -7.41 43.58 -13.31
N ARG A 898 -7.16 42.44 -12.68
CA ARG A 898 -5.98 41.66 -12.98
C ARG A 898 -6.04 41.01 -14.37
N SER A 899 -4.88 40.96 -15.00
CA SER A 899 -4.65 40.36 -16.30
C SER A 899 -3.24 39.81 -16.30
N HIS A 900 -2.98 38.88 -17.22
CA HIS A 900 -1.67 38.25 -17.30
C HIS A 900 -0.57 39.29 -17.54
N ASP A 901 -0.83 40.24 -18.46
CA ASP A 901 0.17 41.21 -18.86
C ASP A 901 0.43 42.25 -17.78
N GLU A 902 -0.57 42.52 -16.94
CA GLU A 902 -0.35 43.42 -15.82
C GLU A 902 0.44 42.73 -14.73
N ASN A 903 0.21 41.44 -14.53
CA ASN A 903 1.10 40.67 -13.68
C ASN A 903 2.52 40.78 -14.18
N LEU A 904 2.74 40.67 -15.50
CA LEU A 904 4.09 40.83 -16.03
C LEU A 904 4.70 42.19 -15.67
N GLU A 905 3.93 43.26 -15.83
CA GLU A 905 4.54 44.57 -15.56
C GLU A 905 4.59 44.92 -14.10
N ARG A 906 3.81 44.23 -13.27
CA ARG A 906 3.94 44.47 -11.86
C ARG A 906 5.13 43.67 -11.33
N TYR A 907 5.36 42.46 -11.85
CA TYR A 907 6.58 41.75 -11.49
C TYR A 907 7.78 42.59 -11.87
N GLU A 908 7.72 43.29 -13.00
CA GLU A 908 8.80 44.22 -13.33
C GLU A 908 8.97 45.30 -12.26
N ILE A 909 7.85 45.84 -11.76
CA ILE A 909 7.92 46.75 -10.62
C ILE A 909 8.64 46.07 -9.45
N TRP A 910 8.31 44.81 -9.20
CA TRP A 910 8.86 44.11 -8.04
C TRP A 910 10.36 43.92 -8.17
N ARG A 911 10.83 43.57 -9.35
CA ARG A 911 12.24 43.19 -9.44
C ARG A 911 13.13 44.43 -9.51
N LYS A 912 12.81 45.40 -10.37
CA LYS A 912 13.66 46.58 -10.45
C LYS A 912 13.50 47.52 -9.24
N ASN A 913 12.33 47.52 -8.57
CA ASN A 913 12.02 48.44 -7.47
C ASN A 913 12.38 49.89 -7.80
N PRO A 914 11.65 50.54 -8.72
CA PRO A 914 12.13 51.80 -9.28
C PRO A 914 11.90 52.99 -8.37
N PHE A 915 11.16 52.82 -7.28
CA PHE A 915 10.90 53.89 -6.34
C PHE A 915 11.55 53.64 -4.99
N SER A 916 12.33 52.57 -4.85
CA SER A 916 13.14 52.32 -3.65
C SER A 916 12.32 52.39 -2.36
N GLU A 917 11.34 51.49 -2.25
CA GLU A 917 10.53 51.34 -1.03
C GLU A 917 10.82 50.00 -0.33
N SER A 918 10.27 49.85 0.88
CA SER A 918 10.60 48.70 1.70
C SER A 918 9.91 47.44 1.18
N ALA A 919 10.13 46.32 1.88
CA ALA A 919 9.50 45.05 1.52
C ALA A 919 7.99 45.14 1.50
N ASP A 920 7.40 45.72 2.54
CA ASP A 920 5.96 45.66 2.68
C ASP A 920 5.30 46.74 1.84
N GLU A 921 5.88 47.94 1.84
CA GLU A 921 5.43 49.00 0.95
C GLU A 921 5.51 48.58 -0.51
N LEU A 922 6.52 47.79 -0.87
CA LEU A 922 6.62 47.32 -2.26
C LEU A 922 5.57 46.26 -2.57
N ARG A 923 5.49 45.23 -1.72
CA ARG A 923 4.44 44.23 -1.86
C ARG A 923 3.08 44.90 -2.03
N ASP A 924 2.81 45.97 -1.28
CA ASP A 924 1.51 46.62 -1.36
C ASP A 924 1.42 47.48 -2.64
N ARG A 925 2.51 48.11 -3.06
CA ARG A 925 2.55 48.82 -4.32
C ARG A 925 2.15 47.90 -5.47
N VAL A 926 2.52 46.60 -5.38
CA VAL A 926 2.39 45.65 -6.48
C VAL A 926 1.28 44.65 -6.24
N LYS A 927 0.53 44.79 -5.13
CA LYS A 927 -0.68 44.00 -4.85
C LYS A 927 -0.47 42.48 -4.92
N GLY A 928 0.70 42.03 -4.48
CA GLY A 928 0.95 40.61 -4.29
C GLY A 928 1.53 39.87 -5.47
N VAL A 929 2.18 40.56 -6.38
CA VAL A 929 2.82 39.93 -7.52
C VAL A 929 4.31 39.90 -7.18
N SER A 930 4.79 38.79 -6.63
CA SER A 930 6.19 38.70 -6.27
C SER A 930 6.92 37.66 -7.07
N ALA A 931 6.24 37.02 -8.00
CA ALA A 931 6.83 35.96 -8.79
C ALA A 931 6.55 36.32 -10.24
N LYS A 932 7.33 35.78 -11.19
CA LYS A 932 7.12 36.23 -12.55
C LYS A 932 6.12 35.30 -13.20
N PRO A 933 5.01 35.80 -13.72
CA PRO A 933 4.01 34.90 -14.28
C PRO A 933 4.56 34.15 -15.48
N PHE A 934 4.14 32.90 -15.63
CA PHE A 934 4.75 32.03 -16.61
C PHE A 934 3.70 31.45 -17.55
N MET A 935 2.40 31.60 -17.25
CA MET A 935 1.34 31.04 -18.08
C MET A 935 0.07 31.87 -18.06
N GLU A 936 -0.38 32.25 -19.24
CA GLU A 936 -1.63 32.98 -19.31
C GLU A 936 -2.77 32.08 -18.85
N THR A 937 -3.61 32.62 -18.00
CA THR A 937 -4.73 31.88 -17.44
C THR A 937 -5.94 32.76 -17.54
N GLN A 938 -7.07 32.20 -17.89
CA GLN A 938 -8.22 33.06 -17.99
C GLN A 938 -8.59 33.48 -16.57
N PRO A 939 -8.83 34.72 -16.32
CA PRO A 939 -9.21 35.10 -14.97
C PRO A 939 -10.62 34.67 -14.62
N THR A 940 -10.81 33.41 -14.24
CA THR A 940 -12.12 32.98 -13.80
C THR A 940 -11.99 32.06 -12.60
N LEU A 941 -13.11 31.42 -12.27
CA LEU A 941 -13.35 30.60 -11.08
C LEU A 941 -13.69 29.19 -11.52
N ASP A 942 -13.70 28.27 -10.56
CA ASP A 942 -13.99 26.86 -10.78
C ASP A 942 -15.27 26.46 -10.05
N ALA A 943 -16.31 26.14 -10.82
CA ALA A 943 -17.63 25.90 -10.26
C ALA A 943 -17.59 24.77 -9.21
N LEU A 944 -16.90 23.68 -9.52
CA LEU A 944 -16.89 22.51 -8.64
C LEU A 944 -16.22 22.84 -7.32
N HIS A 945 -15.05 23.46 -7.37
CA HIS A 945 -14.29 23.75 -6.16
C HIS A 945 -14.97 24.86 -5.37
N CYS A 946 -15.73 25.71 -6.05
CA CYS A 946 -16.58 26.68 -5.36
C CYS A 946 -17.63 25.93 -4.54
N ASP A 947 -18.24 24.92 -5.14
CA ASP A 947 -19.17 24.05 -4.41
C ASP A 947 -18.53 23.45 -3.18
N ILE A 948 -17.34 22.87 -3.33
CA ILE A 948 -16.70 22.18 -2.20
C ILE A 948 -16.32 23.18 -1.12
N GLY A 949 -15.85 24.37 -1.49
CA GLY A 949 -15.55 25.37 -0.47
C GLY A 949 -16.78 25.79 0.29
N ASN A 950 -17.88 26.07 -0.42
CA ASN A 950 -19.09 26.51 0.27
C ASN A 950 -19.69 25.39 1.11
N ALA A 951 -19.59 24.15 0.65
CA ALA A 951 -20.08 23.05 1.48
C ALA A 951 -19.23 22.86 2.74
N THR A 952 -17.89 22.97 2.65
CA THR A 952 -17.09 22.79 3.86
C THR A 952 -17.27 23.97 4.80
N GLU A 953 -17.56 25.15 4.25
CA GLU A 953 -17.92 26.31 5.05
C GLU A 953 -19.23 26.12 5.82
N PHE A 954 -20.31 25.76 5.12
CA PHE A 954 -21.57 25.49 5.80
C PHE A 954 -21.48 24.34 6.80
N TYR A 955 -20.73 23.29 6.47
CA TYR A 955 -20.50 22.21 7.44
C TYR A 955 -19.87 22.74 8.72
N LYS A 956 -18.90 23.64 8.58
CA LYS A 956 -18.31 24.28 9.75
C LYS A 956 -19.30 25.19 10.48
N ILE A 957 -20.08 25.98 9.74
CA ILE A 957 -21.06 26.88 10.37
C ILE A 957 -22.07 26.08 11.20
N PHE A 958 -22.61 25.00 10.63
CA PHE A 958 -23.47 24.11 11.41
C PHE A 958 -22.74 23.59 12.64
N GLN A 959 -21.48 23.17 12.47
CA GLN A 959 -20.74 22.64 13.62
C GLN A 959 -20.64 23.67 14.73
N ASP A 960 -20.50 24.95 14.37
CA ASP A 960 -20.42 26.03 15.36
C ASP A 960 -21.77 26.60 15.76
N GLU A 961 -22.88 26.16 15.16
CA GLU A 961 -24.21 26.51 15.67
C GLU A 961 -24.84 25.44 16.55
N ILE A 962 -24.45 24.16 16.40
CA ILE A 962 -24.96 23.14 17.32
C ILE A 962 -24.43 23.39 18.71
N GLY A 963 -23.11 23.48 18.83
CA GLY A 963 -22.51 24.21 19.92
C GLY A 963 -22.70 25.70 19.78
N GLU A 964 -22.73 26.39 20.91
CA GLU A 964 -23.03 27.81 20.92
C GLU A 964 -21.73 28.60 21.03
N VAL A 965 -21.61 29.59 20.15
CA VAL A 965 -20.34 30.26 19.85
C VAL A 965 -20.56 31.77 19.94
N TYR A 966 -21.60 32.25 19.25
CA TYR A 966 -22.08 33.62 19.48
C TYR A 966 -22.52 33.86 20.92
N GLN A 967 -22.58 32.82 21.76
CA GLN A 967 -22.63 33.01 23.21
C GLN A 967 -21.27 32.78 23.83
N LYS A 968 -20.66 31.64 23.54
CA LYS A 968 -19.39 31.17 24.09
C LYS A 968 -18.29 31.56 23.09
N PRO A 969 -17.71 32.76 23.13
CA PRO A 969 -17.00 33.24 21.93
C PRO A 969 -15.70 32.49 21.65
N ASN A 970 -15.14 31.75 22.60
CA ASN A 970 -13.94 30.95 22.36
C ASN A 970 -14.16 29.54 22.89
N PRO A 971 -14.42 28.55 22.02
CA PRO A 971 -14.44 27.17 22.52
C PRO A 971 -13.16 26.41 22.26
N SER A 972 -13.06 25.23 22.87
CA SER A 972 -11.97 24.28 22.74
C SER A 972 -12.05 23.53 21.41
N ARG A 973 -11.02 22.73 21.12
CA ARG A 973 -11.11 21.80 19.99
C ARG A 973 -11.96 20.59 20.34
N GLU A 974 -11.95 20.15 21.59
CA GLU A 974 -12.69 18.96 22.00
C GLU A 974 -14.19 19.23 22.10
N GLU A 975 -14.60 20.49 22.26
CA GLU A 975 -16.02 20.82 22.12
C GLU A 975 -16.39 20.80 20.65
N ARG A 976 -15.48 21.30 19.81
CA ARG A 976 -15.68 21.24 18.36
C ARG A 976 -15.84 19.78 17.91
N ARG A 977 -15.07 18.88 18.52
CA ARG A 977 -15.13 17.45 18.22
C ARG A 977 -16.45 16.83 18.68
N ARG A 978 -16.87 17.15 19.92
CA ARG A 978 -18.22 16.77 20.35
C ARG A 978 -19.26 17.21 19.33
N TRP A 979 -19.14 18.45 18.85
CA TRP A 979 -20.17 19.00 17.98
C TRP A 979 -20.13 18.32 16.61
N ARG A 980 -18.93 18.10 16.07
CA ARG A 980 -18.81 17.33 14.83
C ARG A 980 -19.47 15.95 14.95
N SER A 981 -19.15 15.21 16.04
CA SER A 981 -19.75 13.90 16.21
C SER A 981 -21.27 13.97 16.26
N THR A 982 -21.83 14.96 16.98
CA THR A 982 -23.29 15.04 17.08
C THR A 982 -23.91 15.46 15.76
N LEU A 983 -23.23 16.34 15.01
CA LEU A 983 -23.74 16.74 13.69
C LEU A 983 -23.76 15.54 12.75
N ASP A 984 -22.71 14.72 12.79
CA ASP A 984 -22.64 13.57 11.90
C ASP A 984 -23.66 12.52 12.29
N LYS A 985 -23.90 12.36 13.60
CA LYS A 985 -24.95 11.45 14.04
C LYS A 985 -26.31 11.93 13.57
N GLN A 986 -26.58 13.23 13.73
CA GLN A 986 -27.85 13.80 13.29
C GLN A 986 -28.04 13.59 11.79
N LEU A 987 -27.04 13.96 11.00
CA LEU A 987 -27.14 13.77 9.55
C LEU A 987 -27.18 12.30 9.14
N ARG A 988 -26.73 11.39 10.01
CA ARG A 988 -26.94 9.96 9.77
C ARG A 988 -28.34 9.47 10.12
N LYS A 989 -29.00 10.05 11.14
CA LYS A 989 -30.31 9.56 11.55
C LYS A 989 -31.36 9.92 10.52
N LYS A 990 -31.60 11.20 10.30
CA LYS A 990 -32.29 11.58 9.08
C LYS A 990 -31.19 11.80 8.04
N MET A 991 -31.59 11.85 6.77
CA MET A 991 -30.72 12.09 5.62
C MET A 991 -29.72 10.95 5.35
N LYS A 992 -29.68 9.90 6.19
CA LYS A 992 -28.83 8.71 6.01
C LYS A 992 -27.50 8.91 5.28
N LEU A 993 -26.73 9.93 5.65
CA LEU A 993 -25.38 10.11 5.12
C LEU A 993 -24.35 9.48 6.04
N LYS A 994 -23.26 8.90 5.44
CA LYS A 994 -22.08 8.66 6.27
C LYS A 994 -21.14 9.85 6.33
N PRO A 995 -20.27 9.89 7.34
CA PRO A 995 -19.23 10.92 7.41
C PRO A 995 -18.08 10.67 6.46
N VAL A 996 -17.46 11.74 5.97
CA VAL A 996 -16.40 11.62 4.99
C VAL A 996 -15.11 12.20 5.56
N MET A 997 -13.99 11.55 5.22
CA MET A 997 -12.68 12.13 5.47
C MET A 997 -12.64 13.54 4.87
N ARG A 998 -12.83 13.60 3.56
CA ARG A 998 -12.81 14.78 2.73
C ARG A 998 -14.06 14.95 1.90
N MET A 999 -14.35 16.21 1.63
CA MET A 999 -15.51 16.59 0.87
C MET A 999 -15.30 16.20 -0.59
N ASN A 1000 -16.23 15.43 -1.14
CA ASN A 1000 -16.23 15.06 -2.55
C ASN A 1000 -17.50 15.64 -3.17
N GLY A 1001 -17.65 15.48 -4.48
CA GLY A 1001 -18.72 16.19 -5.18
C GLY A 1001 -20.10 15.74 -4.76
N ASN A 1002 -20.28 14.43 -4.60
CA ASN A 1002 -21.59 13.89 -4.24
C ASN A 1002 -22.02 14.39 -2.86
N TYR A 1003 -21.13 14.32 -1.87
CA TYR A 1003 -21.46 14.81 -0.53
C TYR A 1003 -21.83 16.29 -0.55
N ALA A 1004 -20.99 17.12 -1.17
CA ALA A 1004 -21.30 18.54 -1.28
C ALA A 1004 -22.64 18.80 -1.96
N ARG A 1005 -22.97 18.02 -2.98
CA ARG A 1005 -24.25 18.21 -3.64
C ARG A 1005 -25.41 17.87 -2.68
N ARG A 1006 -25.28 16.76 -1.95
CA ARG A 1006 -26.33 16.30 -1.04
C ARG A 1006 -26.43 17.19 0.19
N LEU A 1007 -25.37 17.92 0.52
CA LEU A 1007 -25.27 18.66 1.77
C LEU A 1007 -25.97 20.00 1.63
N MET A 1008 -25.99 20.54 0.42
CA MET A 1008 -26.62 21.83 0.17
C MET A 1008 -28.03 21.59 -0.35
N THR A 1009 -28.79 20.91 0.52
CA THR A 1009 -30.21 20.67 0.35
C THR A 1009 -30.97 21.37 1.47
N ARG A 1010 -32.23 21.70 1.20
CA ARG A 1010 -33.07 22.29 2.24
C ARG A 1010 -33.23 21.37 3.43
N GLU A 1011 -33.44 20.07 3.17
CA GLU A 1011 -33.79 19.13 4.24
C GLU A 1011 -32.61 18.65 5.08
N ALA A 1012 -31.38 18.98 4.71
CA ALA A 1012 -30.31 18.64 5.64
C ALA A 1012 -30.12 19.76 6.64
N VAL A 1013 -30.19 20.99 6.16
CA VAL A 1013 -30.34 22.15 7.03
C VAL A 1013 -31.52 21.95 7.97
N GLU A 1014 -32.68 21.58 7.41
CA GLU A 1014 -33.87 21.37 8.24
C GLU A 1014 -33.67 20.29 9.30
N ALA A 1015 -32.88 19.25 9.00
CA ALA A 1015 -32.61 18.24 10.02
C ALA A 1015 -31.54 18.67 11.02
N VAL A 1016 -30.70 19.64 10.65
CA VAL A 1016 -29.72 20.25 11.55
C VAL A 1016 -30.35 21.28 12.48
N CYS A 1017 -31.29 22.07 11.97
CA CYS A 1017 -31.92 23.13 12.75
C CYS A 1017 -32.66 22.58 13.96
N GLU A 1018 -33.05 21.31 13.93
CA GLU A 1018 -33.64 20.63 15.08
C GLU A 1018 -32.67 20.53 16.27
N LEU A 1019 -31.39 20.87 16.09
CA LEU A 1019 -30.41 20.86 17.17
C LEU A 1019 -29.99 22.26 17.62
N VAL A 1020 -30.12 23.29 16.79
CA VAL A 1020 -29.84 24.64 17.25
C VAL A 1020 -31.09 25.15 17.97
N PRO A 1021 -30.97 25.69 19.18
CA PRO A 1021 -32.18 25.95 19.98
C PRO A 1021 -32.95 27.22 19.64
N SER A 1022 -32.27 28.34 19.43
CA SER A 1022 -32.99 29.59 19.25
C SER A 1022 -33.57 29.66 17.84
N GLU A 1023 -34.88 29.85 17.74
CA GLU A 1023 -35.51 29.89 16.43
C GLU A 1023 -35.29 31.22 15.74
N GLU A 1024 -34.37 32.02 16.28
CA GLU A 1024 -33.89 33.12 15.47
C GLU A 1024 -32.65 32.70 14.72
N ARG A 1025 -31.63 32.13 15.38
CA ARG A 1025 -30.55 31.51 14.60
C ARG A 1025 -31.12 30.54 13.55
N ARG A 1026 -32.15 29.77 13.95
CA ARG A 1026 -32.80 28.81 13.08
C ARG A 1026 -33.35 29.47 11.83
N GLU A 1027 -34.29 30.42 12.00
CA GLU A 1027 -34.91 31.00 10.81
C GLU A 1027 -33.89 31.83 10.03
N ALA A 1028 -32.87 32.36 10.72
CA ALA A 1028 -31.75 33.03 10.08
C ALA A 1028 -31.07 32.12 9.08
N LEU A 1029 -30.61 30.96 9.53
CA LEU A 1029 -29.79 30.14 8.65
C LEU A 1029 -30.65 29.37 7.68
N LEU A 1030 -31.95 29.27 7.94
CA LEU A 1030 -32.87 28.80 6.90
C LEU A 1030 -32.97 29.84 5.79
N LYS A 1031 -33.10 31.13 6.16
CA LYS A 1031 -33.09 32.21 5.16
C LYS A 1031 -31.77 32.20 4.40
N LEU A 1032 -30.67 31.94 5.11
CA LEU A 1032 -29.36 31.85 4.49
C LEU A 1032 -29.30 30.76 3.44
N MET A 1033 -29.60 29.53 3.85
CA MET A 1033 -29.53 28.40 2.92
C MET A 1033 -30.44 28.60 1.72
N ASP A 1034 -31.65 29.13 1.93
CA ASP A 1034 -32.55 29.29 0.79
C ASP A 1034 -32.09 30.42 -0.12
N LEU A 1035 -31.48 31.47 0.43
CA LEU A 1035 -30.80 32.44 -0.42
C LEU A 1035 -29.75 31.74 -1.28
N TYR A 1036 -28.95 30.89 -0.63
CA TYR A 1036 -27.88 30.20 -1.32
C TYR A 1036 -28.45 29.36 -2.45
N LEU A 1037 -29.51 28.62 -2.17
CA LEU A 1037 -30.15 27.85 -3.21
C LEU A 1037 -30.77 28.72 -4.31
N GLN A 1038 -31.23 29.93 -3.97
CA GLN A 1038 -31.74 30.87 -4.97
C GLN A 1038 -30.66 31.43 -5.88
N MET A 1039 -29.38 31.21 -5.57
CA MET A 1039 -28.32 31.80 -6.39
C MET A 1039 -27.23 30.81 -6.80
N LYS A 1040 -27.22 29.60 -6.24
CA LYS A 1040 -26.35 28.53 -6.71
C LYS A 1040 -26.51 28.20 -8.19
N PRO A 1041 -27.72 28.07 -8.73
CA PRO A 1041 -27.82 27.72 -10.15
C PRO A 1041 -27.24 28.73 -11.14
N VAL A 1042 -26.96 29.98 -10.75
CA VAL A 1042 -26.41 30.90 -11.74
C VAL A 1042 -24.95 30.61 -12.06
N TRP A 1043 -24.21 30.11 -11.09
CA TRP A 1043 -22.81 29.70 -11.20
C TRP A 1043 -22.58 28.20 -11.38
N ARG A 1044 -23.60 27.37 -11.23
CA ARG A 1044 -23.49 25.93 -11.46
C ARG A 1044 -23.98 25.55 -12.84
N SER A 1045 -24.62 26.48 -13.53
CA SER A 1045 -25.26 26.17 -14.79
C SER A 1045 -24.26 26.10 -15.93
N THR A 1046 -24.56 25.22 -16.89
CA THR A 1046 -23.71 25.09 -18.06
C THR A 1046 -23.84 26.30 -18.97
N CYS A 1047 -25.06 26.87 -19.08
CA CYS A 1047 -25.31 28.19 -19.63
C CYS A 1047 -26.40 28.87 -18.80
N PRO A 1048 -26.07 29.88 -18.00
CA PRO A 1048 -27.09 30.50 -17.14
C PRO A 1048 -28.05 31.44 -17.86
N SER A 1049 -27.55 32.16 -18.87
CA SER A 1049 -28.39 33.16 -19.54
C SER A 1049 -29.60 32.55 -20.24
N ARG A 1050 -29.52 31.29 -20.67
CA ARG A 1050 -30.67 30.65 -21.28
C ARG A 1050 -31.44 29.73 -20.32
N ASP A 1051 -30.74 29.06 -19.39
CA ASP A 1051 -31.36 28.02 -18.57
C ASP A 1051 -31.93 28.57 -17.26
N CYS A 1052 -31.38 29.67 -16.71
CA CYS A 1052 -31.95 30.18 -15.46
C CYS A 1052 -31.86 31.70 -15.43
N PRO A 1053 -32.50 32.38 -16.39
CA PRO A 1053 -32.12 33.77 -16.70
C PRO A 1053 -32.49 34.74 -15.61
N ASP A 1054 -33.58 34.47 -14.89
CA ASP A 1054 -34.06 35.40 -13.87
C ASP A 1054 -33.19 35.36 -12.64
N GLN A 1055 -32.59 34.22 -12.33
CA GLN A 1055 -31.61 34.20 -11.27
C GLN A 1055 -30.36 34.97 -11.68
N LEU A 1056 -30.00 34.92 -12.97
CA LEU A 1056 -28.91 35.73 -13.48
C LEU A 1056 -29.23 37.22 -13.32
N CYS A 1057 -30.48 37.60 -13.57
CA CYS A 1057 -30.84 39.01 -13.37
C CYS A 1057 -30.91 39.35 -11.89
N GLN A 1058 -31.42 38.43 -11.06
CA GLN A 1058 -31.62 38.69 -9.63
C GLN A 1058 -30.36 38.41 -8.80
N TYR A 1059 -29.21 38.22 -9.44
CA TYR A 1059 -28.06 37.66 -8.71
C TYR A 1059 -27.48 38.73 -7.81
N SER A 1060 -27.32 39.95 -8.34
CA SER A 1060 -26.77 41.04 -7.55
C SER A 1060 -27.58 41.23 -6.28
N TYR A 1061 -28.91 41.33 -6.41
CA TYR A 1061 -29.80 41.55 -5.26
C TYR A 1061 -29.73 40.39 -4.26
N ASN A 1062 -29.77 39.15 -4.76
CA ASN A 1062 -29.73 37.97 -3.90
C ASN A 1062 -28.43 37.94 -3.10
N SER A 1063 -27.30 38.15 -3.78
CA SER A 1063 -26.01 38.15 -3.10
C SER A 1063 -25.87 39.33 -2.16
N GLN A 1064 -26.43 40.47 -2.53
CA GLN A 1064 -26.49 41.63 -1.65
C GLN A 1064 -27.08 41.23 -0.29
N GLN A 1065 -28.28 40.63 -0.33
CA GLN A 1065 -28.91 40.28 0.95
C GLN A 1065 -28.14 39.18 1.67
N PHE A 1066 -27.52 38.25 0.92
CA PHE A 1066 -26.68 37.23 1.56
C PHE A 1066 -25.52 37.85 2.33
N ALA A 1067 -24.77 38.74 1.66
CA ALA A 1067 -23.70 39.47 2.34
C ALA A 1067 -24.20 40.20 3.58
N ASP A 1068 -25.32 40.92 3.45
CA ASP A 1068 -25.77 41.77 4.56
C ASP A 1068 -26.28 40.94 5.75
N LEU A 1069 -26.90 39.78 5.49
CA LEU A 1069 -27.28 38.88 6.58
C LEU A 1069 -26.07 38.25 7.26
N LEU A 1070 -24.98 38.04 6.51
CA LEU A 1070 -23.75 37.59 7.18
C LEU A 1070 -23.21 38.71 8.05
N SER A 1071 -23.14 39.93 7.50
CA SER A 1071 -22.73 41.11 8.26
C SER A 1071 -23.50 41.20 9.57
N SER A 1072 -24.82 41.02 9.51
CA SER A 1072 -25.66 41.19 10.69
C SER A 1072 -25.52 40.01 11.64
N MET A 1073 -25.93 38.82 11.23
CA MET A 1073 -26.20 37.75 12.17
C MET A 1073 -25.04 36.79 12.35
N PHE A 1074 -23.88 37.06 11.72
CA PHE A 1074 -22.68 36.25 11.95
C PHE A 1074 -21.41 37.07 12.23
N LYS A 1075 -21.53 38.35 12.63
CA LYS A 1075 -20.33 39.19 12.80
C LYS A 1075 -19.25 38.52 13.65
N TYR A 1076 -19.67 37.62 14.57
CA TYR A 1076 -18.75 36.88 15.43
C TYR A 1076 -17.79 35.97 14.68
N ARG A 1077 -18.08 35.66 13.43
CA ARG A 1077 -17.25 34.81 12.60
C ARG A 1077 -16.47 35.53 11.51
N TYR A 1078 -17.06 36.53 10.86
CA TYR A 1078 -16.51 37.15 9.66
C TYR A 1078 -16.11 38.60 9.91
N ASP A 1079 -15.38 38.83 11.00
CA ASP A 1079 -14.93 40.17 11.31
C ASP A 1079 -13.79 40.60 10.38
N GLY A 1080 -12.75 39.77 10.24
CA GLY A 1080 -11.72 40.09 9.28
C GLY A 1080 -11.32 38.99 8.33
N LYS A 1081 -12.02 37.85 8.37
CA LYS A 1081 -11.55 36.65 7.71
C LYS A 1081 -12.72 36.16 6.87
N ILE A 1082 -12.46 35.80 5.61
CA ILE A 1082 -13.47 35.32 4.68
C ILE A 1082 -12.76 34.28 3.82
N THR A 1083 -13.50 33.30 3.34
CA THR A 1083 -12.89 32.36 2.42
C THR A 1083 -12.95 32.87 0.99
N ASN A 1084 -11.98 32.42 0.19
CA ASN A 1084 -11.75 33.00 -1.13
C ASN A 1084 -12.97 32.80 -2.02
N TYR A 1085 -13.53 31.60 -2.00
CA TYR A 1085 -14.66 31.29 -2.87
C TYR A 1085 -15.86 32.13 -2.48
N LEU A 1086 -16.10 32.28 -1.18
CA LEU A 1086 -17.16 33.16 -0.74
C LEU A 1086 -16.96 34.56 -1.30
N HIS A 1087 -15.72 35.06 -1.30
CA HIS A 1087 -15.45 36.36 -1.90
C HIS A 1087 -15.79 36.37 -3.38
N LYS A 1088 -15.29 35.38 -4.11
CA LYS A 1088 -15.56 35.33 -5.54
C LYS A 1088 -17.05 35.29 -5.84
N THR A 1089 -17.76 34.32 -5.25
CA THR A 1089 -19.21 34.16 -5.36
C THR A 1089 -20.00 35.38 -4.94
N LEU A 1090 -19.49 36.21 -4.03
CA LEU A 1090 -20.26 37.38 -3.62
C LEU A 1090 -19.92 38.67 -4.34
N ALA A 1091 -18.70 38.82 -4.88
CA ALA A 1091 -18.30 40.09 -5.45
C ALA A 1091 -18.15 40.04 -6.97
N HIS A 1092 -17.95 38.85 -7.56
CA HIS A 1092 -17.46 38.75 -8.92
C HIS A 1092 -18.37 38.02 -9.92
N VAL A 1093 -19.36 37.23 -9.45
CA VAL A 1093 -20.14 36.39 -10.38
C VAL A 1093 -20.87 37.15 -11.46
N PRO A 1094 -21.66 38.19 -11.19
CA PRO A 1094 -22.32 38.91 -12.30
C PRO A 1094 -21.40 39.38 -13.41
N GLU A 1095 -20.26 39.98 -13.07
CA GLU A 1095 -19.36 40.49 -14.10
C GLU A 1095 -18.67 39.38 -14.91
N ILE A 1096 -18.28 38.27 -14.26
CA ILE A 1096 -17.71 37.16 -15.01
C ILE A 1096 -18.73 36.60 -15.98
N VAL A 1097 -19.93 36.26 -15.50
CA VAL A 1097 -20.89 35.62 -16.39
C VAL A 1097 -21.42 36.56 -17.46
N GLU A 1098 -21.32 37.87 -17.25
CA GLU A 1098 -21.61 38.77 -18.36
C GLU A 1098 -20.50 38.77 -19.40
N ARG A 1099 -19.23 38.70 -18.99
CA ARG A 1099 -18.16 38.80 -19.98
C ARG A 1099 -17.92 37.51 -20.77
N ASP A 1100 -17.98 36.34 -20.13
CA ASP A 1100 -17.61 35.09 -20.77
C ASP A 1100 -18.81 34.22 -21.18
N GLY A 1101 -20.01 34.77 -21.09
CA GLY A 1101 -21.22 34.02 -21.39
C GLY A 1101 -21.70 32.97 -20.40
N SER A 1102 -20.81 32.15 -19.85
CA SER A 1102 -21.28 31.13 -18.93
C SER A 1102 -20.22 30.87 -17.86
N ILE A 1103 -20.64 30.16 -16.81
CA ILE A 1103 -19.76 29.59 -15.80
C ILE A 1103 -19.98 28.09 -15.96
N GLY A 1104 -19.76 27.32 -14.91
CA GLY A 1104 -19.78 25.87 -14.86
C GLY A 1104 -19.38 25.16 -16.13
N ALA A 1105 -19.52 25.83 -17.27
CA ALA A 1105 -19.13 25.22 -18.53
C ALA A 1105 -17.62 25.05 -18.59
N TRP A 1106 -16.87 25.90 -17.88
CA TRP A 1106 -15.43 25.87 -17.95
C TRP A 1106 -14.79 25.25 -16.71
N ALA A 1107 -15.49 24.42 -15.96
CA ALA A 1107 -14.79 24.04 -14.76
C ALA A 1107 -13.73 22.97 -15.06
N SER A 1108 -12.88 22.69 -14.07
CA SER A 1108 -11.95 21.58 -14.12
C SER A 1108 -12.54 20.28 -13.62
N GLU A 1109 -13.87 20.21 -13.40
CA GLU A 1109 -14.42 18.96 -12.85
C GLU A 1109 -14.21 17.81 -13.80
N GLY A 1110 -14.40 18.08 -15.09
CA GLY A 1110 -14.29 17.04 -16.07
C GLY A 1110 -12.88 16.51 -16.10
N ASN A 1111 -11.92 17.40 -15.88
CA ASN A 1111 -10.54 16.98 -15.79
C ASN A 1111 -10.33 16.09 -14.57
N GLU A 1112 -10.65 16.59 -13.38
CA GLU A 1112 -10.50 15.74 -12.20
C GLU A 1112 -11.23 14.41 -12.34
N SER A 1113 -12.35 14.42 -13.07
CA SER A 1113 -13.11 13.20 -13.35
C SER A 1113 -12.32 12.24 -14.22
N GLY A 1114 -11.50 12.77 -15.13
CA GLY A 1114 -10.67 11.88 -15.93
C GLY A 1114 -9.48 11.31 -15.18
N ASN A 1115 -9.07 11.96 -14.07
CA ASN A 1115 -8.10 11.33 -13.17
C ASN A 1115 -8.60 9.97 -12.69
N LYS A 1116 -9.91 9.82 -12.55
CA LYS A 1116 -10.48 8.55 -12.14
C LYS A 1116 -10.14 7.48 -13.18
N LEU A 1117 -10.29 7.83 -14.46
CA LEU A 1117 -9.94 6.93 -15.54
C LEU A 1117 -8.46 6.61 -15.54
N PHE A 1118 -7.63 7.63 -15.33
CA PHE A 1118 -6.18 7.44 -15.25
C PHE A 1118 -5.88 6.31 -14.30
N ARG A 1119 -6.53 6.36 -13.12
CA ARG A 1119 -6.31 5.30 -12.16
C ARG A 1119 -6.61 3.92 -12.75
N ARG A 1120 -7.78 3.76 -13.38
CA ARG A 1120 -8.13 2.46 -13.98
C ARG A 1120 -7.03 1.93 -14.88
N PHE A 1121 -6.58 2.75 -15.83
CA PHE A 1121 -5.63 2.26 -16.82
C PHE A 1121 -4.34 1.84 -16.14
N ARG A 1122 -3.84 2.64 -15.20
CA ARG A 1122 -2.62 2.25 -14.49
C ARG A 1122 -2.73 0.84 -13.91
N LYS A 1123 -3.92 0.47 -13.39
CA LYS A 1123 -4.07 -0.85 -12.77
C LYS A 1123 -4.10 -2.01 -13.77
N MET A 1124 -4.64 -1.80 -14.99
CA MET A 1124 -4.86 -2.93 -15.86
C MET A 1124 -4.25 -2.81 -17.25
N ASN A 1125 -3.69 -1.68 -17.64
CA ASN A 1125 -3.13 -1.57 -18.98
C ASN A 1125 -1.67 -1.15 -18.91
N ALA A 1126 -1.06 -1.32 -17.75
CA ALA A 1126 0.31 -0.96 -17.49
C ALA A 1126 1.27 -1.87 -18.24
N ARG A 1127 2.49 -1.37 -18.44
CA ARG A 1127 3.53 -2.17 -19.10
C ARG A 1127 3.96 -3.38 -18.26
N GLN A 1128 4.11 -3.27 -16.93
CA GLN A 1128 4.31 -2.04 -16.15
C GLN A 1128 5.74 -1.54 -15.93
N SER A 1129 6.08 -0.44 -16.60
CA SER A 1129 7.39 0.18 -16.38
C SER A 1129 7.19 1.67 -16.63
N LYS A 1130 7.99 2.49 -15.95
CA LYS A 1130 7.89 3.94 -16.10
C LYS A 1130 8.20 4.41 -17.53
N THR A 1131 9.12 3.77 -18.26
CA THR A 1131 9.55 4.30 -19.56
C THR A 1131 8.41 4.21 -20.56
N PHE A 1132 7.46 3.30 -20.31
CA PHE A 1132 6.40 2.89 -21.20
C PHE A 1132 5.02 3.16 -20.62
N GLU A 1133 4.91 3.24 -19.28
CA GLU A 1133 3.58 3.27 -18.67
C GLU A 1133 2.84 4.50 -19.11
N LEU A 1134 3.56 5.60 -19.28
CA LEU A 1134 2.87 6.78 -19.75
C LEU A 1134 2.51 6.65 -21.22
N GLU A 1135 3.41 6.11 -22.05
CA GLU A 1135 3.06 5.92 -23.46
C GLU A 1135 1.82 5.06 -23.64
N ASP A 1136 1.52 4.25 -22.64
CA ASP A 1136 0.38 3.36 -22.75
C ASP A 1136 -0.87 4.02 -22.18
N ILE A 1137 -0.80 4.53 -20.94
CA ILE A 1137 -1.93 5.29 -20.41
C ILE A 1137 -2.30 6.35 -21.42
N LEU A 1138 -1.32 7.02 -22.00
CA LEU A 1138 -1.59 8.10 -22.90
C LEU A 1138 -2.29 7.62 -24.16
N LYS A 1139 -1.84 6.51 -24.75
CA LYS A 1139 -2.53 6.07 -25.96
C LYS A 1139 -3.98 5.69 -25.64
N HIS A 1140 -4.17 4.89 -24.58
CA HIS A 1140 -5.53 4.43 -24.26
C HIS A 1140 -6.48 5.56 -23.84
N HIS A 1141 -6.01 6.52 -23.02
CA HIS A 1141 -6.80 7.70 -22.69
C HIS A 1141 -7.18 8.49 -23.95
N TRP A 1142 -6.26 8.65 -24.93
CA TRP A 1142 -6.62 9.44 -26.11
C TRP A 1142 -7.67 8.75 -26.94
N LEU A 1143 -7.58 7.43 -27.01
CA LEU A 1143 -8.59 6.67 -27.74
C LEU A 1143 -9.91 6.79 -27.00
N TYR A 1144 -9.85 6.66 -25.68
CA TYR A 1144 -11.00 6.67 -24.80
C TYR A 1144 -11.91 7.89 -25.06
N THR A 1145 -11.41 8.96 -25.68
CA THR A 1145 -12.14 10.22 -25.75
C THR A 1145 -12.62 10.62 -27.12
N SER A 1146 -11.86 10.34 -28.16
CA SER A 1146 -12.28 10.67 -29.52
C SER A 1146 -13.77 10.38 -29.73
N LYS A 1147 -14.53 11.42 -30.13
CA LYS A 1147 -15.98 11.30 -30.39
C LYS A 1147 -16.31 10.13 -31.31
N TYR A 1148 -15.48 9.85 -32.31
CA TYR A 1148 -15.83 8.90 -33.36
C TYR A 1148 -16.04 7.51 -32.78
N LEU A 1149 -15.23 7.16 -31.79
CA LEU A 1149 -15.47 5.91 -31.10
C LEU A 1149 -16.57 6.01 -30.05
N GLN A 1150 -16.97 7.22 -29.65
CA GLN A 1150 -18.10 7.25 -28.72
C GLN A 1150 -19.41 7.12 -29.49
N LYS A 1151 -19.45 7.52 -30.78
CA LYS A 1151 -20.71 7.31 -31.46
C LYS A 1151 -20.83 5.82 -31.74
N PHE A 1152 -19.70 5.16 -31.98
CA PHE A 1152 -19.81 3.71 -32.08
C PHE A 1152 -20.25 3.15 -30.75
N MET A 1153 -20.03 3.90 -29.68
CA MET A 1153 -20.38 3.43 -28.36
C MET A 1153 -21.90 3.56 -28.17
N GLU A 1154 -22.48 4.71 -28.51
CA GLU A 1154 -23.92 4.87 -28.31
C GLU A 1154 -24.72 4.17 -29.40
N ALA A 1155 -24.33 4.36 -30.67
CA ALA A 1155 -25.06 3.82 -31.82
C ALA A 1155 -26.58 3.90 -31.63
N HIS A 1156 -27.11 5.12 -31.64
CA HIS A 1156 -28.54 5.36 -31.49
C HIS A 1156 -29.04 4.72 -30.19
N LYS A 1157 -28.18 4.78 -29.16
CA LYS A 1157 -28.43 4.37 -27.78
C LYS A 1157 -28.25 2.86 -27.60
N MET B 4 41.76 17.71 8.00
CA MET B 4 40.57 17.39 7.23
C MET B 4 39.67 16.39 7.97
N SER B 5 38.55 16.89 8.48
CA SER B 5 37.54 16.08 9.16
C SER B 5 36.18 16.39 8.55
N LEU B 6 35.35 15.36 8.43
CA LEU B 6 33.96 15.54 8.07
C LEU B 6 33.09 15.04 9.20
N GLN B 7 32.07 15.82 9.54
CA GLN B 7 31.16 15.52 10.64
C GLN B 7 29.73 15.67 10.13
N PRO B 8 28.89 14.63 10.23
CA PRO B 8 27.51 14.78 9.74
C PRO B 8 26.68 15.77 10.54
N LEU B 9 26.07 16.72 9.83
CA LEU B 9 25.11 17.62 10.42
C LEU B 9 23.70 17.07 10.19
N THR B 10 22.74 17.72 10.80
CA THR B 10 21.32 17.47 10.53
C THR B 10 20.65 18.83 10.49
N ALA B 11 19.84 19.09 9.46
CA ALA B 11 19.21 20.40 9.31
C ALA B 11 17.86 20.30 9.99
N VAL B 12 17.71 21.00 11.13
CA VAL B 12 16.60 20.74 12.05
C VAL B 12 15.25 20.99 11.36
N ASN B 13 15.06 22.18 10.81
CA ASN B 13 13.82 22.64 10.21
C ASN B 13 14.14 23.29 8.87
N CYS B 14 13.07 23.46 8.08
CA CYS B 14 13.11 24.06 6.74
C CYS B 14 14.05 23.25 5.86
N GLY B 15 13.71 21.98 5.74
CA GLY B 15 14.41 21.08 4.85
C GLY B 15 14.14 21.27 3.37
N SER B 16 12.98 21.80 3.00
CA SER B 16 12.55 21.84 1.61
C SER B 16 13.10 23.02 0.83
N LEU B 17 13.92 23.86 1.44
CA LEU B 17 14.31 25.12 0.83
C LEU B 17 15.75 25.07 0.31
N VAL B 18 16.12 23.96 -0.34
CA VAL B 18 17.48 23.72 -0.84
C VAL B 18 17.40 22.82 -2.06
N GLN B 19 18.15 23.16 -3.11
CA GLN B 19 18.11 22.39 -4.35
C GLN B 19 19.51 22.27 -4.92
N PRO B 20 19.79 21.15 -5.58
CA PRO B 20 21.16 20.79 -5.99
C PRO B 20 22.08 21.90 -6.49
N GLY B 21 21.59 22.79 -7.32
CA GLY B 21 22.45 23.89 -7.69
C GLY B 21 22.09 25.08 -6.83
N PHE B 22 22.99 25.49 -5.94
CA PHE B 22 22.79 26.66 -5.11
C PHE B 22 24.15 27.29 -4.84
N SER B 23 24.13 28.46 -4.18
CA SER B 23 25.34 29.25 -4.02
C SER B 23 25.55 29.61 -2.56
N LEU B 24 26.80 29.64 -2.14
CA LEU B 24 27.15 30.12 -0.82
C LEU B 24 28.05 31.33 -0.91
N LEU B 25 27.57 32.46 -0.41
CA LEU B 25 28.31 33.72 -0.43
C LEU B 25 28.80 34.00 0.98
N ASP B 26 30.11 34.21 1.14
CA ASP B 26 30.69 34.56 2.44
C ASP B 26 30.82 36.08 2.49
N LEU B 27 29.94 36.71 3.25
CA LEU B 27 29.96 38.15 3.44
C LEU B 27 30.27 38.45 4.90
N GLU B 28 31.35 39.17 5.13
CA GLU B 28 31.74 39.66 6.44
C GLU B 28 31.68 38.59 7.53
N GLY B 29 32.23 37.41 7.23
CA GLY B 29 32.26 36.40 8.26
C GLY B 29 30.99 35.57 8.37
N ASP B 30 29.86 36.17 7.97
CA ASP B 30 28.59 35.46 7.94
C ASP B 30 28.41 34.83 6.56
N VAL B 31 27.79 33.65 6.54
CA VAL B 31 27.62 32.88 5.33
C VAL B 31 26.15 32.93 4.93
N TYR B 32 25.89 33.09 3.64
CA TYR B 32 24.54 33.28 3.14
C TYR B 32 24.24 32.25 2.05
N LEU B 33 23.16 31.49 2.25
CA LEU B 33 22.65 30.59 1.23
C LEU B 33 21.80 31.38 0.25
N PHE B 34 21.96 31.06 -1.03
CA PHE B 34 21.31 31.82 -2.09
C PHE B 34 20.88 30.92 -3.22
N GLY B 35 19.60 31.04 -3.58
CA GLY B 35 19.03 30.25 -4.64
C GLY B 35 18.31 29.07 -4.06
N GLN B 36 17.03 29.22 -3.80
CA GLN B 36 16.21 28.21 -3.14
C GLN B 36 15.25 27.60 -4.15
N LYS B 37 14.71 26.43 -3.82
CA LYS B 37 13.71 25.84 -4.70
C LYS B 37 12.43 26.66 -4.66
N GLY B 38 11.91 27.01 -5.83
CA GLY B 38 10.69 27.76 -5.88
C GLY B 38 10.94 29.24 -6.01
N TRP B 39 9.85 29.97 -6.19
CA TRP B 39 9.81 31.39 -5.94
C TRP B 39 9.81 31.65 -4.43
N PRO B 40 10.04 32.90 -4.02
CA PRO B 40 10.17 33.16 -2.58
C PRO B 40 8.81 33.06 -1.93
N LYS B 41 8.70 32.15 -0.98
CA LYS B 41 7.53 32.11 -0.14
C LYS B 41 7.48 33.37 0.71
N ARG B 42 6.48 33.51 1.52
CA ARG B 42 6.32 34.74 2.27
C ARG B 42 6.83 34.58 3.69
N SER B 43 7.20 33.36 4.07
CA SER B 43 8.13 33.20 5.18
C SER B 43 9.36 34.08 4.95
N CYS B 44 9.76 34.29 3.69
CA CYS B 44 10.96 35.06 3.36
C CYS B 44 10.86 35.74 2.00
N PRO B 45 10.23 36.92 1.94
CA PRO B 45 9.91 37.51 0.64
C PRO B 45 11.13 38.05 -0.08
N THR B 46 12.32 37.88 0.48
CA THR B 46 13.54 38.31 -0.18
C THR B 46 14.22 37.18 -0.95
N GLY B 47 14.18 35.96 -0.45
CA GLY B 47 14.79 34.81 -1.09
C GLY B 47 16.23 34.49 -0.75
N ILE B 48 16.87 35.26 0.11
CA ILE B 48 18.24 35.04 0.56
C ILE B 48 18.20 34.61 2.02
N PHE B 49 19.03 33.64 2.41
CA PHE B 49 18.97 33.13 3.78
C PHE B 49 20.34 33.23 4.44
N GLY B 50 20.32 33.46 5.76
CA GLY B 50 21.52 33.39 6.57
C GLY B 50 21.69 32.01 7.15
N VAL B 51 22.91 31.49 7.06
CA VAL B 51 23.28 30.14 7.52
C VAL B 51 23.90 30.30 8.89
N ARG B 52 23.40 29.52 9.85
CA ARG B 52 23.97 29.49 11.19
C ARG B 52 24.25 28.04 11.49
N ILE B 53 25.53 27.71 11.67
CA ILE B 53 25.95 26.40 12.11
C ILE B 53 26.25 26.48 13.59
N LYS B 54 25.59 25.62 14.38
CA LYS B 54 25.96 25.41 15.77
C LYS B 54 25.71 23.93 16.03
N LYS B 55 26.13 23.43 17.20
CA LYS B 55 25.68 22.14 17.71
C LYS B 55 25.42 21.02 16.70
N GLY B 56 26.15 20.95 15.59
CA GLY B 56 25.85 19.96 14.57
C GLY B 56 24.51 20.13 13.86
N GLU B 57 23.84 21.25 14.12
CA GLU B 57 22.62 21.74 13.49
C GLU B 57 22.89 22.87 12.49
N LEU B 58 22.12 22.80 11.39
CA LEU B 58 21.99 23.82 10.36
C LEU B 58 20.68 24.59 10.54
N LYS B 59 20.78 25.90 10.83
CA LYS B 59 19.64 26.77 11.04
C LYS B 59 19.65 27.86 9.98
N LEU B 60 18.45 28.26 9.54
CA LEU B 60 18.29 29.27 8.51
C LEU B 60 17.48 30.44 9.00
N ARG B 61 17.94 31.64 8.68
CA ARG B 61 17.28 32.83 9.18
C ARG B 61 16.98 33.76 8.02
N ALA B 62 15.79 34.33 8.02
CA ALA B 62 15.36 35.18 6.93
C ALA B 62 16.12 36.50 6.95
N ILE B 63 16.88 36.82 5.87
CA ILE B 63 17.53 38.11 5.70
C ILE B 63 16.54 39.07 5.07
N SER B 64 16.72 40.37 5.33
CA SER B 64 15.90 41.40 4.74
C SER B 64 16.77 42.29 3.85
N PHE B 65 16.12 43.12 3.03
CA PHE B 65 16.85 44.03 2.17
C PHE B 65 16.77 45.46 2.69
N SER B 66 17.31 46.37 1.90
CA SER B 66 17.20 47.79 2.15
C SER B 66 16.02 48.34 1.38
N ASN B 67 15.87 49.65 1.41
CA ASN B 67 14.75 50.27 0.70
C ASN B 67 15.14 50.53 -0.75
N ASN B 68 16.42 50.85 -1.02
CA ASN B 68 16.89 51.22 -2.34
C ASN B 68 17.32 50.01 -3.13
N SER B 69 17.05 48.84 -2.60
CA SER B 69 17.52 47.61 -3.19
C SER B 69 16.48 47.07 -4.16
N SER B 70 16.98 46.39 -5.18
CA SER B 70 16.14 45.64 -6.10
C SER B 70 15.97 44.21 -5.60
N TYR B 71 14.76 43.67 -5.74
CA TYR B 71 14.52 42.28 -5.38
C TYR B 71 15.03 41.35 -6.47
N LEU B 72 14.99 40.08 -6.19
CA LEU B 72 15.97 39.29 -6.89
C LEU B 72 15.61 37.82 -7.04
N PRO B 73 15.42 37.37 -8.27
CA PRO B 73 14.93 36.01 -8.48
C PRO B 73 15.95 34.99 -7.99
N PRO B 74 15.50 33.81 -7.60
CA PRO B 74 16.43 32.75 -7.13
C PRO B 74 17.23 32.06 -8.22
N LEU B 75 18.37 32.63 -8.63
CA LEU B 75 19.19 32.01 -9.67
C LEU B 75 19.65 30.62 -9.26
N ARG B 76 19.79 29.70 -10.23
CA ARG B 76 20.03 28.33 -9.81
C ARG B 76 21.47 27.86 -9.89
N CYS B 77 22.21 28.20 -10.93
CA CYS B 77 23.63 27.85 -10.97
C CYS B 77 24.44 29.08 -11.36
N PRO B 78 24.18 30.21 -10.74
CA PRO B 78 24.73 31.46 -11.23
C PRO B 78 26.23 31.51 -11.08
N ALA B 79 26.81 32.50 -11.75
CA ALA B 79 28.21 32.80 -11.65
C ALA B 79 28.43 33.89 -10.61
N ILE B 80 29.44 33.70 -9.77
CA ILE B 80 29.48 34.27 -8.42
C ILE B 80 30.88 34.81 -8.19
N ALA B 81 30.98 36.11 -7.95
CA ALA B 81 32.25 36.81 -7.85
C ALA B 81 32.34 37.51 -6.49
N HIS B 82 33.33 37.15 -5.69
CA HIS B 82 33.56 37.84 -4.42
C HIS B 82 34.30 39.13 -4.76
N PHE B 83 33.56 40.25 -4.87
CA PHE B 83 34.24 41.53 -4.97
C PHE B 83 34.84 41.88 -3.62
N GLU B 84 36.14 42.15 -3.60
CA GLU B 84 36.92 42.29 -2.37
C GLU B 84 37.04 43.77 -1.99
N ALA B 85 37.35 44.00 -0.72
CA ALA B 85 37.16 45.31 -0.09
C ALA B 85 38.11 46.35 -0.66
N GLN B 86 37.58 47.28 -1.46
CA GLN B 86 38.35 48.40 -1.98
C GLN B 86 37.38 49.57 -2.21
N ASP B 87 37.83 50.59 -2.93
CA ASP B 87 37.03 51.77 -3.21
C ASP B 87 36.14 51.56 -4.44
N GLY B 88 34.90 52.06 -4.37
CA GLY B 88 34.38 52.87 -3.29
C GLY B 88 33.79 52.10 -2.12
N LYS B 89 32.80 51.26 -2.38
CA LYS B 89 32.03 50.58 -1.33
C LYS B 89 32.39 49.11 -1.25
N PRO B 90 33.05 48.66 -0.18
CA PRO B 90 33.24 47.23 0.01
C PRO B 90 32.00 46.61 0.64
N GLU B 91 31.89 45.29 0.51
CA GLU B 91 32.80 44.44 -0.26
C GLU B 91 31.85 43.45 -0.92
N CYS B 92 31.65 43.70 -2.21
CA CYS B 92 30.45 43.23 -2.87
C CYS B 92 30.42 41.74 -3.22
N TYR B 93 29.52 41.41 -4.14
CA TYR B 93 29.37 40.05 -4.63
C TYR B 93 28.54 40.08 -5.89
N LEU B 94 29.22 39.87 -7.00
CA LEU B 94 28.62 39.99 -8.31
C LEU B 94 27.92 38.67 -8.60
N ILE B 95 26.69 38.73 -9.10
CA ILE B 95 25.97 37.53 -9.48
C ILE B 95 25.50 37.75 -10.92
N HIS B 96 25.77 36.77 -11.77
CA HIS B 96 25.40 36.72 -13.17
C HIS B 96 25.70 35.33 -13.68
N GLY B 97 24.75 34.70 -14.35
CA GLY B 97 23.36 35.06 -14.30
C GLY B 97 22.52 33.87 -13.89
N GLY B 98 23.09 32.67 -13.98
CA GLY B 98 22.30 31.56 -13.47
C GLY B 98 20.97 31.33 -14.21
N ARG B 99 20.12 30.53 -13.55
CA ARG B 99 18.86 30.10 -14.13
C ARG B 99 17.73 30.32 -13.14
N THR B 100 16.66 31.08 -13.58
CA THR B 100 15.49 31.52 -12.79
C THR B 100 14.77 30.32 -12.17
N PRO B 101 13.86 30.49 -11.19
CA PRO B 101 13.10 29.31 -10.75
C PRO B 101 12.11 28.82 -11.77
N ASN B 102 11.58 29.73 -12.56
CA ASN B 102 10.95 29.40 -13.81
C ASN B 102 12.01 29.38 -14.88
N ASN B 103 12.25 28.21 -15.46
CA ASN B 103 13.53 27.92 -16.09
C ASN B 103 13.69 28.81 -17.33
N GLU B 104 14.02 30.07 -17.07
CA GLU B 104 14.58 31.03 -18.03
C GLU B 104 16.05 31.23 -17.69
N LEU B 105 16.83 31.82 -18.59
CA LEU B 105 18.22 32.12 -18.25
C LEU B 105 18.43 33.62 -18.08
N SER B 106 19.23 33.99 -17.09
CA SER B 106 19.20 35.35 -16.55
C SER B 106 20.08 36.19 -17.46
N SER B 107 19.60 37.34 -17.86
CA SER B 107 20.38 38.20 -18.73
C SER B 107 20.72 39.50 -18.03
N SER B 108 20.64 39.51 -16.69
CA SER B 108 20.96 40.66 -15.87
C SER B 108 22.00 40.35 -14.80
N LEU B 109 22.74 41.40 -14.42
CA LEU B 109 23.87 41.38 -13.49
C LEU B 109 23.45 42.09 -12.20
N TYR B 110 23.64 41.43 -11.06
CA TYR B 110 23.27 41.95 -9.76
C TYR B 110 24.49 42.13 -8.86
N MET B 111 24.66 43.33 -8.29
CA MET B 111 25.71 43.58 -7.31
C MET B 111 25.07 43.48 -5.93
N LEU B 112 25.59 42.57 -5.08
CA LEU B 112 25.00 42.25 -3.78
C LEU B 112 26.01 42.58 -2.67
N SER B 113 25.72 43.61 -1.88
CA SER B 113 26.64 44.08 -0.85
C SER B 113 25.99 43.99 0.53
N VAL B 114 26.81 44.21 1.60
CA VAL B 114 26.29 44.41 2.95
C VAL B 114 25.99 45.88 3.15
N ASP B 115 25.01 46.19 4.00
CA ASP B 115 24.58 47.59 4.14
C ASP B 115 24.61 48.15 5.55
N SER B 116 24.01 47.44 6.51
CA SER B 116 23.91 47.98 7.86
C SER B 116 23.60 46.89 8.88
N ARG B 117 23.99 47.18 10.12
CA ARG B 117 23.73 46.35 11.29
C ARG B 117 23.86 47.29 12.48
N GLY B 118 23.21 46.94 13.60
CA GLY B 118 22.44 45.73 13.78
C GLY B 118 21.00 45.89 13.35
N CYS B 119 20.06 45.82 14.28
CA CYS B 119 20.28 45.92 15.73
C CYS B 119 20.74 44.66 16.47
N ASN B 120 19.87 43.65 16.45
CA ASN B 120 20.00 42.44 17.28
C ASN B 120 20.50 41.29 16.42
N ARG B 121 21.75 41.44 15.97
CA ARG B 121 22.37 40.54 14.99
C ARG B 121 21.55 40.52 13.71
N LYS B 122 20.94 41.65 13.39
CA LYS B 122 20.23 41.80 12.13
C LYS B 122 21.22 42.41 11.14
N VAL B 123 21.23 41.86 9.95
CA VAL B 123 22.05 42.36 8.87
C VAL B 123 21.09 42.66 7.74
N THR B 124 21.33 43.74 7.03
CA THR B 124 20.64 44.01 5.79
C THR B 124 21.60 44.01 4.62
N LEU B 125 21.15 43.45 3.52
CA LEU B 125 21.98 43.38 2.34
C LEU B 125 21.48 44.48 1.41
N ARG B 126 22.03 44.53 0.20
CA ARG B 126 21.31 45.27 -0.83
C ARG B 126 21.72 44.69 -2.17
N CYS B 127 20.82 44.84 -3.15
CA CYS B 127 21.05 44.45 -4.53
C CYS B 127 20.92 45.72 -5.37
N GLU B 128 21.93 45.98 -6.18
CA GLU B 128 21.87 46.97 -7.24
C GLU B 128 21.90 46.18 -8.53
N GLU B 129 20.78 46.19 -9.24
CA GLU B 129 20.78 45.72 -10.61
C GLU B 129 21.64 46.67 -11.43
N LYS B 130 22.78 46.14 -11.86
CA LYS B 130 23.79 46.83 -12.66
C LYS B 130 23.48 46.67 -14.15
N GLU B 131 23.35 47.79 -14.83
CA GLU B 131 22.98 47.76 -16.23
C GLU B 131 24.21 47.53 -17.09
N LEU B 132 24.05 46.77 -18.15
CA LEU B 132 25.17 46.32 -18.94
C LEU B 132 25.08 46.97 -20.31
N VAL B 133 26.18 47.57 -20.76
CA VAL B 133 26.25 48.20 -22.08
C VAL B 133 27.43 47.60 -22.83
N GLY B 134 27.16 47.06 -24.02
CA GLY B 134 28.16 46.33 -24.76
C GLY B 134 27.71 46.12 -26.20
N ASP B 135 27.90 44.93 -26.79
CA ASP B 135 28.63 43.77 -26.24
C ASP B 135 28.21 43.16 -24.90
N VAL B 136 26.92 43.01 -24.60
CA VAL B 136 26.55 42.41 -23.32
C VAL B 136 26.75 40.90 -23.51
N PRO B 137 26.98 40.12 -22.45
CA PRO B 137 27.00 38.67 -22.65
C PRO B 137 25.59 38.12 -22.76
N SER B 138 25.50 36.96 -23.40
CA SER B 138 24.19 36.35 -23.57
C SER B 138 23.78 35.69 -22.27
N ALA B 139 22.48 35.53 -22.08
CA ALA B 139 22.05 34.76 -20.93
C ALA B 139 22.64 33.35 -21.04
N ARG B 140 23.24 32.89 -19.95
CA ARG B 140 23.92 31.60 -19.89
C ARG B 140 23.92 31.16 -18.42
N TYR B 141 24.52 30.00 -18.14
CA TYR B 141 24.70 29.58 -16.75
C TYR B 141 25.86 28.60 -16.66
N GLY B 142 26.25 28.27 -15.42
CA GLY B 142 27.41 27.40 -15.21
C GLY B 142 28.73 27.95 -15.70
N HIS B 143 28.74 29.24 -16.04
CA HIS B 143 29.92 29.91 -16.55
C HIS B 143 30.70 30.47 -15.36
N THR B 144 31.68 31.35 -15.59
CA THR B 144 32.34 31.88 -14.41
C THR B 144 32.85 33.31 -14.58
N LEU B 145 32.91 33.99 -13.44
CA LEU B 145 33.20 35.40 -13.30
C LEU B 145 34.30 35.57 -12.26
N SER B 146 35.28 36.42 -12.55
CA SER B 146 36.41 36.64 -11.65
C SER B 146 36.81 38.10 -11.74
N VAL B 147 37.53 38.58 -10.73
CA VAL B 147 37.92 39.98 -10.63
C VAL B 147 39.44 40.09 -10.73
N ILE B 148 39.92 41.07 -11.49
CA ILE B 148 41.34 41.25 -11.76
C ILE B 148 41.73 42.73 -11.62
N ASN B 149 42.97 42.96 -11.21
CA ASN B 149 43.49 44.30 -10.95
C ASN B 149 44.71 44.53 -11.84
N SER B 150 44.66 45.61 -12.62
CA SER B 150 45.76 46.00 -13.51
C SER B 150 45.88 47.53 -13.51
N ARG B 151 46.85 48.03 -12.75
CA ARG B 151 47.45 49.36 -12.95
C ARG B 151 46.44 50.51 -12.99
N GLY B 152 45.74 50.75 -11.88
CA GLY B 152 45.50 49.79 -10.82
C GLY B 152 44.01 49.51 -10.91
N LYS B 153 43.45 49.77 -12.08
CA LYS B 153 42.01 49.65 -12.30
C LYS B 153 41.53 48.22 -12.12
N THR B 154 40.27 48.07 -11.76
CA THR B 154 39.68 46.77 -11.48
C THR B 154 38.66 46.47 -12.57
N ALA B 155 38.80 45.30 -13.20
CA ALA B 155 37.78 44.79 -14.12
C ALA B 155 37.38 43.37 -13.75
N CYS B 156 36.51 42.78 -14.56
CA CYS B 156 35.86 41.52 -14.23
C CYS B 156 35.70 40.68 -15.48
N VAL B 157 36.32 39.49 -15.47
CA VAL B 157 36.43 38.63 -16.64
C VAL B 157 35.39 37.51 -16.51
N LEU B 158 34.74 37.18 -17.62
CA LEU B 158 33.60 36.27 -17.65
C LEU B 158 33.78 35.32 -18.81
N PHE B 159 33.72 34.02 -18.53
CA PHE B 159 34.08 33.05 -19.55
C PHE B 159 33.45 31.71 -19.23
N GLY B 160 33.01 31.03 -20.28
CA GLY B 160 32.52 29.68 -20.22
C GLY B 160 31.00 29.61 -20.24
N GLY B 161 30.49 28.41 -20.06
CA GLY B 161 29.10 28.22 -19.73
C GLY B 161 28.29 27.54 -20.84
N ARG B 162 27.11 27.07 -20.45
CA ARG B 162 26.10 26.47 -21.30
C ARG B 162 25.03 27.51 -21.60
N SER B 163 24.25 27.25 -22.64
CA SER B 163 23.05 28.03 -22.88
C SER B 163 22.06 27.18 -23.69
N TYR B 164 20.89 27.75 -23.95
CA TYR B 164 19.93 27.12 -24.86
C TYR B 164 20.32 27.40 -26.30
N MET B 165 19.82 26.56 -27.19
CA MET B 165 20.14 26.72 -28.59
C MET B 165 19.62 28.08 -29.06
N PRO B 166 20.21 28.68 -30.08
CA PRO B 166 19.78 30.04 -30.51
C PRO B 166 18.27 30.10 -30.73
N PRO B 167 17.65 31.27 -30.57
CA PRO B 167 16.17 31.33 -30.66
C PRO B 167 15.55 30.95 -32.00
N THR B 168 16.33 30.82 -33.07
CA THR B 168 15.82 30.44 -34.38
C THR B 168 15.74 28.92 -34.59
N GLU B 169 16.67 28.17 -34.01
CA GLU B 169 16.71 26.71 -34.08
C GLU B 169 16.21 26.04 -32.82
N ARG B 170 15.69 26.81 -31.89
CA ARG B 170 15.18 26.22 -30.67
C ARG B 170 13.79 25.73 -31.01
N THR B 171 13.56 24.45 -30.79
CA THR B 171 12.33 23.81 -31.19
C THR B 171 11.66 23.34 -29.90
N THR B 172 10.37 23.16 -29.96
CA THR B 172 9.76 22.54 -28.78
C THR B 172 10.06 21.04 -28.60
N GLN B 173 10.93 20.42 -29.39
CA GLN B 173 11.54 19.14 -29.05
C GLN B 173 13.02 19.30 -28.72
N ASN B 174 13.54 20.53 -28.80
CA ASN B 174 14.91 20.89 -28.45
C ASN B 174 14.98 21.77 -27.20
N TRP B 175 13.85 21.95 -26.48
CA TRP B 175 13.70 23.14 -25.63
C TRP B 175 14.63 23.07 -24.44
N ASN B 176 14.81 21.86 -23.91
CA ASN B 176 15.65 21.67 -22.74
C ASN B 176 17.04 21.22 -23.15
N SER B 177 17.29 21.12 -24.45
CA SER B 177 18.61 20.81 -24.95
C SER B 177 19.53 22.02 -24.77
N VAL B 178 20.78 21.77 -24.42
CA VAL B 178 21.73 22.87 -24.24
C VAL B 178 22.94 22.60 -25.13
N VAL B 179 23.59 23.69 -25.53
CA VAL B 179 24.78 23.70 -26.35
C VAL B 179 25.72 24.70 -25.68
N ASP B 180 27.01 24.56 -25.94
CA ASP B 180 27.97 25.49 -25.36
C ASP B 180 28.03 26.81 -26.11
N CYS B 181 28.09 27.90 -25.36
CA CYS B 181 28.09 29.19 -26.00
C CYS B 181 29.48 29.47 -26.53
N PRO B 182 29.61 30.39 -27.48
CA PRO B 182 30.89 30.60 -28.15
C PRO B 182 31.98 30.98 -27.16
N PRO B 183 33.24 30.51 -27.37
CA PRO B 183 34.28 30.72 -26.34
C PRO B 183 34.93 32.10 -26.50
N GLN B 184 34.17 33.14 -26.21
CA GLN B 184 34.69 34.48 -25.96
C GLN B 184 34.87 34.72 -24.47
N VAL B 185 35.66 35.74 -24.16
CA VAL B 185 35.77 36.28 -22.80
C VAL B 185 35.14 37.67 -22.80
N TYR B 186 34.52 38.04 -21.69
CA TYR B 186 33.87 39.35 -21.55
C TYR B 186 34.58 40.11 -20.45
N LEU B 187 35.02 41.32 -20.77
CA LEU B 187 35.47 42.29 -19.77
C LEU B 187 34.31 43.18 -19.38
N ILE B 188 33.81 42.99 -18.17
CA ILE B 188 32.85 43.87 -17.51
C ILE B 188 33.62 44.80 -16.59
N ASP B 189 33.63 46.08 -16.92
CA ASP B 189 34.01 47.09 -15.94
C ASP B 189 32.75 47.45 -15.15
N LEU B 190 32.93 47.73 -13.86
CA LEU B 190 31.80 47.81 -12.95
C LEU B 190 31.32 49.24 -12.68
N GLU B 191 32.04 50.25 -13.15
CA GLU B 191 31.43 51.53 -13.47
C GLU B 191 32.36 52.24 -14.45
N PHE B 192 31.98 52.31 -15.72
CA PHE B 192 30.60 52.17 -16.15
C PHE B 192 30.26 50.71 -16.46
N GLY B 193 29.04 50.46 -16.91
CA GLY B 193 28.63 49.11 -17.24
C GLY B 193 29.11 48.69 -18.62
N CYS B 194 30.38 48.92 -18.91
CA CYS B 194 30.95 48.67 -20.23
C CYS B 194 31.48 47.25 -20.33
N CYS B 195 30.92 46.49 -21.27
CA CYS B 195 31.30 45.12 -21.54
C CYS B 195 31.98 45.06 -22.90
N THR B 196 33.07 44.30 -23.00
CA THR B 196 33.74 44.07 -24.26
C THR B 196 33.92 42.57 -24.45
N ALA B 197 33.80 42.10 -25.68
CA ALA B 197 33.97 40.69 -25.98
C ALA B 197 35.28 40.51 -26.73
N HIS B 198 35.99 39.47 -26.37
CA HIS B 198 37.32 39.19 -26.92
C HIS B 198 37.39 37.73 -27.30
N THR B 199 37.94 37.47 -28.49
CA THR B 199 38.04 36.12 -29.00
C THR B 199 39.49 35.67 -28.95
N LEU B 200 39.70 34.39 -28.70
CA LEU B 200 41.02 33.93 -28.36
C LEU B 200 41.38 32.77 -29.29
N PRO B 201 42.53 32.82 -29.95
CA PRO B 201 42.92 31.73 -30.86
C PRO B 201 43.09 30.40 -30.15
N GLU B 202 43.45 30.43 -28.87
CA GLU B 202 43.74 29.26 -28.06
C GLU B 202 42.48 28.64 -27.48
N LEU B 203 41.39 29.41 -27.41
CA LEU B 203 40.15 28.99 -26.77
C LEU B 203 39.26 28.58 -27.94
N THR B 204 39.38 27.32 -28.31
CA THR B 204 38.74 26.81 -29.50
C THR B 204 37.33 26.32 -29.23
N ASP B 205 37.01 25.97 -27.99
CA ASP B 205 35.66 25.53 -27.71
C ASP B 205 35.24 25.93 -26.31
N GLY B 206 33.95 26.24 -26.19
CA GLY B 206 33.42 26.66 -24.92
C GLY B 206 33.45 25.51 -23.92
N GLN B 207 33.32 25.83 -22.64
CA GLN B 207 33.26 24.80 -21.62
C GLN B 207 32.34 25.30 -20.51
N SER B 208 31.96 24.40 -19.63
CA SER B 208 30.99 24.79 -18.62
C SER B 208 31.27 24.00 -17.36
N PHE B 209 30.81 24.56 -16.26
CA PHE B 209 30.91 23.97 -14.94
C PHE B 209 32.37 23.84 -14.52
N HIS B 210 33.22 24.72 -15.03
CA HIS B 210 34.60 24.76 -14.59
C HIS B 210 34.81 25.76 -13.46
N VAL B 211 35.93 25.61 -12.78
CA VAL B 211 36.34 26.55 -11.74
C VAL B 211 37.38 27.47 -12.36
N ALA B 212 37.29 28.76 -12.06
CA ALA B 212 38.26 29.72 -12.55
C ALA B 212 38.79 30.49 -11.35
N LEU B 213 40.10 30.49 -11.20
CA LEU B 213 40.75 31.15 -10.08
C LEU B 213 41.61 32.28 -10.61
N ALA B 214 41.43 33.46 -10.05
CA ALA B 214 42.13 34.65 -10.47
C ALA B 214 42.95 35.17 -9.31
N ARG B 215 44.04 35.85 -9.65
CA ARG B 215 44.83 36.60 -8.69
C ARG B 215 45.56 37.67 -9.47
N GLN B 216 45.29 38.93 -9.17
CA GLN B 216 46.18 40.03 -9.48
C GLN B 216 46.56 40.01 -10.96
N ASP B 217 45.52 40.06 -11.80
CA ASP B 217 45.47 40.13 -13.27
C ASP B 217 45.89 38.86 -14.01
N CYS B 218 46.04 37.71 -13.34
CA CYS B 218 46.15 36.43 -14.03
C CYS B 218 45.02 35.52 -13.55
N VAL B 219 44.41 34.79 -14.48
CA VAL B 219 43.35 33.84 -14.16
C VAL B 219 43.68 32.43 -14.67
N TYR B 220 43.56 31.43 -13.76
CA TYR B 220 43.80 30.00 -14.05
C TYR B 220 42.46 29.31 -14.07
N PHE B 221 42.08 28.82 -15.25
CA PHE B 221 40.89 28.00 -15.43
C PHE B 221 41.26 26.54 -15.31
N LEU B 222 40.68 25.87 -14.33
CA LEU B 222 40.96 24.45 -14.14
C LEU B 222 39.89 23.67 -14.90
N GLY B 223 39.85 22.36 -14.67
CA GLY B 223 39.19 21.41 -15.53
C GLY B 223 37.72 21.70 -15.67
N GLY B 224 37.24 21.80 -16.90
CA GLY B 224 35.83 21.98 -17.18
C GLY B 224 35.18 20.69 -17.64
N HIS B 225 34.03 20.85 -18.26
CA HIS B 225 33.44 19.78 -19.03
C HIS B 225 33.11 20.41 -20.37
N ILE B 226 33.55 19.79 -21.44
CA ILE B 226 33.22 20.22 -22.79
C ILE B 226 32.13 19.29 -23.32
N LEU B 227 31.06 19.87 -23.87
CA LEU B 227 29.85 19.11 -24.18
C LEU B 227 29.77 18.74 -25.65
N SER B 228 30.48 19.46 -26.52
CA SER B 228 30.59 19.05 -27.92
C SER B 228 31.27 17.69 -28.03
N SER B 229 32.46 17.55 -27.45
CA SER B 229 33.22 16.32 -27.59
C SER B 229 33.07 15.37 -26.40
N ASP B 230 32.28 15.73 -25.38
CA ASP B 230 32.01 14.85 -24.24
C ASP B 230 33.30 14.30 -23.61
N CYS B 231 34.30 15.16 -23.50
CA CYS B 231 35.57 14.87 -22.87
C CYS B 231 35.71 15.79 -21.66
N ARG B 232 36.52 15.38 -20.70
CA ARG B 232 36.82 16.31 -19.62
C ARG B 232 38.28 16.68 -19.74
N PRO B 233 38.63 17.77 -20.43
CA PRO B 233 40.06 18.05 -20.63
C PRO B 233 40.77 18.29 -19.30
N SER B 234 41.99 17.77 -19.20
CA SER B 234 42.85 18.06 -18.06
C SER B 234 43.79 19.22 -18.31
N ARG B 235 43.72 19.84 -19.49
CA ARG B 235 44.56 20.98 -19.78
C ARG B 235 44.11 22.23 -19.04
N LEU B 236 45.00 22.76 -18.21
CA LEU B 236 44.73 23.94 -17.40
C LEU B 236 45.03 25.15 -18.27
N ILE B 237 44.15 26.14 -18.24
CA ILE B 237 44.30 27.35 -19.03
C ILE B 237 44.77 28.50 -18.15
N ARG B 238 45.66 29.33 -18.67
CA ARG B 238 46.10 30.51 -17.93
C ARG B 238 46.06 31.73 -18.85
N LEU B 239 45.26 32.72 -18.49
CA LEU B 239 45.19 33.93 -19.30
C LEU B 239 45.56 35.14 -18.45
N HIS B 240 46.21 36.09 -19.11
CA HIS B 240 46.90 37.21 -18.47
C HIS B 240 46.37 38.46 -19.16
N VAL B 241 45.70 39.33 -18.41
CA VAL B 241 45.16 40.55 -19.00
C VAL B 241 46.01 41.74 -18.59
N GLU B 242 45.82 42.85 -19.30
CA GLU B 242 46.30 44.16 -18.86
C GLU B 242 45.45 45.25 -19.46
N LEU B 243 45.04 46.20 -18.61
CA LEU B 243 44.09 47.25 -18.97
C LEU B 243 44.93 48.45 -19.39
N LEU B 244 45.18 48.54 -20.68
CA LEU B 244 45.77 49.72 -21.31
C LEU B 244 44.62 50.49 -21.94
N LEU B 245 44.51 51.78 -21.64
CA LEU B 245 43.43 52.56 -22.23
C LEU B 245 43.82 52.89 -23.66
N GLY B 246 42.93 52.52 -24.59
CA GLY B 246 41.57 52.14 -24.26
C GLY B 246 41.19 50.69 -24.44
N SER B 247 42.17 49.85 -24.79
CA SER B 247 41.91 48.48 -25.23
C SER B 247 42.57 47.50 -24.27
N PRO B 248 41.79 46.71 -23.53
CA PRO B 248 42.36 45.79 -22.52
C PRO B 248 42.96 44.58 -23.21
N VAL B 249 44.24 44.70 -23.56
CA VAL B 249 44.97 43.61 -24.20
C VAL B 249 45.06 42.38 -23.30
N LEU B 250 45.03 41.20 -23.94
CA LEU B 250 44.61 39.97 -23.27
C LEU B 250 45.32 38.81 -23.96
N THR B 251 46.21 38.12 -23.24
CA THR B 251 47.00 37.02 -23.76
C THR B 251 46.56 35.75 -23.05
N CYS B 252 46.95 34.61 -23.62
CA CYS B 252 46.49 33.32 -23.12
C CYS B 252 47.50 32.25 -23.47
N THR B 253 47.58 31.25 -22.60
CA THR B 253 48.41 30.08 -22.83
C THR B 253 47.65 28.85 -22.34
N ILE B 254 47.94 27.73 -22.98
CA ILE B 254 47.50 26.42 -22.53
C ILE B 254 48.65 25.89 -21.69
N LEU B 255 48.36 25.48 -20.46
CA LEU B 255 49.40 24.89 -19.63
C LEU B 255 49.26 23.37 -19.64
N HIS B 256 50.34 22.68 -19.28
CA HIS B 256 50.53 21.30 -19.71
C HIS B 256 49.46 20.40 -19.12
N GLU B 257 49.35 20.37 -17.79
CA GLU B 257 48.41 19.48 -17.12
C GLU B 257 47.72 20.23 -15.99
N GLY B 258 46.40 20.11 -15.92
CA GLY B 258 45.67 20.58 -14.76
C GLY B 258 44.99 19.39 -14.11
N LEU B 259 43.71 19.22 -14.37
CA LEU B 259 42.84 18.46 -13.48
C LEU B 259 41.49 18.14 -14.11
N THR B 260 41.10 16.87 -14.11
CA THR B 260 39.88 16.44 -14.77
C THR B 260 38.81 16.42 -13.68
N ILE B 261 38.31 17.61 -13.35
CA ILE B 261 37.16 17.74 -12.46
C ILE B 261 36.08 18.56 -13.16
N THR B 262 34.87 18.51 -12.61
CA THR B 262 33.75 19.36 -12.99
C THR B 262 32.95 19.71 -11.75
N SER B 263 32.50 20.96 -11.63
CA SER B 263 31.52 21.34 -10.60
C SER B 263 32.09 21.11 -9.21
N ALA B 264 33.16 21.83 -8.90
CA ALA B 264 33.93 21.58 -7.69
C ALA B 264 33.54 22.52 -6.57
N ILE B 265 34.13 22.30 -5.39
CA ILE B 265 33.97 23.17 -4.23
C ILE B 265 35.36 23.67 -3.88
N ALA B 266 35.58 24.97 -4.04
CA ALA B 266 36.87 25.63 -3.83
C ALA B 266 36.84 26.43 -2.52
N SER B 267 37.18 25.78 -1.43
CA SER B 267 37.19 26.63 -0.25
C SER B 267 38.51 27.39 -0.18
N PRO B 268 38.49 28.65 0.26
CA PRO B 268 39.76 29.34 0.47
C PRO B 268 40.23 29.14 1.91
N ILE B 269 41.54 28.88 2.07
CA ILE B 269 42.10 28.68 3.41
C ILE B 269 43.19 29.69 3.68
N GLY B 270 43.87 30.12 2.63
CA GLY B 270 45.06 30.94 2.82
C GLY B 270 44.86 32.29 2.20
N TYR B 271 45.97 32.97 1.87
CA TYR B 271 45.87 34.24 1.17
C TYR B 271 45.42 34.06 -0.29
N HIS B 272 46.12 33.20 -1.02
CA HIS B 272 45.72 32.85 -2.37
C HIS B 272 45.73 31.34 -2.56
N GLU B 273 45.34 30.61 -1.51
CA GLU B 273 45.44 29.16 -1.52
C GLU B 273 44.06 28.58 -1.26
N TYR B 274 43.65 27.65 -2.10
CA TYR B 274 42.35 27.00 -2.01
C TYR B 274 42.51 25.49 -1.91
N ILE B 275 41.38 24.84 -1.70
CA ILE B 275 41.29 23.40 -1.64
C ILE B 275 40.06 23.02 -2.42
N ILE B 276 40.20 21.99 -3.24
CA ILE B 276 39.21 21.60 -4.22
C ILE B 276 38.60 20.34 -3.67
N PHE B 277 37.31 20.43 -3.38
CA PHE B 277 36.61 19.35 -2.71
C PHE B 277 35.94 18.38 -3.67
N GLY B 278 35.90 18.70 -4.95
CA GLY B 278 35.56 17.63 -5.85
C GLY B 278 34.12 17.66 -6.30
N GLY B 279 33.91 17.69 -7.61
CA GLY B 279 32.62 17.33 -8.14
C GLY B 279 32.79 15.96 -8.73
N TYR B 280 32.96 15.87 -10.05
CA TYR B 280 32.87 14.59 -10.74
C TYR B 280 34.06 14.47 -11.69
N GLN B 281 34.65 13.27 -11.72
CA GLN B 281 35.77 12.93 -12.61
C GLN B 281 35.25 12.41 -13.96
N SER B 282 34.41 11.38 -13.95
CA SER B 282 33.79 10.81 -15.15
C SER B 282 32.30 10.77 -14.95
N GLU B 283 31.57 10.50 -16.05
CA GLU B 283 30.13 10.67 -16.02
C GLU B 283 29.45 9.78 -14.99
N THR B 284 30.12 8.74 -14.52
CA THR B 284 29.52 7.79 -13.59
C THR B 284 30.17 7.81 -12.22
N GLN B 285 31.30 8.51 -12.08
CA GLN B 285 32.25 8.27 -10.98
C GLN B 285 32.72 9.61 -10.43
N LYS B 286 32.20 9.98 -9.28
CA LYS B 286 32.50 11.27 -8.67
C LYS B 286 33.89 11.27 -8.05
N ARG B 287 34.54 12.44 -8.06
CA ARG B 287 35.92 12.55 -7.64
C ARG B 287 35.95 12.58 -6.12
N MET B 288 36.62 11.61 -5.52
CA MET B 288 36.47 11.34 -4.11
C MET B 288 37.64 11.87 -3.28
N GLU B 289 38.68 12.38 -3.94
CA GLU B 289 39.89 12.83 -3.27
C GLU B 289 39.94 14.35 -3.29
N CYS B 290 40.53 14.90 -2.25
CA CYS B 290 40.66 16.34 -2.09
C CYS B 290 42.00 16.79 -2.68
N THR B 291 42.08 18.07 -3.05
CA THR B 291 43.30 18.56 -3.68
C THR B 291 43.59 19.98 -3.23
N TYR B 292 44.80 20.22 -2.73
CA TYR B 292 45.23 21.55 -2.33
C TYR B 292 45.79 22.21 -3.58
N VAL B 293 45.43 23.47 -3.76
CA VAL B 293 45.83 24.28 -4.91
C VAL B 293 46.35 25.59 -4.36
N GLY B 294 47.66 25.70 -4.25
CA GLY B 294 48.28 26.98 -3.97
C GLY B 294 48.65 27.62 -5.29
N LEU B 295 48.58 28.93 -5.35
CA LEU B 295 49.02 29.59 -6.58
C LEU B 295 49.84 30.83 -6.29
N ASP B 296 50.90 30.99 -7.07
CA ASP B 296 51.85 32.08 -6.86
C ASP B 296 52.00 32.75 -8.24
N ASP B 297 53.08 33.51 -8.43
CA ASP B 297 53.38 34.16 -9.70
C ASP B 297 54.30 33.33 -10.59
N VAL B 298 54.89 32.24 -10.07
CA VAL B 298 55.49 31.23 -10.93
C VAL B 298 54.38 30.47 -11.64
N GLY B 299 53.35 30.11 -10.89
CA GLY B 299 52.17 29.48 -11.44
C GLY B 299 51.36 28.86 -10.31
N VAL B 300 50.64 27.81 -10.65
CA VAL B 300 49.85 27.09 -9.67
C VAL B 300 50.65 25.86 -9.24
N HIS B 301 50.57 25.50 -7.98
CA HIS B 301 51.17 24.28 -7.49
C HIS B 301 50.01 23.47 -6.89
N MET B 302 50.24 22.19 -6.71
CA MET B 302 49.07 21.32 -6.58
C MET B 302 49.44 20.00 -5.93
N GLU B 303 48.73 19.63 -4.87
CA GLU B 303 49.10 18.40 -4.17
C GLU B 303 47.87 17.72 -3.57
N SER B 304 47.85 16.40 -3.66
CA SER B 304 46.80 15.62 -3.02
C SER B 304 46.99 15.69 -1.52
N ARG B 305 45.94 16.05 -0.80
CA ARG B 305 45.89 15.76 0.62
C ARG B 305 45.08 14.48 0.80
N GLU B 306 45.25 13.86 1.98
CA GLU B 306 44.43 12.65 1.95
C GLU B 306 43.03 12.97 2.44
N PRO B 307 42.02 12.41 1.78
CA PRO B 307 40.65 12.80 2.07
C PRO B 307 40.17 12.20 3.38
N PRO B 308 39.16 12.79 3.99
CA PRO B 308 38.53 12.13 5.14
C PRO B 308 37.91 10.82 4.71
N GLN B 309 37.63 9.98 5.70
CA GLN B 309 36.98 8.68 5.50
C GLN B 309 35.51 8.89 5.15
N TRP B 310 35.21 8.90 3.85
CA TRP B 310 33.84 9.11 3.41
C TRP B 310 32.97 8.01 4.00
N THR B 311 31.91 8.42 4.71
CA THR B 311 30.87 7.51 5.18
C THR B 311 30.41 6.64 4.00
N SER B 312 29.79 5.51 4.29
CA SER B 312 29.19 4.68 3.25
C SER B 312 28.06 5.42 2.55
N GLU B 313 27.40 6.31 3.28
CA GLU B 313 26.24 7.01 2.73
C GLU B 313 26.68 7.99 1.64
N ILE B 314 27.71 8.81 1.90
CA ILE B 314 28.21 9.77 0.92
C ILE B 314 29.08 9.08 -0.12
N SER B 315 29.33 7.78 0.04
CA SER B 315 30.04 6.99 -0.94
C SER B 315 29.12 6.29 -1.92
N HIS B 316 27.92 5.87 -1.48
CA HIS B 316 27.01 5.21 -2.39
C HIS B 316 25.95 6.13 -3.00
N SER B 317 26.04 7.45 -2.81
CA SER B 317 25.09 8.31 -3.50
C SER B 317 25.40 8.34 -5.00
N ARG B 318 24.37 8.64 -5.78
CA ARG B 318 24.62 8.78 -7.22
C ARG B 318 25.16 10.17 -7.54
N THR B 319 24.50 11.19 -7.03
CA THR B 319 24.94 12.56 -7.26
C THR B 319 25.26 13.17 -5.91
N TRP B 320 25.82 14.37 -5.94
CA TRP B 320 26.08 15.16 -4.74
C TRP B 320 26.50 16.55 -5.17
N PHE B 321 26.34 17.51 -4.26
CA PHE B 321 26.71 18.89 -4.48
C PHE B 321 27.00 19.54 -3.13
N GLY B 322 27.34 20.83 -3.17
CA GLY B 322 27.51 21.60 -1.96
C GLY B 322 28.44 22.77 -2.21
N GLY B 323 28.92 23.35 -1.13
CA GLY B 323 29.72 24.56 -1.31
C GLY B 323 30.43 24.96 -0.05
N SER B 324 31.30 25.95 -0.21
CA SER B 324 32.31 26.31 0.78
C SER B 324 31.73 27.28 1.80
N LEU B 325 31.78 26.91 3.09
CA LEU B 325 31.44 27.89 4.11
C LEU B 325 32.60 28.83 4.38
N GLY B 326 33.62 28.77 3.51
CA GLY B 326 34.80 29.61 3.61
C GLY B 326 35.76 29.28 4.73
N LYS B 327 36.99 29.75 4.57
CA LYS B 327 38.02 29.58 5.59
C LYS B 327 38.27 28.09 5.81
N GLY B 328 38.50 27.39 4.71
CA GLY B 328 38.79 25.97 4.71
C GLY B 328 37.69 25.09 5.26
N THR B 329 36.44 25.59 5.28
CA THR B 329 35.31 24.82 5.77
C THR B 329 34.29 24.80 4.64
N ALA B 330 33.61 23.67 4.44
CA ALA B 330 32.58 23.60 3.42
C ALA B 330 31.40 22.73 3.85
N LEU B 331 30.28 22.90 3.13
CA LEU B 331 29.06 22.16 3.37
C LEU B 331 28.82 21.26 2.17
N VAL B 332 28.53 19.98 2.40
CA VAL B 332 28.22 19.06 1.32
C VAL B 332 26.87 18.40 1.60
N ALA B 333 26.23 17.97 0.53
CA ALA B 333 24.87 17.47 0.57
C ALA B 333 24.74 16.22 -0.30
N ILE B 334 23.96 15.27 0.20
CA ILE B 334 23.74 13.96 -0.39
C ILE B 334 22.24 13.75 -0.53
N PRO B 335 21.74 13.35 -1.69
CA PRO B 335 20.33 12.98 -1.76
C PRO B 335 20.09 11.76 -0.89
N SER B 336 18.90 11.68 -0.32
CA SER B 336 18.57 10.60 0.61
C SER B 336 17.43 9.75 0.09
N GLU B 337 17.49 8.46 0.37
CA GLU B 337 16.49 7.50 -0.09
C GLU B 337 15.84 6.85 1.12
N GLY B 338 14.53 6.94 1.20
CA GLY B 338 13.79 6.23 2.21
C GLY B 338 12.36 6.05 1.76
N ASN B 339 11.67 5.17 2.47
CA ASN B 339 10.24 4.99 2.29
C ASN B 339 9.59 4.87 3.66
N PRO B 340 8.72 5.82 4.05
CA PRO B 340 8.34 7.00 3.26
C PRO B 340 9.44 8.03 3.04
N THR B 341 9.14 9.04 2.23
CA THR B 341 10.08 10.12 1.98
C THR B 341 10.35 10.82 3.32
N PRO B 342 11.59 11.21 3.60
CA PRO B 342 11.97 11.56 4.96
C PRO B 342 11.14 12.69 5.56
N PRO B 343 10.73 13.73 4.81
CA PRO B 343 10.87 14.27 3.46
C PRO B 343 12.05 15.20 3.40
N GLU B 344 12.89 15.06 4.41
CA GLU B 344 14.20 15.68 4.37
C GLU B 344 14.94 15.06 3.20
N ALA B 345 15.08 15.83 2.13
CA ALA B 345 15.54 15.29 0.86
C ALA B 345 17.05 15.09 0.82
N TYR B 346 17.79 15.74 1.70
CA TYR B 346 19.24 15.71 1.62
C TYR B 346 19.84 15.56 3.01
N HIS B 347 20.76 14.60 3.13
CA HIS B 347 21.68 14.52 4.25
C HIS B 347 22.84 15.50 4.06
N PHE B 348 23.29 16.10 5.16
CA PHE B 348 24.31 17.14 5.13
C PHE B 348 25.54 16.75 5.93
N TYR B 349 26.70 17.14 5.42
CA TYR B 349 27.96 16.99 6.15
C TYR B 349 28.65 18.34 6.19
N GLN B 350 29.47 18.53 7.22
CA GLN B 350 30.39 19.66 7.34
C GLN B 350 31.81 19.15 7.24
N VAL B 351 32.52 19.64 6.25
CA VAL B 351 33.93 19.33 6.08
C VAL B 351 34.76 20.52 6.53
N SER B 352 35.97 20.19 6.97
CA SER B 352 36.90 21.13 7.57
C SER B 352 38.34 20.69 7.26
N PHE B 353 39.21 21.68 7.06
CA PHE B 353 40.62 21.46 6.78
C PHE B 353 41.46 21.66 8.04
N GLN B 354 42.36 20.72 8.29
CA GLN B 354 43.20 20.67 9.49
C GLN B 354 42.40 20.70 10.79
N GLY C 608 -26.29 -16.46 -33.15
CA GLY C 608 -26.63 -16.78 -31.76
C GLY C 608 -25.70 -17.80 -31.07
N LEU C 609 -25.25 -17.49 -29.85
CA LEU C 609 -24.45 -18.40 -29.00
C LEU C 609 -25.25 -18.99 -27.84
N HIS C 610 -24.87 -20.21 -27.44
CA HIS C 610 -25.45 -20.83 -26.26
C HIS C 610 -25.14 -19.96 -25.04
N PRO C 611 -26.10 -19.78 -24.12
CA PRO C 611 -25.82 -19.00 -22.91
C PRO C 611 -24.68 -19.50 -22.04
N ALA C 612 -24.46 -20.80 -21.97
CA ALA C 612 -23.28 -21.35 -21.30
C ALA C 612 -21.98 -20.77 -21.87
N VAL C 613 -21.83 -20.80 -23.19
CA VAL C 613 -20.60 -20.32 -23.80
C VAL C 613 -20.34 -18.89 -23.33
N CYS C 614 -21.36 -18.04 -23.36
CA CYS C 614 -21.12 -16.64 -23.06
C CYS C 614 -20.92 -16.44 -21.55
N LEU C 615 -21.61 -17.21 -20.71
CA LEU C 615 -21.28 -17.22 -19.30
C LEU C 615 -19.77 -17.43 -19.13
N ALA C 616 -19.23 -18.44 -19.80
CA ALA C 616 -17.81 -18.74 -19.68
C ALA C 616 -16.96 -17.63 -20.24
N ILE C 617 -17.41 -16.99 -21.32
CA ILE C 617 -16.71 -15.83 -21.86
C ILE C 617 -16.60 -14.75 -20.78
N ARG C 618 -17.64 -14.61 -19.95
CA ARG C 618 -17.65 -13.49 -19.00
C ARG C 618 -16.80 -13.84 -17.78
N VAL C 619 -16.81 -15.10 -17.36
CA VAL C 619 -15.96 -15.52 -16.26
C VAL C 619 -14.51 -15.59 -16.71
N ASN C 620 -14.26 -16.16 -17.90
CA ASN C 620 -12.88 -16.47 -18.25
C ASN C 620 -12.10 -15.28 -18.75
N THR C 621 -12.73 -14.13 -19.02
CA THR C 621 -11.96 -12.99 -19.49
C THR C 621 -11.94 -11.86 -18.46
N PHE C 622 -12.51 -12.10 -17.28
CA PHE C 622 -12.48 -11.16 -16.16
C PHE C 622 -13.26 -9.89 -16.52
N LEU C 623 -14.57 -10.03 -16.51
CA LEU C 623 -15.41 -8.88 -16.79
C LEU C 623 -16.45 -8.68 -15.70
N SER C 624 -16.66 -7.41 -15.36
CA SER C 624 -17.79 -7.02 -14.55
C SER C 624 -19.11 -7.39 -15.21
N CYS C 625 -20.18 -7.19 -14.45
CA CYS C 625 -21.49 -7.15 -15.06
C CYS C 625 -21.66 -5.90 -15.92
N SER C 626 -21.22 -4.75 -15.40
CA SER C 626 -21.49 -3.53 -16.13
C SER C 626 -20.60 -3.38 -17.37
N GLN C 627 -19.36 -3.87 -17.35
CA GLN C 627 -18.54 -3.88 -18.56
C GLN C 627 -19.10 -4.81 -19.63
N TYR C 628 -19.45 -6.03 -19.23
CA TYR C 628 -19.99 -7.00 -20.17
C TYR C 628 -21.27 -6.45 -20.78
N HIS C 629 -22.14 -5.85 -19.96
CA HIS C 629 -23.37 -5.24 -20.45
C HIS C 629 -23.12 -4.10 -21.45
N LYS C 630 -22.20 -3.18 -21.13
CA LYS C 630 -21.79 -2.14 -22.11
C LYS C 630 -21.41 -2.72 -23.46
N MET C 631 -20.72 -3.87 -23.44
CA MET C 631 -20.28 -4.47 -24.68
C MET C 631 -21.45 -5.15 -25.36
N TYR C 632 -22.32 -5.77 -24.55
CA TYR C 632 -23.45 -6.49 -25.12
C TYR C 632 -24.39 -5.52 -25.83
N ARG C 633 -24.77 -4.42 -25.17
CA ARG C 633 -25.62 -3.47 -25.88
C ARG C 633 -24.90 -2.90 -27.10
N THR C 634 -23.56 -2.75 -27.04
CA THR C 634 -22.84 -2.13 -28.15
C THR C 634 -22.81 -3.03 -29.38
N VAL C 635 -22.36 -4.27 -29.22
CA VAL C 635 -22.38 -5.23 -30.32
C VAL C 635 -23.80 -5.59 -30.76
N LYS C 636 -24.81 -5.26 -29.94
CA LYS C 636 -26.22 -5.49 -30.28
C LYS C 636 -26.87 -4.34 -31.02
N ALA C 637 -26.32 -3.14 -30.98
CA ALA C 637 -26.98 -2.15 -31.82
C ALA C 637 -26.27 -1.93 -33.14
N THR C 638 -24.93 -2.00 -33.20
CA THR C 638 -24.24 -2.34 -34.45
C THR C 638 -24.38 -3.83 -34.77
N SER C 639 -24.93 -4.16 -35.94
CA SER C 639 -25.10 -5.55 -36.40
C SER C 639 -25.86 -6.40 -35.37
N GLY C 640 -27.13 -6.07 -35.18
CA GLY C 640 -27.93 -6.79 -34.22
C GLY C 640 -29.28 -7.15 -34.79
N ARG C 641 -29.65 -8.43 -34.95
CA ARG C 641 -29.06 -9.70 -34.49
C ARG C 641 -28.18 -9.75 -33.22
N GLN C 642 -28.79 -10.32 -32.18
CA GLN C 642 -28.16 -10.49 -30.88
C GLN C 642 -27.08 -11.56 -30.91
N ILE C 643 -25.87 -11.24 -30.46
CA ILE C 643 -24.81 -12.24 -30.47
C ILE C 643 -24.58 -12.82 -29.09
N PHE C 644 -24.39 -11.94 -28.10
CA PHE C 644 -24.22 -12.26 -26.69
C PHE C 644 -25.56 -12.37 -25.99
N GLN C 645 -25.57 -13.12 -24.93
CA GLN C 645 -26.81 -13.14 -24.19
C GLN C 645 -26.82 -11.99 -23.18
N PRO C 646 -27.99 -11.55 -22.74
CA PRO C 646 -28.03 -10.58 -21.64
C PRO C 646 -27.67 -11.20 -20.30
N LEU C 647 -27.51 -10.33 -19.31
CA LEU C 647 -26.94 -10.72 -18.02
C LEU C 647 -27.86 -11.65 -17.24
N HIS C 648 -29.12 -11.26 -17.10
CA HIS C 648 -30.04 -12.01 -16.24
C HIS C 648 -30.24 -13.44 -16.69
N THR C 649 -29.90 -13.77 -17.95
CA THR C 649 -30.00 -15.15 -18.41
C THR C 649 -28.70 -15.90 -18.23
N LEU C 650 -27.66 -15.18 -17.84
CA LEU C 650 -26.48 -15.88 -17.41
C LEU C 650 -26.57 -16.16 -15.92
N ARG C 651 -27.09 -15.18 -15.16
CA ARG C 651 -27.36 -15.48 -13.75
C ARG C 651 -28.23 -16.73 -13.61
N ASN C 652 -29.18 -16.92 -14.55
CA ASN C 652 -30.04 -18.11 -14.52
C ASN C 652 -29.32 -19.32 -15.12
N ALA C 653 -28.40 -19.07 -16.08
CA ALA C 653 -27.67 -20.16 -16.72
C ALA C 653 -26.70 -20.87 -15.78
N GLU C 654 -26.13 -20.13 -14.82
CA GLU C 654 -25.04 -20.67 -14.01
C GLU C 654 -25.57 -21.54 -12.89
N LYS C 655 -26.79 -21.27 -12.43
CA LYS C 655 -27.30 -22.00 -11.27
C LYS C 655 -27.33 -23.50 -11.50
N GLU C 656 -27.14 -23.96 -12.75
CA GLU C 656 -26.83 -25.37 -13.00
C GLU C 656 -25.39 -25.75 -12.67
N LEU C 657 -24.47 -24.77 -12.56
CA LEU C 657 -23.05 -25.04 -12.35
C LEU C 657 -22.53 -24.76 -10.95
N LEU C 658 -23.21 -23.94 -10.15
CA LEU C 658 -22.78 -23.71 -8.77
C LEU C 658 -23.15 -24.91 -7.91
N PRO C 659 -22.56 -25.04 -6.75
CA PRO C 659 -22.97 -26.11 -5.85
C PRO C 659 -24.36 -25.86 -5.27
N GLY C 660 -25.07 -26.95 -5.01
CA GLY C 660 -26.43 -26.87 -4.54
C GLY C 660 -27.55 -27.05 -5.56
N PHE C 661 -27.31 -27.77 -6.66
CA PHE C 661 -28.34 -27.87 -7.71
C PHE C 661 -28.83 -29.29 -7.98
N HIS C 662 -27.95 -30.28 -8.04
CA HIS C 662 -28.40 -31.64 -8.30
C HIS C 662 -28.80 -32.36 -7.02
N GLN C 663 -29.72 -33.32 -7.18
CA GLN C 663 -30.22 -34.12 -6.07
C GLN C 663 -29.44 -35.41 -5.99
N PHE C 664 -28.99 -35.74 -4.80
CA PHE C 664 -28.21 -36.93 -4.53
C PHE C 664 -28.67 -37.49 -3.20
N GLU C 665 -28.09 -38.63 -2.82
CA GLU C 665 -28.34 -39.12 -1.48
C GLU C 665 -27.29 -40.16 -1.12
N TRP C 666 -27.01 -40.28 0.16
CA TRP C 666 -26.00 -41.18 0.70
C TRP C 666 -26.63 -42.44 1.28
N GLN C 667 -25.92 -43.57 1.19
CA GLN C 667 -26.36 -44.75 1.93
C GLN C 667 -25.14 -45.42 2.56
N PRO C 668 -25.11 -45.58 3.89
CA PRO C 668 -26.15 -45.16 4.84
C PRO C 668 -26.16 -43.65 5.00
N ALA C 669 -27.12 -43.03 5.71
CA ALA C 669 -27.09 -41.57 5.81
C ALA C 669 -25.76 -41.11 6.41
N LEU C 670 -25.41 -39.85 6.17
CA LEU C 670 -24.14 -39.30 6.66
C LEU C 670 -24.22 -38.99 8.15
N LYS C 671 -23.16 -39.33 8.86
CA LYS C 671 -23.15 -39.13 10.30
C LYS C 671 -22.94 -37.65 10.62
N ASN C 672 -23.89 -37.10 11.41
CA ASN C 672 -24.01 -35.69 11.76
C ASN C 672 -23.77 -34.75 10.57
N VAL C 673 -24.29 -35.12 9.40
CA VAL C 673 -24.42 -34.22 8.25
C VAL C 673 -25.88 -34.15 7.82
N SER C 674 -26.35 -32.93 7.53
CA SER C 674 -27.78 -32.73 7.24
C SER C 674 -28.17 -33.38 5.89
N THR C 675 -29.47 -33.63 5.73
CA THR C 675 -29.94 -34.34 4.56
C THR C 675 -30.35 -33.43 3.42
N SER C 676 -30.25 -32.12 3.58
CA SER C 676 -30.59 -31.20 2.51
C SER C 676 -29.53 -31.28 1.42
N TRP C 677 -29.95 -31.23 0.16
CA TRP C 677 -29.05 -31.45 -0.95
C TRP C 677 -28.92 -30.23 -1.83
N ASP C 678 -29.52 -29.10 -1.42
CA ASP C 678 -29.66 -27.91 -2.27
C ASP C 678 -29.01 -26.68 -1.64
N VAL C 679 -28.05 -26.89 -0.74
CA VAL C 679 -27.39 -25.79 -0.06
C VAL C 679 -26.25 -25.28 -0.90
N GLY C 680 -26.07 -23.96 -0.88
CA GLY C 680 -25.11 -23.30 -1.74
C GLY C 680 -23.84 -22.78 -1.08
N ILE C 681 -23.81 -21.47 -0.84
CA ILE C 681 -22.73 -20.77 -0.14
C ILE C 681 -23.18 -20.47 1.27
N ILE C 682 -22.51 -21.04 2.25
CA ILE C 682 -22.77 -20.72 3.65
C ILE C 682 -21.65 -19.79 4.10
N ASP C 683 -21.88 -19.11 5.22
CA ASP C 683 -20.80 -18.43 5.94
C ASP C 683 -20.11 -19.45 6.85
N GLY C 684 -18.78 -19.36 6.97
CA GLY C 684 -17.98 -20.42 7.60
C GLY C 684 -18.00 -20.53 9.10
N LEU C 685 -18.63 -19.60 9.79
CA LEU C 685 -18.64 -19.63 11.25
C LEU C 685 -19.48 -20.80 11.77
N SER C 686 -20.41 -21.31 10.97
CA SER C 686 -21.07 -22.58 11.22
C SER C 686 -21.89 -22.53 12.51
N GLY C 687 -22.42 -21.35 12.80
CA GLY C 687 -23.35 -21.12 13.88
C GLY C 687 -22.66 -20.68 15.13
N TRP C 688 -21.56 -19.94 14.99
CA TRP C 688 -20.76 -19.49 16.12
C TRP C 688 -21.58 -18.51 16.96
N THR C 689 -22.06 -18.94 18.13
CA THR C 689 -22.93 -18.05 18.90
C THR C 689 -22.13 -16.83 19.31
N VAL C 690 -22.69 -15.65 19.13
CA VAL C 690 -21.84 -14.48 19.00
C VAL C 690 -21.93 -13.69 20.31
N SER C 691 -22.11 -14.38 21.43
CA SER C 691 -21.99 -13.68 22.70
C SER C 691 -20.59 -13.03 22.82
N VAL C 692 -20.49 -12.01 23.67
CA VAL C 692 -19.27 -11.22 23.86
C VAL C 692 -18.34 -11.82 24.90
N ASP C 693 -18.86 -12.66 25.78
CA ASP C 693 -18.03 -13.29 26.80
C ASP C 693 -17.28 -14.51 26.30
N ASP C 694 -17.68 -15.08 25.16
CA ASP C 694 -16.96 -16.23 24.62
C ASP C 694 -15.83 -15.65 23.79
N VAL C 695 -15.02 -16.51 23.17
CA VAL C 695 -13.96 -15.96 22.31
C VAL C 695 -14.65 -15.32 21.11
N PRO C 696 -14.21 -14.15 20.63
CA PRO C 696 -15.02 -13.44 19.64
C PRO C 696 -15.16 -14.21 18.33
N ALA C 697 -16.23 -13.88 17.61
CA ALA C 697 -16.49 -14.37 16.26
C ALA C 697 -16.06 -13.36 15.20
N ASP C 698 -14.75 -13.08 15.23
CA ASP C 698 -14.18 -12.04 14.39
C ASP C 698 -14.00 -12.53 12.97
N THR C 699 -13.85 -13.84 12.82
CA THR C 699 -13.44 -14.41 11.55
C THR C 699 -14.47 -14.09 10.50
N ILE C 700 -14.00 -13.81 9.29
CA ILE C 700 -14.86 -13.79 8.12
C ILE C 700 -14.49 -14.96 7.26
N SER C 701 -15.45 -15.85 7.03
CA SER C 701 -15.19 -17.05 6.26
C SER C 701 -16.44 -17.49 5.53
N ARG C 702 -16.21 -18.11 4.39
CA ARG C 702 -17.29 -18.57 3.54
C ARG C 702 -16.87 -19.90 2.98
N ARG C 703 -17.86 -20.69 2.61
CA ARG C 703 -17.54 -22.03 2.19
C ARG C 703 -18.76 -22.68 1.61
N PHE C 704 -18.48 -23.65 0.78
CA PHE C 704 -19.43 -24.62 0.31
C PHE C 704 -19.46 -25.80 1.27
N ARG C 705 -20.62 -26.41 1.41
CA ARG C 705 -20.74 -27.57 2.28
C ARG C 705 -20.15 -28.77 1.50
N TYR C 706 -19.12 -29.42 2.07
CA TYR C 706 -18.11 -30.19 1.32
C TYR C 706 -18.68 -31.16 0.30
N ASP C 707 -19.61 -32.00 0.74
CA ASP C 707 -20.16 -33.04 -0.10
C ASP C 707 -20.97 -32.48 -1.26
N VAL C 708 -21.69 -31.39 -1.05
CA VAL C 708 -22.44 -30.75 -2.14
C VAL C 708 -21.49 -30.38 -3.27
N ALA C 709 -20.38 -29.73 -2.93
CA ALA C 709 -19.36 -29.37 -3.91
C ALA C 709 -18.71 -30.59 -4.54
N LEU C 710 -18.59 -31.66 -3.78
CA LEU C 710 -18.15 -32.90 -4.37
C LEU C 710 -19.11 -33.31 -5.49
N VAL C 711 -20.40 -33.46 -5.14
CA VAL C 711 -21.42 -33.93 -6.09
C VAL C 711 -21.54 -32.97 -7.26
N SER C 712 -21.26 -31.69 -7.04
CA SER C 712 -21.22 -30.75 -8.15
C SER C 712 -20.07 -31.12 -9.08
N ALA C 713 -18.89 -31.36 -8.52
CA ALA C 713 -17.74 -31.61 -9.39
C ALA C 713 -17.88 -32.94 -10.11
N LEU C 714 -18.60 -33.87 -9.53
CA LEU C 714 -18.83 -35.12 -10.24
C LEU C 714 -19.87 -34.96 -11.36
N LYS C 715 -21.03 -34.34 -11.05
CA LYS C 715 -21.99 -34.07 -12.12
C LYS C 715 -21.39 -33.23 -13.23
N ASP C 716 -20.35 -32.46 -12.93
CA ASP C 716 -19.66 -31.76 -14.00
C ASP C 716 -18.74 -32.69 -14.78
N LEU C 717 -18.18 -33.71 -14.12
CA LEU C 717 -17.39 -34.68 -14.87
C LEU C 717 -18.23 -35.84 -15.37
N GLU C 718 -19.53 -35.62 -15.54
CA GLU C 718 -20.38 -36.73 -15.96
C GLU C 718 -20.20 -37.05 -17.43
N GLU C 719 -19.94 -36.03 -18.26
CA GLU C 719 -19.57 -36.26 -19.65
C GLU C 719 -18.34 -37.17 -19.73
N ASP C 720 -17.31 -36.86 -18.94
CA ASP C 720 -16.04 -37.57 -19.08
C ASP C 720 -16.06 -38.95 -18.44
N ILE C 721 -16.87 -39.18 -17.39
CA ILE C 721 -17.01 -40.54 -16.88
C ILE C 721 -17.79 -41.40 -17.88
N MET C 722 -18.79 -40.82 -18.54
CA MET C 722 -19.52 -41.59 -19.53
C MET C 722 -18.63 -41.93 -20.72
N GLU C 723 -17.84 -40.99 -21.23
CA GLU C 723 -17.08 -41.35 -22.42
C GLU C 723 -15.88 -42.21 -22.04
N GLY C 724 -15.36 -42.06 -20.82
CA GLY C 724 -14.45 -43.06 -20.29
C GLY C 724 -15.05 -44.46 -20.26
N LEU C 725 -16.35 -44.55 -19.96
CA LEU C 725 -17.01 -45.86 -19.99
C LEU C 725 -17.12 -46.38 -21.42
N ARG C 726 -17.56 -45.52 -22.34
CA ARG C 726 -17.74 -45.96 -23.72
C ARG C 726 -16.39 -46.31 -24.35
N GLU C 727 -15.35 -45.53 -24.03
CA GLU C 727 -14.04 -45.73 -24.62
C GLU C 727 -13.38 -47.02 -24.15
N ARG C 728 -13.58 -47.42 -22.90
CA ARG C 728 -13.09 -48.72 -22.44
C ARG C 728 -13.97 -49.86 -22.91
N ALA C 729 -14.95 -49.55 -23.74
CA ALA C 729 -15.86 -50.53 -24.31
C ALA C 729 -16.54 -51.30 -23.18
N LEU C 730 -16.81 -50.60 -22.09
CA LEU C 730 -17.47 -51.16 -20.92
C LEU C 730 -18.95 -50.85 -21.01
N ASP C 731 -19.78 -51.74 -20.51
CA ASP C 731 -21.20 -51.45 -20.62
C ASP C 731 -21.62 -50.44 -19.56
N ASP C 732 -22.76 -49.81 -19.80
CA ASP C 732 -23.17 -48.64 -19.02
C ASP C 732 -24.45 -48.86 -18.22
N SER C 733 -25.38 -49.71 -18.69
CA SER C 733 -26.51 -50.10 -17.86
C SER C 733 -26.07 -50.99 -16.71
N MET C 734 -25.12 -51.89 -16.99
CA MET C 734 -24.36 -52.56 -15.95
C MET C 734 -23.26 -51.61 -15.44
N CYS C 735 -22.56 -52.04 -14.41
CA CYS C 735 -21.47 -51.27 -13.80
C CYS C 735 -21.94 -49.84 -13.52
N THR C 736 -22.90 -49.78 -12.60
CA THR C 736 -23.29 -48.51 -12.01
C THR C 736 -23.22 -48.57 -10.49
N SER C 737 -22.28 -49.34 -9.94
CA SER C 737 -22.33 -49.66 -8.52
C SER C 737 -20.97 -49.47 -7.86
N GLY C 738 -19.89 -49.60 -8.64
CA GLY C 738 -18.58 -49.79 -8.03
C GLY C 738 -17.50 -48.79 -8.34
N PHE C 739 -17.90 -47.54 -8.59
CA PHE C 739 -16.98 -46.49 -8.98
C PHE C 739 -16.16 -46.05 -7.77
N THR C 740 -14.89 -45.68 -8.00
CA THR C 740 -14.00 -45.20 -6.94
C THR C 740 -13.32 -43.95 -7.43
N VAL C 741 -13.52 -42.83 -6.70
CA VAL C 741 -12.95 -41.53 -7.00
C VAL C 741 -11.83 -41.27 -6.01
N VAL C 742 -10.71 -40.73 -6.50
CA VAL C 742 -9.59 -40.37 -5.66
C VAL C 742 -9.46 -38.85 -5.71
N VAL C 743 -9.58 -38.22 -4.53
CA VAL C 743 -9.74 -36.79 -4.36
C VAL C 743 -8.51 -36.22 -3.66
N LYS C 744 -7.84 -35.26 -4.30
CA LYS C 744 -6.70 -34.56 -3.71
C LYS C 744 -7.17 -33.28 -3.05
N GLU C 745 -7.03 -33.19 -1.74
CA GLU C 745 -7.36 -31.99 -0.99
C GLU C 745 -6.08 -31.19 -0.80
N SER C 746 -6.20 -29.94 -0.39
CA SER C 746 -5.06 -29.05 -0.50
C SER C 746 -5.35 -27.72 0.20
N CYS C 747 -4.42 -27.23 1.04
CA CYS C 747 -4.70 -26.01 1.79
C CYS C 747 -3.43 -25.19 1.93
N ASP C 748 -3.57 -23.88 1.77
CA ASP C 748 -2.43 -22.99 1.91
C ASP C 748 -2.85 -21.58 2.27
N GLY C 749 -2.03 -20.97 3.11
CA GLY C 749 -2.18 -19.58 3.48
C GLY C 749 -1.66 -18.65 2.40
N MET C 750 -2.03 -17.37 2.48
CA MET C 750 -1.61 -16.50 1.40
C MET C 750 -1.58 -15.04 1.83
N GLY C 751 -0.45 -14.37 1.57
CA GLY C 751 -0.17 -13.06 2.10
C GLY C 751 -0.39 -11.97 1.07
N ASP C 752 -0.22 -10.72 1.51
CA ASP C 752 -0.27 -9.52 0.67
C ASP C 752 -1.51 -9.43 -0.22
N VAL C 753 -2.68 -9.26 0.41
CA VAL C 753 -3.90 -8.99 -0.35
C VAL C 753 -4.46 -7.59 -0.10
N SER C 754 -3.64 -6.56 -0.34
CA SER C 754 -4.00 -5.15 -0.06
C SER C 754 -5.27 -4.71 -0.81
N VAL C 763 -1.13 -4.08 6.94
CA VAL C 763 -1.18 -5.47 7.39
C VAL C 763 -1.58 -6.34 6.20
N PRO C 764 -1.06 -7.57 6.12
CA PRO C 764 -1.41 -8.42 4.96
C PRO C 764 -2.86 -8.90 4.94
N GLU C 765 -3.50 -9.10 6.09
CA GLU C 765 -4.87 -9.61 6.10
C GLU C 765 -4.92 -10.92 5.30
N LYS C 766 -3.80 -11.65 5.38
CA LYS C 766 -3.60 -12.98 4.82
C LYS C 766 -4.86 -13.80 4.60
N ALA C 767 -4.77 -14.81 3.75
CA ALA C 767 -5.93 -15.62 3.40
C ALA C 767 -5.55 -17.08 3.34
N VAL C 768 -6.45 -17.93 3.79
CA VAL C 768 -6.25 -19.36 3.66
C VAL C 768 -7.38 -19.85 2.78
N ARG C 769 -7.07 -20.85 1.96
CA ARG C 769 -7.85 -21.15 0.78
C ARG C 769 -7.79 -22.66 0.62
N PHE C 770 -8.80 -23.36 1.14
CA PHE C 770 -8.77 -24.82 1.23
C PHE C 770 -9.55 -25.31 0.02
N SER C 771 -8.88 -26.09 -0.84
CA SER C 771 -9.41 -26.52 -2.13
C SER C 771 -9.16 -28.02 -2.31
N PHE C 772 -9.78 -28.56 -3.35
CA PHE C 772 -9.59 -29.96 -3.68
C PHE C 772 -9.66 -30.07 -5.19
N THR C 773 -9.26 -31.23 -5.70
CA THR C 773 -9.10 -31.53 -7.12
C THR C 773 -9.47 -32.99 -7.26
N ILE C 774 -10.23 -33.30 -8.30
CA ILE C 774 -10.58 -34.68 -8.58
C ILE C 774 -9.46 -35.23 -9.47
N MET C 775 -8.73 -36.20 -8.91
CA MET C 775 -7.50 -36.72 -9.48
C MET C 775 -7.77 -37.82 -10.50
N SER C 776 -8.52 -38.83 -10.10
CA SER C 776 -8.73 -40.01 -10.92
C SER C 776 -10.07 -40.62 -10.51
N ILE C 777 -10.71 -41.31 -11.45
CA ILE C 777 -11.93 -42.06 -11.14
C ILE C 777 -11.87 -43.37 -11.92
N SER C 778 -11.92 -44.49 -11.19
CA SER C 778 -11.67 -45.84 -11.68
C SER C 778 -12.87 -46.71 -11.31
N ILE C 779 -12.88 -47.97 -11.74
CA ILE C 779 -14.05 -48.79 -11.43
C ILE C 779 -13.60 -50.19 -11.03
N ARG C 780 -14.26 -50.71 -9.99
CA ARG C 780 -13.90 -51.96 -9.34
C ARG C 780 -14.99 -53.00 -9.47
N LEU C 781 -16.23 -52.60 -9.74
CA LEU C 781 -17.30 -53.54 -10.05
C LEU C 781 -16.91 -54.45 -11.21
N GLU C 782 -17.21 -55.74 -11.04
CA GLU C 782 -18.14 -56.21 -10.00
C GLU C 782 -17.51 -57.14 -8.97
N GLY C 783 -16.19 -57.33 -9.03
CA GLY C 783 -15.62 -58.47 -8.36
C GLY C 783 -14.17 -58.73 -8.70
N GLU C 784 -13.94 -59.93 -9.22
CA GLU C 784 -12.68 -60.53 -9.64
C GLU C 784 -11.51 -59.63 -10.02
N ASP C 785 -11.64 -58.31 -9.89
CA ASP C 785 -10.54 -57.40 -10.24
C ASP C 785 -10.26 -56.42 -9.11
N ASP C 786 -9.39 -55.45 -9.36
CA ASP C 786 -9.11 -54.40 -8.39
C ASP C 786 -9.46 -53.00 -8.85
N GLY C 787 -9.38 -52.70 -10.14
CA GLY C 787 -9.91 -51.45 -10.65
C GLY C 787 -9.53 -51.15 -12.08
N ILE C 788 -10.49 -50.71 -12.89
CA ILE C 788 -10.25 -50.28 -14.26
C ILE C 788 -10.28 -48.75 -14.27
N THR C 789 -9.10 -48.12 -14.37
CA THR C 789 -9.10 -46.67 -14.46
C THR C 789 -9.99 -46.26 -15.62
N ILE C 790 -10.85 -45.29 -15.39
CA ILE C 790 -11.72 -44.77 -16.43
C ILE C 790 -11.30 -43.38 -16.86
N PHE C 791 -11.03 -42.52 -15.89
CA PHE C 791 -10.49 -41.20 -16.10
C PHE C 791 -9.18 -41.04 -15.35
N GLN C 792 -8.24 -40.30 -15.92
CA GLN C 792 -7.16 -39.87 -15.06
C GLN C 792 -6.76 -38.49 -15.53
N GLU C 793 -6.32 -37.70 -14.57
CA GLU C 793 -6.08 -36.29 -14.80
C GLU C 793 -4.83 -36.11 -15.64
N GLN C 794 -4.97 -35.47 -16.79
CA GLN C 794 -3.83 -35.28 -17.66
C GLN C 794 -2.94 -34.15 -17.14
N LYS C 795 -3.51 -33.15 -16.46
CA LYS C 795 -2.79 -31.94 -16.06
C LYS C 795 -3.10 -31.56 -14.60
N PRO C 796 -2.66 -32.40 -13.66
CA PRO C 796 -3.12 -32.28 -12.27
C PRO C 796 -2.58 -31.09 -11.54
N ASN C 797 -1.54 -30.45 -12.07
CA ASN C 797 -0.95 -29.29 -11.44
C ASN C 797 -1.45 -28.00 -12.04
N SER C 798 -2.53 -28.02 -12.80
CA SER C 798 -3.01 -26.76 -13.34
C SER C 798 -3.97 -26.11 -12.35
N GLU C 799 -4.15 -24.80 -12.48
CA GLU C 799 -5.20 -24.11 -11.74
C GLU C 799 -6.55 -24.63 -12.17
N LEU C 800 -6.73 -24.74 -13.47
CA LEU C 800 -8.00 -25.00 -14.12
C LEU C 800 -8.54 -26.36 -13.69
N SER C 801 -7.78 -27.07 -12.81
CA SER C 801 -8.23 -28.28 -12.09
C SER C 801 -7.67 -28.18 -10.65
N CYS C 802 -8.31 -27.32 -9.84
CA CYS C 802 -8.05 -27.08 -8.40
C CYS C 802 -9.27 -26.33 -7.86
N ARG C 803 -10.27 -27.10 -7.28
CA ARG C 803 -11.53 -26.38 -7.08
C ARG C 803 -11.67 -25.88 -5.66
N PRO C 804 -11.95 -24.61 -5.47
CA PRO C 804 -11.98 -24.07 -4.13
C PRO C 804 -13.19 -24.53 -3.38
N LEU C 805 -12.97 -24.76 -2.13
CA LEU C 805 -14.00 -25.20 -1.24
C LEU C 805 -14.25 -24.21 -0.14
N CYS C 806 -13.22 -23.54 0.35
CA CYS C 806 -13.48 -22.71 1.51
C CYS C 806 -12.42 -21.61 1.61
N LEU C 807 -12.87 -20.39 1.89
CA LEU C 807 -11.92 -19.31 2.10
C LEU C 807 -12.11 -18.65 3.47
N MET C 808 -11.01 -18.09 3.97
CA MET C 808 -11.00 -17.44 5.27
C MET C 808 -10.00 -16.29 5.27
N PHE C 809 -10.28 -15.29 6.11
CA PHE C 809 -9.28 -14.29 6.43
C PHE C 809 -8.66 -14.67 7.77
N VAL C 810 -7.67 -15.55 7.69
CA VAL C 810 -7.06 -16.18 8.84
C VAL C 810 -5.55 -16.25 8.55
N ASP C 811 -4.74 -16.15 9.60
CA ASP C 811 -3.33 -16.52 9.53
C ASP C 811 -3.18 -18.03 9.72
N GLU C 812 -2.32 -18.65 8.92
CA GLU C 812 -1.88 -20.04 9.08
C GLU C 812 -1.56 -20.44 10.51
N SER C 813 -0.92 -19.52 11.22
CA SER C 813 -0.20 -19.85 12.43
C SER C 813 -1.13 -20.05 13.63
N ASP C 814 -2.17 -19.20 13.77
CA ASP C 814 -3.05 -19.30 14.96
C ASP C 814 -3.96 -20.51 14.77
N HIS C 815 -3.56 -21.61 15.40
CA HIS C 815 -4.27 -22.87 15.26
C HIS C 815 -5.69 -22.76 15.79
N GLU C 816 -6.02 -21.66 16.46
CA GLU C 816 -7.30 -21.52 17.13
C GLU C 816 -8.43 -21.19 16.16
N THR C 817 -8.18 -20.28 15.23
CA THR C 817 -9.21 -19.90 14.28
C THR C 817 -9.28 -20.93 13.16
N LEU C 818 -8.12 -21.36 12.66
CA LEU C 818 -8.13 -22.40 11.65
C LEU C 818 -8.91 -23.63 12.11
N THR C 819 -8.67 -24.13 13.34
CA THR C 819 -9.47 -25.29 13.78
C THR C 819 -10.94 -24.95 14.01
N ALA C 820 -11.25 -23.70 14.35
CA ALA C 820 -12.66 -23.42 14.59
C ALA C 820 -13.45 -23.41 13.28
N ILE C 821 -12.88 -22.82 12.23
CA ILE C 821 -13.54 -22.84 10.92
C ILE C 821 -13.44 -24.21 10.25
N LEU C 822 -12.28 -24.87 10.30
CA LEU C 822 -12.11 -26.14 9.60
C LEU C 822 -12.59 -27.37 10.36
N GLY C 823 -13.13 -27.22 11.57
CA GLY C 823 -13.60 -28.33 12.34
C GLY C 823 -14.76 -29.07 11.68
N PRO C 824 -15.76 -28.32 11.21
CA PRO C 824 -16.81 -28.99 10.47
C PRO C 824 -16.30 -29.75 9.26
N VAL C 825 -15.45 -29.12 8.44
CA VAL C 825 -14.97 -29.75 7.21
C VAL C 825 -14.34 -31.12 7.47
N VAL C 826 -13.39 -31.19 8.41
CA VAL C 826 -12.80 -32.49 8.72
C VAL C 826 -13.82 -33.45 9.31
N ALA C 827 -14.79 -32.95 10.08
CA ALA C 827 -15.83 -33.84 10.57
C ALA C 827 -16.60 -34.50 9.42
N GLU C 828 -16.86 -33.72 8.37
CA GLU C 828 -17.60 -34.25 7.23
C GLU C 828 -16.76 -35.20 6.41
N ARG C 829 -15.51 -34.82 6.15
CA ARG C 829 -14.62 -35.78 5.52
C ARG C 829 -14.59 -37.09 6.29
N LYS C 830 -14.42 -37.01 7.61
CA LYS C 830 -14.43 -38.22 8.41
C LYS C 830 -15.77 -38.95 8.30
N ALA C 831 -16.86 -38.21 8.04
CA ALA C 831 -18.17 -38.83 7.90
C ALA C 831 -18.39 -39.51 6.55
N MET C 832 -17.64 -39.10 5.53
CA MET C 832 -17.83 -39.61 4.17
C MET C 832 -17.02 -40.87 3.86
N MET C 833 -16.02 -41.21 4.67
CA MET C 833 -15.19 -42.38 4.36
C MET C 833 -15.91 -43.71 4.54
N GLU C 834 -17.07 -43.73 5.17
CA GLU C 834 -17.80 -44.98 5.33
C GLU C 834 -18.92 -45.14 4.33
N SER C 835 -19.67 -44.07 4.06
CA SER C 835 -20.87 -44.24 3.27
C SER C 835 -20.50 -44.33 1.80
N ARG C 836 -21.48 -44.68 0.99
CA ARG C 836 -21.37 -44.60 -0.45
C ARG C 836 -22.35 -43.53 -0.94
N LEU C 837 -21.89 -42.72 -1.90
CA LEU C 837 -22.71 -41.70 -2.54
C LEU C 837 -23.59 -42.32 -3.61
N ILE C 838 -24.74 -41.68 -3.85
CA ILE C 838 -25.70 -42.10 -4.86
C ILE C 838 -26.13 -40.89 -5.69
N ILE C 839 -25.83 -40.95 -6.98
CA ILE C 839 -25.92 -39.82 -7.91
C ILE C 839 -26.70 -40.30 -9.13
N SER C 840 -27.53 -39.42 -9.69
CA SER C 840 -28.18 -39.76 -10.95
C SER C 840 -27.21 -39.30 -12.03
N VAL C 841 -26.40 -40.26 -12.48
CA VAL C 841 -25.38 -40.05 -13.49
C VAL C 841 -25.61 -40.97 -14.68
N GLY C 842 -25.81 -40.34 -15.84
CA GLY C 842 -26.19 -41.04 -17.06
C GLY C 842 -27.56 -41.66 -16.97
N GLY C 843 -28.55 -40.93 -16.45
CA GLY C 843 -29.86 -41.51 -16.40
C GLY C 843 -30.04 -42.47 -15.25
N LEU C 844 -28.96 -43.13 -14.80
CA LEU C 844 -29.11 -44.14 -13.76
C LEU C 844 -28.60 -43.67 -12.41
N LEU C 845 -29.23 -44.18 -11.34
CA LEU C 845 -28.67 -43.94 -10.02
C LEU C 845 -27.49 -44.89 -9.87
N ARG C 846 -26.34 -44.33 -9.50
CA ARG C 846 -25.14 -45.13 -9.30
C ARG C 846 -24.40 -44.74 -8.03
N SER C 847 -23.59 -45.69 -7.56
CA SER C 847 -22.95 -45.67 -6.26
C SER C 847 -21.46 -45.38 -6.37
N PHE C 848 -20.99 -44.37 -5.64
CA PHE C 848 -19.59 -43.99 -5.58
C PHE C 848 -19.08 -44.21 -4.16
N ARG C 849 -17.78 -44.51 -4.02
CA ARG C 849 -17.08 -44.40 -2.74
C ARG C 849 -15.79 -43.61 -2.91
N PHE C 850 -15.22 -43.13 -1.79
CA PHE C 850 -14.12 -42.17 -1.85
C PHE C 850 -12.88 -42.58 -1.03
N PHE C 851 -11.70 -42.26 -1.58
CA PHE C 851 -10.38 -42.35 -0.94
C PHE C 851 -9.74 -40.97 -0.98
N PHE C 852 -9.41 -40.43 0.18
CA PHE C 852 -8.78 -39.12 0.26
C PHE C 852 -7.29 -39.21 0.53
N ARG C 853 -6.52 -38.41 -0.21
CA ARG C 853 -5.06 -38.37 -0.14
C ARG C 853 -4.75 -36.90 0.10
N GLY C 854 -4.47 -36.56 1.35
CA GLY C 854 -4.15 -35.18 1.69
C GLY C 854 -2.70 -34.87 1.43
N THR C 855 -2.46 -34.18 0.31
CA THR C 855 -1.11 -33.90 -0.16
C THR C 855 -0.80 -32.46 -0.55
N GLY C 856 -1.78 -31.59 -0.68
CA GLY C 856 -1.47 -30.22 -1.06
C GLY C 856 -1.11 -29.33 0.11
N TYR C 857 -0.35 -29.84 1.05
CA TYR C 857 0.12 -29.05 2.18
C TYR C 857 1.61 -28.86 2.01
N ASP C 858 2.07 -27.62 2.06
CA ASP C 858 3.49 -27.46 2.30
C ASP C 858 3.84 -28.07 3.64
N GLU C 859 5.14 -28.21 3.85
CA GLU C 859 5.59 -29.00 5.00
C GLU C 859 5.22 -28.30 6.30
N LYS C 860 5.48 -26.98 6.37
CA LYS C 860 5.13 -26.20 7.56
C LYS C 860 3.76 -26.58 8.07
N MET C 861 2.79 -26.62 7.17
CA MET C 861 1.43 -26.91 7.60
C MET C 861 1.29 -28.37 8.02
N VAL C 862 1.97 -29.31 7.32
CA VAL C 862 1.88 -30.71 7.73
C VAL C 862 2.37 -30.87 9.15
N ARG C 863 3.43 -30.17 9.53
CA ARG C 863 3.89 -30.27 10.90
C ARG C 863 2.89 -29.65 11.87
N GLU C 864 2.41 -28.43 11.55
CA GLU C 864 1.39 -27.78 12.39
C GLU C 864 0.16 -28.66 12.66
N MET C 865 -0.29 -29.43 11.66
CA MET C 865 -1.52 -30.22 11.72
C MET C 865 -1.30 -31.70 11.97
N GLU C 866 -0.07 -32.13 12.14
CA GLU C 866 0.22 -33.49 12.59
C GLU C 866 0.87 -33.51 13.98
N GLY C 867 0.87 -32.39 14.68
CA GLY C 867 1.39 -32.35 16.03
C GLY C 867 2.89 -32.34 16.17
N LEU C 868 3.61 -32.10 15.07
CA LEU C 868 5.05 -31.97 15.08
C LEU C 868 5.47 -30.52 15.31
N GLU C 869 6.73 -30.34 15.65
CA GLU C 869 7.22 -29.06 16.10
C GLU C 869 8.03 -28.46 14.95
N ALA C 870 8.00 -27.15 14.81
CA ALA C 870 8.20 -26.61 13.48
C ALA C 870 9.25 -25.52 13.54
N SER C 871 10.20 -25.57 12.63
CA SER C 871 10.32 -26.67 11.65
C SER C 871 11.77 -27.11 11.50
N GLY C 872 12.65 -26.31 12.08
CA GLY C 872 14.07 -26.58 12.26
C GLY C 872 14.23 -27.35 13.56
N SER C 873 13.47 -28.43 13.72
CA SER C 873 13.43 -29.16 14.98
C SER C 873 14.60 -30.14 15.11
N THR C 874 14.55 -30.96 16.16
CA THR C 874 15.41 -32.13 16.23
C THR C 874 14.80 -33.31 15.51
N TYR C 875 13.51 -33.24 15.25
CA TYR C 875 12.81 -34.27 14.48
C TYR C 875 12.52 -33.65 13.13
N ILE C 876 13.16 -34.19 12.10
CA ILE C 876 13.25 -33.51 10.82
C ILE C 876 12.28 -34.12 9.82
N CYS C 877 12.22 -35.45 9.75
CA CYS C 877 11.40 -36.11 8.75
C CYS C 877 9.95 -36.05 9.17
N THR C 878 9.06 -35.94 8.22
CA THR C 878 7.67 -36.16 8.52
C THR C 878 7.35 -37.64 8.49
N LEU C 879 8.15 -38.42 7.75
CA LEU C 879 7.95 -39.88 7.49
C LEU C 879 8.79 -40.83 8.33
N CYS C 880 9.82 -40.34 9.01
CA CYS C 880 10.76 -41.21 9.71
C CYS C 880 10.95 -40.66 11.11
N ASP C 881 11.68 -41.44 11.89
CA ASP C 881 11.99 -41.12 13.26
C ASP C 881 13.40 -40.60 13.46
N SER C 882 14.16 -40.33 12.40
CA SER C 882 15.58 -40.03 12.58
C SER C 882 15.79 -38.59 13.00
N THR C 883 16.74 -38.39 13.91
CA THR C 883 17.07 -37.07 14.37
C THR C 883 17.86 -36.34 13.28
N ARG C 884 18.22 -35.09 13.53
CA ARG C 884 18.84 -34.33 12.45
C ARG C 884 20.29 -34.75 12.25
N ALA C 885 21.05 -34.86 13.35
CA ALA C 885 22.43 -35.29 13.24
C ALA C 885 22.51 -36.75 12.79
N GLU C 886 21.54 -37.58 13.19
CA GLU C 886 21.54 -38.98 12.81
C GLU C 886 21.24 -39.15 11.33
N ALA C 887 20.67 -38.11 10.70
CA ALA C 887 20.45 -38.10 9.27
C ALA C 887 21.54 -37.35 8.52
N SER C 888 22.69 -37.11 9.15
CA SER C 888 23.91 -36.87 8.38
C SER C 888 24.72 -38.15 8.20
N GLN C 889 24.85 -38.95 9.25
CA GLN C 889 25.58 -40.21 9.14
C GLN C 889 24.97 -41.10 8.06
N ASN C 890 23.72 -41.50 8.28
CA ASN C 890 22.99 -42.37 7.35
C ASN C 890 21.97 -41.51 6.63
N MET C 891 22.28 -41.18 5.38
CA MET C 891 21.51 -40.30 4.54
C MET C 891 20.44 -41.02 3.71
N VAL C 892 20.45 -42.35 3.68
CA VAL C 892 19.69 -43.09 2.67
C VAL C 892 18.92 -44.29 3.21
N LEU C 893 18.98 -44.61 4.50
CA LEU C 893 18.38 -45.85 4.97
C LEU C 893 17.36 -45.53 6.06
N HIS C 894 16.10 -45.38 5.65
CA HIS C 894 15.01 -45.00 6.54
C HIS C 894 13.72 -45.57 6.00
N SER C 895 12.94 -46.22 6.85
CA SER C 895 11.66 -46.75 6.44
C SER C 895 10.53 -45.82 6.90
N ILE C 896 9.40 -45.87 6.19
CA ILE C 896 8.28 -45.01 6.53
C ILE C 896 7.52 -45.61 7.71
N THR C 897 7.34 -44.84 8.72
CA THR C 897 6.81 -45.33 9.98
C THR C 897 5.61 -44.53 10.45
N ARG C 898 5.64 -43.22 10.28
CA ARG C 898 4.59 -42.37 10.83
C ARG C 898 3.27 -42.55 10.08
N SER C 899 2.19 -42.50 10.86
CA SER C 899 0.82 -42.55 10.39
C SER C 899 0.00 -41.68 11.32
N HIS C 900 -1.13 -41.20 10.81
CA HIS C 900 -2.00 -40.33 11.60
C HIS C 900 -2.42 -41.00 12.92
N ASP C 901 -2.83 -42.29 12.84
CA ASP C 901 -3.38 -42.98 14.00
C ASP C 901 -2.31 -43.33 15.04
N GLU C 902 -1.05 -43.31 14.63
CA GLU C 902 0.04 -43.52 15.57
C GLU C 902 0.45 -42.21 16.19
N ASN C 903 0.36 -41.12 15.45
CA ASN C 903 0.46 -39.83 16.09
C ASN C 903 -0.58 -39.71 17.19
N LEU C 904 -1.81 -40.15 16.94
CA LEU C 904 -2.82 -40.15 18.00
C LEU C 904 -2.38 -40.99 19.20
N GLU C 905 -1.83 -42.19 18.95
CA GLU C 905 -1.44 -43.03 20.08
C GLU C 905 -0.25 -42.47 20.84
N ARG C 906 0.65 -41.81 20.12
CA ARG C 906 1.83 -41.27 20.78
C ARG C 906 1.47 -39.99 21.51
N TYR C 907 0.55 -39.20 20.96
CA TYR C 907 0.07 -38.04 21.72
C TYR C 907 -0.57 -38.49 23.02
N GLU C 908 -1.24 -39.64 23.02
CA GLU C 908 -1.75 -40.10 24.31
C GLU C 908 -0.63 -40.56 25.24
N ILE C 909 0.46 -41.10 24.68
CA ILE C 909 1.67 -41.32 25.47
C ILE C 909 2.14 -40.02 26.10
N TRP C 910 2.06 -38.92 25.34
CA TRP C 910 2.55 -37.64 25.84
C TRP C 910 1.65 -37.07 26.93
N ARG C 911 0.33 -37.08 26.71
CA ARG C 911 -0.58 -36.55 27.71
C ARG C 911 -0.50 -37.32 29.02
N LYS C 912 -0.69 -38.65 28.98
CA LYS C 912 -0.79 -39.37 30.24
C LYS C 912 0.56 -39.65 30.91
N ASN C 913 1.65 -39.74 30.13
CA ASN C 913 2.98 -40.05 30.66
C ASN C 913 2.99 -41.31 31.54
N PRO C 914 2.72 -42.48 30.97
CA PRO C 914 2.42 -43.65 31.82
C PRO C 914 3.64 -44.25 32.48
N PHE C 915 4.84 -43.87 32.05
CA PHE C 915 6.08 -44.38 32.62
C PHE C 915 6.81 -43.35 33.46
N SER C 916 6.24 -42.17 33.67
CA SER C 916 6.77 -41.16 34.57
C SER C 916 8.25 -40.84 34.25
N GLU C 917 8.49 -40.41 33.01
CA GLU C 917 9.79 -39.97 32.54
C GLU C 917 9.86 -38.43 32.49
N SER C 918 11.08 -37.91 32.31
CA SER C 918 11.24 -36.46 32.29
C SER C 918 10.78 -35.86 30.95
N ALA C 919 10.95 -34.54 30.84
CA ALA C 919 10.55 -33.82 29.62
C ALA C 919 11.23 -34.39 28.39
N ASP C 920 12.50 -34.68 28.50
CA ASP C 920 13.29 -35.02 27.32
C ASP C 920 13.23 -36.51 27.05
N GLU C 921 13.28 -37.35 28.09
CA GLU C 921 13.02 -38.77 27.89
C GLU C 921 11.62 -39.01 27.31
N LEU C 922 10.65 -38.16 27.66
CA LEU C 922 9.31 -38.28 27.07
C LEU C 922 9.31 -37.85 25.61
N ARG C 923 9.87 -36.67 25.34
CA ARG C 923 9.95 -36.17 23.98
C ARG C 923 10.59 -37.20 23.06
N ASP C 924 11.66 -37.86 23.53
CA ASP C 924 12.35 -38.85 22.69
C ASP C 924 11.62 -40.20 22.68
N ARG C 925 10.83 -40.51 23.74
CA ARG C 925 9.99 -41.70 23.69
C ARG C 925 8.94 -41.57 22.61
N VAL C 926 8.52 -40.33 22.31
CA VAL C 926 7.40 -40.09 21.42
C VAL C 926 7.84 -39.48 20.09
N LYS C 927 9.15 -39.36 19.85
CA LYS C 927 9.71 -38.92 18.57
C LYS C 927 9.07 -37.65 18.03
N GLY C 928 8.73 -36.75 18.94
CA GLY C 928 8.33 -35.41 18.58
C GLY C 928 6.85 -35.17 18.39
N VAL C 929 6.00 -36.01 18.96
CA VAL C 929 4.56 -35.82 18.87
C VAL C 929 4.17 -35.22 20.21
N SER C 930 4.07 -33.90 20.29
CA SER C 930 3.72 -33.24 21.53
C SER C 930 2.42 -32.47 21.41
N ALA C 931 1.77 -32.57 20.28
CA ALA C 931 0.55 -31.85 19.99
C ALA C 931 -0.45 -32.89 19.52
N LYS C 932 -1.75 -32.61 19.65
CA LYS C 932 -2.71 -33.66 19.30
C LYS C 932 -2.99 -33.53 17.82
N PRO C 933 -2.80 -34.59 17.04
CA PRO C 933 -3.03 -34.46 15.61
C PRO C 933 -4.48 -34.09 15.37
N PHE C 934 -4.71 -33.29 14.36
CA PHE C 934 -6.07 -32.79 14.17
C PHE C 934 -6.56 -33.03 12.76
N MET C 935 -5.72 -33.50 11.84
CA MET C 935 -6.13 -33.70 10.46
C MET C 935 -5.33 -34.80 9.79
N GLU C 936 -6.02 -35.82 9.30
CA GLU C 936 -5.31 -36.87 8.59
C GLU C 936 -4.65 -36.26 7.36
N THR C 937 -3.38 -36.55 7.17
CA THR C 937 -2.63 -36.04 6.05
C THR C 937 -1.89 -37.21 5.42
N GLN C 938 -1.82 -37.23 4.11
CA GLN C 938 -1.12 -38.34 3.52
C GLN C 938 0.36 -38.13 3.83
N PRO C 939 1.04 -39.13 4.28
CA PRO C 939 2.47 -38.94 4.53
C PRO C 939 3.24 -38.89 3.21
N THR C 940 3.25 -37.72 2.58
CA THR C 940 4.02 -37.56 1.34
C THR C 940 4.73 -36.22 1.31
N LEU C 941 5.26 -35.93 0.12
CA LEU C 941 6.14 -34.80 -0.17
C LEU C 941 5.46 -33.89 -1.19
N ASP C 942 6.00 -32.68 -1.34
CA ASP C 942 5.52 -31.65 -2.27
C ASP C 942 6.59 -31.33 -3.32
N ALA C 943 6.31 -31.66 -4.58
CA ALA C 943 7.31 -31.54 -5.64
C ALA C 943 7.87 -30.11 -5.74
N LEU C 944 6.98 -29.12 -5.72
CA LEU C 944 7.39 -27.73 -5.94
C LEU C 944 8.32 -27.23 -4.84
N HIS C 945 7.92 -27.45 -3.59
CA HIS C 945 8.70 -26.93 -2.48
C HIS C 945 10.00 -27.72 -2.33
N CYS C 946 10.03 -28.97 -2.81
CA CYS C 946 11.30 -29.68 -2.90
C CYS C 946 12.23 -28.98 -3.88
N ASP C 947 11.69 -28.57 -5.03
CA ASP C 947 12.46 -27.80 -5.99
C ASP C 947 13.02 -26.53 -5.37
N ILE C 948 12.17 -25.77 -4.66
CA ILE C 948 12.63 -24.50 -4.11
C ILE C 948 13.66 -24.71 -3.01
N GLY C 949 13.47 -25.72 -2.17
CA GLY C 949 14.49 -26.00 -1.17
C GLY C 949 15.83 -26.37 -1.79
N ASN C 950 15.81 -27.25 -2.79
CA ASN C 950 17.08 -27.66 -3.40
C ASN C 950 17.72 -26.51 -4.15
N ALA C 951 16.91 -25.64 -4.77
CA ALA C 951 17.48 -24.48 -5.43
C ALA C 951 18.07 -23.48 -4.43
N THR C 952 17.42 -23.25 -3.27
CA THR C 952 18.01 -22.29 -2.34
C THR C 952 19.24 -22.88 -1.68
N GLU C 953 19.28 -24.20 -1.53
CA GLU C 953 20.48 -24.89 -1.07
C GLU C 953 21.64 -24.75 -2.05
N PHE C 954 21.43 -25.11 -3.32
CA PHE C 954 22.49 -24.96 -4.31
C PHE C 954 22.94 -23.51 -4.49
N TYR C 955 21.99 -22.56 -4.45
CA TYR C 955 22.36 -21.15 -4.51
C TYR C 955 23.31 -20.77 -3.38
N LYS C 956 23.00 -21.26 -2.17
CA LYS C 956 23.90 -21.01 -1.04
C LYS C 956 25.24 -21.72 -1.21
N ILE C 957 25.24 -22.97 -1.71
CA ILE C 957 26.50 -23.70 -1.90
C ILE C 957 27.40 -22.97 -2.89
N PHE C 958 26.84 -22.53 -4.03
CA PHE C 958 27.62 -21.71 -4.97
C PHE C 958 28.14 -20.44 -4.29
N GLN C 959 27.29 -19.78 -3.51
CA GLN C 959 27.72 -18.55 -2.84
C GLN C 959 28.90 -18.82 -1.91
N ASP C 960 28.89 -19.96 -1.23
CA ASP C 960 29.97 -20.36 -0.32
C ASP C 960 31.16 -21.02 -1.03
N GLU C 961 31.04 -21.34 -2.32
CA GLU C 961 32.17 -21.82 -3.12
C GLU C 961 32.88 -20.75 -3.94
N ILE C 962 32.24 -19.64 -4.25
CA ILE C 962 32.95 -18.55 -4.93
C ILE C 962 34.02 -17.97 -4.01
N GLY C 963 33.60 -17.45 -2.87
CA GLY C 963 34.47 -17.42 -1.72
C GLY C 963 34.76 -18.82 -1.23
N GLU C 964 35.97 -19.05 -0.74
CA GLU C 964 36.39 -20.39 -0.36
C GLU C 964 36.30 -20.64 1.14
N VAL C 965 35.45 -21.60 1.53
CA VAL C 965 35.08 -21.76 2.92
C VAL C 965 35.40 -23.15 3.41
N TYR C 966 36.04 -23.97 2.57
CA TYR C 966 36.72 -25.22 2.92
C TYR C 966 38.20 -24.98 3.17
N GLN C 967 38.68 -23.76 2.91
CA GLN C 967 39.97 -23.25 3.37
C GLN C 967 39.76 -22.34 4.57
N LYS C 968 38.87 -21.36 4.45
CA LYS C 968 38.59 -20.35 5.45
C LYS C 968 37.37 -20.89 6.21
N PRO C 969 37.51 -21.72 7.24
CA PRO C 969 36.35 -22.51 7.68
C PRO C 969 35.25 -21.68 8.33
N ASN C 970 35.54 -20.49 8.83
CA ASN C 970 34.53 -19.61 9.39
C ASN C 970 34.59 -18.29 8.64
N PRO C 971 33.65 -17.97 7.76
CA PRO C 971 33.70 -16.64 7.13
C PRO C 971 32.76 -15.65 7.78
N SER C 972 32.96 -14.37 7.44
CA SER C 972 32.15 -13.27 7.92
C SER C 972 30.77 -13.28 7.25
N ARG C 973 29.93 -12.32 7.67
CA ARG C 973 28.68 -12.02 6.97
C ARG C 973 28.93 -11.14 5.75
N GLU C 974 29.88 -10.21 5.84
CA GLU C 974 30.12 -9.25 4.77
C GLU C 974 30.84 -9.90 3.59
N GLU C 975 31.59 -10.98 3.82
CA GLU C 975 32.15 -11.69 2.67
C GLU C 975 31.09 -12.58 2.04
N ARG C 976 30.12 -13.03 2.84
CA ARG C 976 28.96 -13.72 2.30
C ARG C 976 28.19 -12.78 1.36
N ARG C 977 28.08 -11.51 1.74
CA ARG C 977 27.42 -10.51 0.89
C ARG C 977 28.23 -10.21 -0.36
N ARG C 978 29.55 -10.04 -0.22
CA ARG C 978 30.42 -9.94 -1.39
C ARG C 978 30.19 -11.08 -2.36
N TRP C 979 30.15 -12.31 -1.83
CA TRP C 979 30.07 -13.47 -2.71
C TRP C 979 28.71 -13.55 -3.37
N ARG C 980 27.64 -13.25 -2.63
CA ARG C 980 26.31 -13.17 -3.23
C ARG C 980 26.27 -12.17 -4.38
N SER C 981 26.82 -10.96 -4.16
CA SER C 981 26.82 -9.95 -5.21
C SER C 981 27.58 -10.40 -6.44
N THR C 982 28.74 -11.05 -6.25
CA THR C 982 29.53 -11.48 -7.41
C THR C 982 28.85 -12.64 -8.13
N LEU C 983 28.21 -13.54 -7.38
CA LEU C 983 27.43 -14.62 -8.00
C LEU C 983 26.30 -14.05 -8.85
N ASP C 984 25.61 -13.04 -8.33
CA ASP C 984 24.46 -12.50 -9.06
C ASP C 984 24.94 -11.71 -10.28
N LYS C 985 26.08 -11.03 -10.17
CA LYS C 985 26.62 -10.35 -11.36
C LYS C 985 27.03 -11.37 -12.42
N GLN C 986 27.69 -12.45 -12.00
CA GLN C 986 28.11 -13.48 -12.95
C GLN C 986 26.90 -14.10 -13.62
N LEU C 987 25.88 -14.48 -12.84
CA LEU C 987 24.66 -15.04 -13.41
C LEU C 987 23.88 -14.04 -14.25
N ARG C 988 24.10 -12.72 -14.07
CA ARG C 988 23.53 -11.75 -15.00
C ARG C 988 24.31 -11.61 -16.30
N LYS C 989 25.64 -11.75 -16.28
CA LYS C 989 26.42 -11.53 -17.50
C LYS C 989 26.19 -12.67 -18.49
N LYS C 990 26.51 -13.91 -18.10
CA LYS C 990 25.97 -15.03 -18.84
C LYS C 990 24.71 -15.47 -18.13
N MET C 991 23.89 -16.25 -18.83
CA MET C 991 22.62 -16.79 -18.32
C MET C 991 21.55 -15.73 -18.08
N LYS C 992 21.90 -14.43 -18.15
CA LYS C 992 20.92 -13.34 -18.29
C LYS C 992 19.82 -13.38 -17.22
N LEU C 993 20.17 -13.78 -16.00
CA LEU C 993 19.20 -13.78 -14.90
C LEU C 993 19.37 -12.51 -14.07
N LYS C 994 18.23 -11.97 -13.58
CA LYS C 994 18.22 -11.01 -12.49
C LYS C 994 18.15 -11.68 -11.12
N PRO C 995 18.55 -10.95 -10.07
CA PRO C 995 18.39 -11.42 -8.69
C PRO C 995 16.96 -11.36 -8.18
N VAL C 996 16.62 -12.28 -7.27
CA VAL C 996 15.25 -12.38 -6.78
C VAL C 996 15.26 -12.13 -5.27
N MET C 997 14.26 -11.38 -4.79
CA MET C 997 13.99 -11.32 -3.36
C MET C 997 13.91 -12.72 -2.76
N ARG C 998 13.09 -13.56 -3.39
CA ARG C 998 12.68 -14.87 -2.90
C ARG C 998 12.57 -15.84 -4.07
N MET C 999 12.99 -17.06 -3.82
CA MET C 999 12.98 -18.09 -4.85
C MET C 999 11.55 -18.39 -5.29
N ASN C 1000 11.30 -18.28 -6.59
CA ASN C 1000 10.01 -18.67 -7.16
C ASN C 1000 10.25 -19.82 -8.14
N GLY C 1001 9.17 -20.29 -8.77
CA GLY C 1001 9.28 -21.52 -9.54
C GLY C 1001 10.13 -21.38 -10.79
N ASN C 1002 9.94 -20.27 -11.51
CA ASN C 1002 10.67 -20.07 -12.75
C ASN C 1002 12.17 -19.96 -12.48
N TYR C 1003 12.55 -19.16 -11.46
CA TYR C 1003 13.97 -19.04 -11.11
C TYR C 1003 14.55 -20.40 -10.74
N ALA C 1004 13.86 -21.17 -9.89
CA ALA C 1004 14.35 -22.49 -9.52
C ALA C 1004 14.51 -23.41 -10.73
N ARG C 1005 13.62 -23.29 -11.71
CA ARG C 1005 13.76 -24.13 -12.90
C ARG C 1005 14.98 -23.73 -13.71
N ARG C 1006 15.22 -22.42 -13.85
CA ARG C 1006 16.34 -21.92 -14.65
C ARG C 1006 17.67 -22.13 -13.92
N LEU C 1007 17.62 -22.23 -12.59
CA LEU C 1007 18.83 -22.24 -11.77
C LEU C 1007 19.41 -23.63 -11.76
N MET C 1008 18.56 -24.64 -11.90
CA MET C 1008 18.99 -26.03 -11.89
C MET C 1008 19.14 -26.51 -13.31
N THR C 1009 20.06 -25.84 -14.01
CA THR C 1009 20.48 -26.17 -15.35
C THR C 1009 21.96 -26.50 -15.35
N ARG C 1010 22.39 -27.24 -16.38
CA ARG C 1010 23.82 -27.49 -16.53
C ARG C 1010 24.61 -26.20 -16.66
N GLU C 1011 24.16 -25.32 -17.56
CA GLU C 1011 24.94 -24.14 -17.95
C GLU C 1011 24.93 -23.00 -16.93
N ALA C 1012 24.13 -23.07 -15.88
CA ALA C 1012 24.29 -22.03 -14.87
C ALA C 1012 25.37 -22.44 -13.89
N VAL C 1013 25.38 -23.73 -13.52
CA VAL C 1013 26.52 -24.32 -12.85
C VAL C 1013 27.80 -24.08 -13.63
N GLU C 1014 27.76 -24.35 -14.95
CA GLU C 1014 28.93 -24.16 -15.78
C GLU C 1014 29.41 -22.71 -15.82
N ALA C 1015 28.49 -21.74 -15.73
CA ALA C 1015 28.92 -20.34 -15.66
C ALA C 1015 29.36 -19.92 -14.26
N VAL C 1016 28.96 -20.66 -13.23
CA VAL C 1016 29.44 -20.44 -11.87
C VAL C 1016 30.81 -21.07 -11.64
N CYS C 1017 31.05 -22.24 -12.21
CA CYS C 1017 32.31 -22.96 -12.05
C CYS C 1017 33.50 -22.16 -12.55
N GLU C 1018 33.27 -21.20 -13.45
CA GLU C 1018 34.31 -20.27 -13.90
C GLU C 1018 34.81 -19.34 -12.81
N LEU C 1019 34.19 -19.32 -11.63
CA LEU C 1019 34.66 -18.51 -10.51
C LEU C 1019 35.31 -19.31 -9.39
N VAL C 1020 34.97 -20.59 -9.21
CA VAL C 1020 35.69 -21.39 -8.22
C VAL C 1020 37.00 -21.86 -8.86
N PRO C 1021 38.16 -21.71 -8.18
CA PRO C 1021 39.43 -21.96 -8.86
C PRO C 1021 39.85 -23.42 -8.90
N SER C 1022 39.66 -24.17 -7.81
CA SER C 1022 40.18 -25.52 -7.74
C SER C 1022 39.30 -26.43 -8.59
N GLU C 1023 39.88 -27.07 -9.61
CA GLU C 1023 39.03 -27.84 -10.51
C GLU C 1023 38.69 -29.21 -9.98
N GLU C 1024 38.93 -29.50 -8.70
CA GLU C 1024 38.21 -30.63 -8.18
C GLU C 1024 36.93 -30.16 -7.53
N ARG C 1025 36.92 -29.04 -6.80
CA ARG C 1025 35.63 -28.49 -6.40
C ARG C 1025 34.73 -28.33 -7.62
N ARG C 1026 35.30 -27.85 -8.73
CA ARG C 1026 34.59 -27.70 -9.99
C ARG C 1026 34.04 -29.03 -10.50
N GLU C 1027 34.94 -29.98 -10.80
CA GLU C 1027 34.45 -31.24 -11.37
C GLU C 1027 33.55 -31.97 -10.38
N ALA C 1028 33.78 -31.76 -9.08
CA ALA C 1028 32.93 -32.28 -8.02
C ALA C 1028 31.50 -31.78 -8.19
N LEU C 1029 31.31 -30.47 -8.22
CA LEU C 1029 29.94 -29.97 -8.20
C LEU C 1029 29.31 -30.09 -9.58
N LEU C 1030 30.12 -30.29 -10.62
CA LEU C 1030 29.55 -30.68 -11.90
C LEU C 1030 29.01 -32.10 -11.84
N LYS C 1031 29.78 -33.02 -11.22
CA LYS C 1031 29.29 -34.37 -10.97
C LYS C 1031 28.04 -34.33 -10.09
N LEU C 1032 28.03 -33.42 -9.12
CA LEU C 1032 26.87 -33.24 -8.25
C LEU C 1032 25.63 -32.83 -9.02
N MET C 1033 25.73 -31.71 -9.74
CA MET C 1033 24.59 -31.20 -10.50
C MET C 1033 24.09 -32.23 -11.52
N ASP C 1034 25.00 -32.91 -12.22
CA ASP C 1034 24.51 -33.86 -13.22
C ASP C 1034 23.89 -35.09 -12.56
N LEU C 1035 24.40 -35.52 -11.39
CA LEU C 1035 23.67 -36.52 -10.61
C LEU C 1035 22.26 -36.02 -10.30
N TYR C 1036 22.18 -34.75 -9.88
CA TYR C 1036 20.90 -34.19 -9.49
C TYR C 1036 19.96 -34.17 -10.67
N LEU C 1037 20.46 -33.79 -11.84
CA LEU C 1037 19.62 -33.83 -13.02
C LEU C 1037 19.27 -35.27 -13.42
N GLN C 1038 20.13 -36.24 -13.13
CA GLN C 1038 19.82 -37.65 -13.38
C GLN C 1038 18.75 -38.22 -12.45
N MET C 1039 18.35 -37.48 -11.41
CA MET C 1039 17.38 -38.01 -10.45
C MET C 1039 16.24 -37.04 -10.12
N LYS C 1040 16.30 -35.80 -10.58
CA LYS C 1040 15.17 -34.89 -10.45
C LYS C 1040 13.91 -35.33 -11.17
N PRO C 1041 13.96 -35.86 -12.40
CA PRO C 1041 12.72 -36.30 -13.05
C PRO C 1041 11.96 -37.43 -12.35
N VAL C 1042 12.54 -38.17 -11.39
CA VAL C 1042 11.74 -39.21 -10.75
C VAL C 1042 10.71 -38.65 -9.77
N TRP C 1043 11.03 -37.53 -9.14
CA TRP C 1043 10.15 -36.80 -8.24
C TRP C 1043 9.44 -35.59 -8.83
N ARG C 1044 9.78 -35.20 -10.06
CA ARG C 1044 9.09 -34.11 -10.74
C ARG C 1044 8.06 -34.63 -11.73
N SER C 1045 8.11 -35.92 -12.04
CA SER C 1045 7.26 -36.46 -13.07
C SER C 1045 5.81 -36.57 -12.61
N THR C 1046 4.91 -36.38 -13.57
CA THR C 1046 3.49 -36.55 -13.28
C THR C 1046 3.16 -38.03 -13.10
N CYS C 1047 3.84 -38.93 -13.83
CA CYS C 1047 3.86 -40.36 -13.57
C CYS C 1047 5.25 -40.91 -13.87
N PRO C 1048 6.06 -41.23 -12.86
CA PRO C 1048 7.44 -41.67 -13.16
C PRO C 1048 7.55 -43.06 -13.76
N SER C 1049 6.71 -44.01 -13.36
CA SER C 1049 6.88 -45.39 -13.81
C SER C 1049 6.71 -45.52 -15.31
N ARG C 1050 5.94 -44.63 -15.93
CA ARG C 1050 5.77 -44.63 -17.39
C ARG C 1050 6.68 -43.62 -18.10
N ASP C 1051 6.93 -42.46 -17.49
CA ASP C 1051 7.58 -41.34 -18.19
C ASP C 1051 9.07 -41.20 -17.88
N CYS C 1052 9.64 -41.99 -16.95
CA CYS C 1052 11.08 -42.01 -16.77
C CYS C 1052 11.53 -43.27 -16.03
N PRO C 1053 11.25 -44.46 -16.57
CA PRO C 1053 11.26 -45.66 -15.74
C PRO C 1053 12.65 -46.06 -15.29
N ASP C 1054 13.65 -45.82 -16.13
CA ASP C 1054 15.01 -46.20 -15.80
C ASP C 1054 15.55 -45.33 -14.68
N GLN C 1055 15.18 -44.05 -14.68
CA GLN C 1055 15.53 -43.20 -13.55
C GLN C 1055 14.85 -43.70 -12.28
N LEU C 1056 13.61 -44.19 -12.42
CA LEU C 1056 12.89 -44.74 -11.28
C LEU C 1056 13.62 -45.93 -10.68
N CYS C 1057 14.18 -46.79 -11.54
CA CYS C 1057 14.89 -47.92 -10.98
C CYS C 1057 16.34 -47.55 -10.61
N GLN C 1058 16.97 -46.62 -11.35
CA GLN C 1058 18.33 -46.17 -11.01
C GLN C 1058 18.34 -45.17 -9.86
N TYR C 1059 17.23 -45.01 -9.13
CA TYR C 1059 17.12 -43.89 -8.22
C TYR C 1059 17.97 -44.16 -6.99
N SER C 1060 17.85 -45.38 -6.44
CA SER C 1060 18.60 -45.74 -5.24
C SER C 1060 20.10 -45.54 -5.46
N TYR C 1061 20.63 -46.10 -6.57
CA TYR C 1061 22.06 -45.97 -6.88
C TYR C 1061 22.48 -44.51 -7.06
N ASN C 1062 21.67 -43.74 -7.79
CA ASN C 1062 22.00 -42.34 -8.07
C ASN C 1062 22.05 -41.53 -6.78
N SER C 1063 21.03 -41.69 -5.92
CA SER C 1063 21.00 -40.99 -4.65
C SER C 1063 22.09 -41.48 -3.71
N GLN C 1064 22.41 -42.77 -3.76
CA GLN C 1064 23.53 -43.31 -3.00
C GLN C 1064 24.79 -42.52 -3.28
N GLN C 1065 25.14 -42.39 -4.57
CA GLN C 1065 26.38 -41.69 -4.89
C GLN C 1065 26.28 -40.20 -4.56
N PHE C 1066 25.10 -39.60 -4.73
CA PHE C 1066 24.92 -38.20 -4.31
C PHE C 1066 25.21 -38.00 -2.83
N ALA C 1067 24.58 -38.82 -1.98
CA ALA C 1067 24.87 -38.79 -0.55
C ALA C 1067 26.36 -38.95 -0.26
N ASP C 1068 26.98 -39.97 -0.89
CA ASP C 1068 28.37 -40.29 -0.55
C ASP C 1068 29.34 -39.18 -1.01
N LEU C 1069 29.05 -38.52 -2.14
CA LEU C 1069 29.84 -37.37 -2.57
C LEU C 1069 29.67 -36.17 -1.65
N LEU C 1070 28.47 -36.01 -1.05
CA LEU C 1070 28.33 -34.95 -0.05
C LEU C 1070 29.15 -35.30 1.19
N SER C 1071 29.02 -36.54 1.66
CA SER C 1071 29.82 -37.02 2.78
C SER C 1071 31.31 -36.75 2.55
N SER C 1072 31.79 -37.04 1.34
CA SER C 1072 33.22 -36.90 1.05
C SER C 1072 33.63 -35.45 0.87
N MET C 1073 33.12 -34.78 -0.15
CA MET C 1073 33.73 -33.53 -0.59
C MET C 1073 33.06 -32.29 -0.03
N PHE C 1074 32.06 -32.45 0.86
CA PHE C 1074 31.46 -31.31 1.54
C PHE C 1074 31.34 -31.48 3.07
N LYS C 1075 32.06 -32.43 3.68
CA LYS C 1075 31.83 -32.72 5.11
C LYS C 1075 31.91 -31.47 5.98
N TYR C 1076 32.58 -30.42 5.51
CA TYR C 1076 32.70 -29.15 6.22
C TYR C 1076 31.37 -28.43 6.39
N ARG C 1077 30.36 -28.82 5.63
CA ARG C 1077 29.03 -28.24 5.71
C ARG C 1077 27.97 -29.13 6.35
N TYR C 1078 28.00 -30.44 6.10
CA TYR C 1078 26.92 -31.34 6.49
C TYR C 1078 27.37 -32.34 7.55
N ASP C 1079 28.05 -31.83 8.58
CA ASP C 1079 28.50 -32.68 9.67
C ASP C 1079 27.33 -33.13 10.55
N GLY C 1080 26.51 -32.19 11.04
CA GLY C 1080 25.36 -32.57 11.83
C GLY C 1080 24.03 -31.94 11.45
N LYS C 1081 23.99 -31.20 10.34
CA LYS C 1081 22.80 -30.42 10.00
C LYS C 1081 22.55 -30.63 8.51
N ILE C 1082 21.30 -30.98 8.17
CA ILE C 1082 20.85 -31.22 6.80
C ILE C 1082 19.52 -30.49 6.64
N THR C 1083 19.23 -30.03 5.43
CA THR C 1083 17.90 -29.50 5.21
C THR C 1083 16.88 -30.62 5.01
N ASN C 1084 15.62 -30.33 5.37
CA ASN C 1084 14.59 -31.35 5.45
C ASN C 1084 14.34 -31.99 4.09
N TYR C 1085 14.25 -31.16 3.06
CA TYR C 1085 13.94 -31.67 1.73
C TYR C 1085 15.05 -32.57 1.24
N LEU C 1086 16.30 -32.16 1.45
CA LEU C 1086 17.42 -33.02 1.11
C LEU C 1086 17.27 -34.38 1.80
N HIS C 1087 16.84 -34.38 3.07
CA HIS C 1087 16.60 -35.66 3.75
C HIS C 1087 15.54 -36.48 3.03
N LYS C 1088 14.40 -35.87 2.77
CA LYS C 1088 13.32 -36.60 2.12
C LYS C 1088 13.76 -37.14 0.75
N THR C 1089 14.27 -36.26 -0.11
CA THR C 1089 14.80 -36.61 -1.43
C THR C 1089 15.90 -37.68 -1.41
N LEU C 1090 16.65 -37.81 -0.33
CA LEU C 1090 17.69 -38.82 -0.30
C LEU C 1090 17.31 -40.13 0.38
N ALA C 1091 16.36 -40.13 1.31
CA ALA C 1091 16.05 -41.34 2.06
C ALA C 1091 14.71 -41.95 1.71
N HIS C 1092 13.77 -41.18 1.15
CA HIS C 1092 12.37 -41.60 1.12
C HIS C 1092 11.73 -41.73 -0.27
N VAL C 1093 12.33 -41.16 -1.33
CA VAL C 1093 11.65 -41.13 -2.63
C VAL C 1093 11.32 -42.49 -3.23
N PRO C 1094 12.25 -43.45 -3.33
CA PRO C 1094 11.85 -44.76 -3.87
C PRO C 1094 10.66 -45.42 -3.19
N GLU C 1095 10.62 -45.41 -1.87
CA GLU C 1095 9.52 -46.04 -1.16
C GLU C 1095 8.18 -45.31 -1.34
N ILE C 1096 8.20 -43.97 -1.34
CA ILE C 1096 6.95 -43.24 -1.57
C ILE C 1096 6.41 -43.56 -2.95
N VAL C 1097 7.25 -43.43 -3.99
CA VAL C 1097 6.72 -43.61 -5.34
C VAL C 1097 6.37 -45.06 -5.64
N GLU C 1098 6.94 -46.02 -4.91
CA GLU C 1098 6.47 -47.39 -5.05
C GLU C 1098 5.11 -47.60 -4.38
N ARG C 1099 4.87 -46.92 -3.25
CA ARG C 1099 3.59 -47.13 -2.57
C ARG C 1099 2.41 -46.46 -3.25
N ASP C 1100 2.60 -45.24 -3.76
CA ASP C 1100 1.51 -44.41 -4.27
C ASP C 1100 1.40 -44.39 -5.78
N GLY C 1101 2.50 -44.61 -6.49
CA GLY C 1101 2.46 -44.50 -7.94
C GLY C 1101 3.13 -43.28 -8.56
N SER C 1102 2.94 -42.09 -7.99
CA SER C 1102 3.57 -40.92 -8.59
C SER C 1102 3.92 -39.93 -7.49
N ILE C 1103 4.73 -38.93 -7.86
CA ILE C 1103 4.97 -37.75 -7.05
C ILE C 1103 4.39 -36.67 -7.93
N GLY C 1104 5.01 -35.49 -7.99
CA GLY C 1104 4.53 -34.29 -8.65
C GLY C 1104 3.07 -34.19 -9.04
N ALA C 1105 2.40 -35.33 -9.19
CA ALA C 1105 0.99 -35.33 -9.51
C ALA C 1105 0.18 -34.80 -8.32
N TRP C 1106 0.71 -34.96 -7.12
CA TRP C 1106 0.01 -34.59 -5.89
C TRP C 1106 0.52 -33.30 -5.29
N ALA C 1107 1.16 -32.45 -6.06
CA ALA C 1107 1.78 -31.31 -5.43
C ALA C 1107 0.73 -30.26 -5.04
N SER C 1108 1.18 -29.28 -4.26
CA SER C 1108 0.42 -28.09 -3.92
C SER C 1108 0.42 -27.05 -5.02
N GLU C 1109 1.17 -27.26 -6.11
CA GLU C 1109 1.33 -26.24 -7.14
C GLU C 1109 0.00 -25.68 -7.58
N GLY C 1110 -0.93 -26.54 -7.97
CA GLY C 1110 -2.20 -26.07 -8.46
C GLY C 1110 -2.90 -25.18 -7.46
N ASN C 1111 -2.83 -25.53 -6.17
CA ASN C 1111 -3.41 -24.67 -5.17
C ASN C 1111 -2.71 -23.32 -5.13
N GLU C 1112 -1.37 -23.33 -5.04
CA GLU C 1112 -0.68 -22.04 -4.89
C GLU C 1112 -0.87 -21.20 -6.14
N SER C 1113 -0.83 -21.86 -7.29
CA SER C 1113 -1.15 -21.22 -8.56
C SER C 1113 -2.54 -20.59 -8.53
N GLY C 1114 -3.50 -21.26 -7.90
CA GLY C 1114 -4.83 -20.69 -7.79
C GLY C 1114 -4.87 -19.40 -6.99
N ASN C 1115 -3.99 -19.26 -5.98
CA ASN C 1115 -3.88 -18.00 -5.26
C ASN C 1115 -3.63 -16.82 -6.21
N LYS C 1116 -2.89 -17.06 -7.29
CA LYS C 1116 -2.67 -16.03 -8.29
C LYS C 1116 -4.01 -15.54 -8.82
N LEU C 1117 -4.86 -16.48 -9.24
CA LEU C 1117 -6.23 -16.16 -9.65
C LEU C 1117 -6.97 -15.39 -8.57
N PHE C 1118 -6.88 -15.88 -7.33
CA PHE C 1118 -7.58 -15.28 -6.20
C PHE C 1118 -7.24 -13.81 -6.12
N ARG C 1119 -6.00 -13.47 -6.46
CA ARG C 1119 -5.60 -12.09 -6.42
C ARG C 1119 -6.37 -11.30 -7.47
N ARG C 1120 -6.38 -11.76 -8.73
CA ARG C 1120 -7.10 -11.04 -9.79
C ARG C 1120 -8.55 -10.77 -9.39
N PHE C 1121 -9.26 -11.80 -8.91
CA PHE C 1121 -10.66 -11.63 -8.57
C PHE C 1121 -10.81 -10.58 -7.48
N ARG C 1122 -9.93 -10.61 -6.48
CA ARG C 1122 -10.10 -9.65 -5.38
C ARG C 1122 -10.10 -8.22 -5.91
N LYS C 1123 -9.33 -7.93 -6.96
CA LYS C 1123 -9.28 -6.56 -7.49
C LYS C 1123 -10.51 -6.25 -8.33
N MET C 1124 -10.66 -6.91 -9.48
CA MET C 1124 -11.66 -6.50 -10.46
C MET C 1124 -13.07 -6.97 -10.12
N ASN C 1125 -13.26 -7.91 -9.19
CA ASN C 1125 -14.60 -8.41 -8.94
C ASN C 1125 -15.03 -8.26 -7.49
N ALA C 1126 -14.40 -7.38 -6.74
CA ALA C 1126 -14.74 -7.20 -5.34
C ALA C 1126 -16.15 -6.61 -5.19
N ARG C 1127 -16.74 -6.84 -4.02
CA ARG C 1127 -18.07 -6.28 -3.75
C ARG C 1127 -18.05 -4.74 -3.68
N GLN C 1128 -17.02 -4.10 -3.10
CA GLN C 1128 -16.08 -4.62 -2.09
C GLN C 1128 -16.46 -4.49 -0.62
N SER C 1129 -16.80 -5.61 0.01
CA SER C 1129 -17.07 -5.63 1.45
C SER C 1129 -16.70 -7.03 1.93
N LYS C 1130 -16.25 -7.12 3.18
CA LYS C 1130 -15.89 -8.41 3.74
C LYS C 1130 -17.05 -9.41 3.77
N THR C 1131 -18.29 -8.95 4.00
CA THR C 1131 -19.40 -9.88 4.23
C THR C 1131 -19.73 -10.62 2.94
N PHE C 1132 -19.34 -10.02 1.81
CA PHE C 1132 -19.72 -10.42 0.46
C PHE C 1132 -18.50 -10.80 -0.37
N GLU C 1133 -17.31 -10.27 -0.03
CA GLU C 1133 -16.17 -10.40 -0.93
C GLU C 1133 -15.83 -11.86 -1.13
N LEU C 1134 -15.96 -12.65 -0.07
CA LEU C 1134 -15.70 -14.06 -0.23
C LEU C 1134 -16.81 -14.75 -1.00
N GLU C 1135 -18.07 -14.39 -0.77
CA GLU C 1135 -19.15 -15.01 -1.55
C GLU C 1135 -18.99 -14.76 -3.03
N ASP C 1136 -18.27 -13.71 -3.38
CA ASP C 1136 -18.11 -13.39 -4.78
C ASP C 1136 -16.86 -14.06 -5.33
N ILE C 1137 -15.73 -13.87 -4.66
CA ILE C 1137 -14.53 -14.60 -5.06
C ILE C 1137 -14.86 -16.08 -5.18
N LEU C 1138 -15.60 -16.60 -4.22
CA LEU C 1138 -15.90 -18.02 -4.20
C LEU C 1138 -16.75 -18.41 -5.39
N LYS C 1139 -17.80 -17.65 -5.69
CA LYS C 1139 -18.62 -18.05 -6.84
C LYS C 1139 -17.80 -18.00 -8.14
N HIS C 1140 -17.10 -16.88 -8.36
CA HIS C 1140 -16.34 -16.71 -9.59
C HIS C 1140 -15.22 -17.74 -9.76
N HIS C 1141 -14.46 -18.02 -8.70
CA HIS C 1141 -13.45 -19.08 -8.72
C HIS C 1141 -14.07 -20.44 -9.07
N TRP C 1142 -15.26 -20.75 -8.53
CA TRP C 1142 -15.84 -22.08 -8.81
C TRP C 1142 -16.25 -22.22 -10.27
N LEU C 1143 -16.76 -21.15 -10.86
CA LEU C 1143 -17.08 -21.22 -12.29
C LEU C 1143 -15.80 -21.41 -13.08
N TYR C 1144 -14.79 -20.64 -12.72
CA TYR C 1144 -13.51 -20.64 -13.38
C TYR C 1144 -12.95 -22.05 -13.56
N THR C 1145 -13.37 -23.04 -12.77
CA THR C 1145 -12.75 -24.36 -12.78
C THR C 1145 -13.57 -25.49 -13.36
N SER C 1146 -14.88 -25.37 -13.40
CA SER C 1146 -15.71 -26.41 -14.00
C SER C 1146 -15.19 -26.79 -15.39
N LYS C 1147 -14.88 -28.08 -15.58
CA LYS C 1147 -14.44 -28.57 -16.89
C LYS C 1147 -15.40 -28.13 -18.01
N TYR C 1148 -16.70 -28.16 -17.73
CA TYR C 1148 -17.73 -27.97 -18.75
C TYR C 1148 -17.58 -26.59 -19.41
N LEU C 1149 -17.27 -25.59 -18.60
CA LEU C 1149 -16.97 -24.31 -19.19
C LEU C 1149 -15.54 -24.22 -19.75
N GLN C 1150 -14.65 -25.14 -19.39
CA GLN C 1150 -13.34 -25.08 -20.04
C GLN C 1150 -13.40 -25.70 -21.42
N LYS C 1151 -14.35 -26.63 -21.67
CA LYS C 1151 -14.41 -27.18 -23.01
C LYS C 1151 -15.02 -26.11 -23.90
N PHE C 1152 -15.96 -25.33 -23.33
CA PHE C 1152 -16.44 -24.20 -24.12
C PHE C 1152 -15.29 -23.26 -24.38
N MET C 1153 -14.32 -23.26 -23.47
CA MET C 1153 -13.18 -22.37 -23.62
C MET C 1153 -12.32 -22.85 -24.80
N GLU C 1154 -11.98 -24.15 -24.84
CA GLU C 1154 -11.10 -24.63 -25.90
C GLU C 1154 -11.84 -24.69 -27.23
N ALA C 1155 -13.08 -25.18 -27.22
CA ALA C 1155 -13.86 -25.49 -28.41
C ALA C 1155 -13.03 -26.05 -29.56
N HIS C 1156 -12.52 -27.27 -29.39
CA HIS C 1156 -11.60 -27.89 -30.33
C HIS C 1156 -10.45 -26.94 -30.68
N LYS C 1157 -10.04 -26.11 -29.71
CA LYS C 1157 -8.80 -25.34 -29.68
C LYS C 1157 -9.01 -23.96 -30.29
N MET D 4 -6.63 0.98 45.06
CA MET D 4 -7.45 1.17 43.89
C MET D 4 -6.80 2.12 42.92
N SER D 5 -5.68 1.68 42.36
CA SER D 5 -4.94 2.40 41.34
C SER D 5 -4.63 1.44 40.21
N LEU D 6 -4.69 1.95 38.99
CA LEU D 6 -4.24 1.22 37.83
C LEU D 6 -3.09 1.97 37.19
N GLN D 7 -2.01 1.25 36.91
CA GLN D 7 -0.85 1.76 36.20
C GLN D 7 -0.59 0.92 34.96
N PRO D 8 -0.39 1.54 33.79
CA PRO D 8 -0.10 0.74 32.60
C PRO D 8 1.25 0.06 32.65
N LEU D 9 1.26 -1.25 32.41
CA LEU D 9 2.49 -2.00 32.24
C LEU D 9 2.79 -2.10 30.75
N THR D 10 3.94 -2.66 30.45
CA THR D 10 4.29 -3.01 29.07
C THR D 10 4.97 -4.36 29.12
N ALA D 11 4.57 -5.28 28.26
CA ALA D 11 5.09 -6.63 28.27
C ALA D 11 6.23 -6.63 27.25
N VAL D 12 7.45 -6.82 27.75
CA VAL D 12 8.67 -6.47 27.03
C VAL D 12 8.83 -7.39 25.82
N ASN D 13 9.03 -8.67 26.07
CA ASN D 13 9.26 -9.67 25.03
C ASN D 13 8.25 -10.77 25.28
N CYS D 14 7.89 -11.49 24.22
CA CYS D 14 6.87 -12.53 24.30
C CYS D 14 5.54 -11.89 24.69
N GLY D 15 4.78 -11.60 23.64
CA GLY D 15 3.39 -11.21 23.76
C GLY D 15 2.44 -11.96 22.85
N SER D 16 2.94 -12.86 22.00
CA SER D 16 2.09 -13.65 21.11
C SER D 16 1.50 -14.85 21.81
N LEU D 17 1.85 -15.04 23.09
CA LEU D 17 1.53 -16.23 23.86
C LEU D 17 0.46 -15.95 24.91
N VAL D 18 -0.57 -15.18 24.55
CA VAL D 18 -1.64 -14.75 25.45
C VAL D 18 -2.91 -14.57 24.62
N GLN D 19 -4.03 -15.09 25.11
CA GLN D 19 -5.27 -15.02 24.38
C GLN D 19 -6.41 -14.77 25.35
N PRO D 20 -7.44 -14.04 24.91
CA PRO D 20 -8.48 -13.51 25.80
C PRO D 20 -8.94 -14.40 26.95
N GLY D 21 -9.14 -15.68 26.68
CA GLY D 21 -9.49 -16.56 27.77
C GLY D 21 -8.26 -17.27 28.26
N PHE D 22 -7.74 -16.89 29.43
CA PHE D 22 -6.60 -17.56 30.05
C PHE D 22 -6.81 -17.57 31.56
N SER D 23 -5.92 -18.26 32.28
CA SER D 23 -6.09 -18.48 33.70
C SER D 23 -4.86 -18.04 34.47
N LEU D 24 -5.10 -17.47 35.65
CA LEU D 24 -4.01 -17.14 36.57
C LEU D 24 -4.13 -17.95 37.85
N LEU D 25 -3.08 -18.69 38.17
CA LEU D 25 -3.02 -19.52 39.37
C LEU D 25 -2.01 -18.93 40.35
N ASP D 26 -2.45 -18.64 41.57
CA ASP D 26 -1.55 -18.16 42.62
C ASP D 26 -1.10 -19.38 43.43
N LEU D 27 0.13 -19.82 43.20
CA LEU D 27 0.71 -20.93 43.93
C LEU D 27 1.90 -20.43 44.75
N GLU D 28 1.78 -20.53 46.07
CA GLU D 28 2.86 -20.22 46.99
C GLU D 28 3.46 -18.83 46.76
N GLY D 29 2.58 -17.84 46.60
CA GLY D 29 3.05 -16.47 46.42
C GLY D 29 3.49 -16.15 45.02
N ASP D 30 3.85 -17.16 44.24
CA ASP D 30 4.25 -17.01 42.84
C ASP D 30 3.02 -17.19 41.97
N VAL D 31 2.91 -16.38 40.93
CA VAL D 31 1.75 -16.39 40.04
C VAL D 31 2.14 -17.04 38.73
N TYR D 32 1.26 -17.90 38.24
CA TYR D 32 1.50 -18.71 37.05
C TYR D 32 0.40 -18.49 36.02
N LEU D 33 0.80 -18.06 34.82
CA LEU D 33 -0.10 -17.96 33.69
C LEU D 33 -0.29 -19.36 33.11
N PHE D 34 -1.53 -19.64 32.70
CA PHE D 34 -1.89 -20.97 32.25
C PHE D 34 -2.89 -20.87 31.11
N GLY D 35 -2.57 -21.55 30.02
CA GLY D 35 -3.38 -21.56 28.83
C GLY D 35 -2.71 -20.51 27.96
N GLN D 36 -2.69 -20.72 26.65
CA GLN D 36 -1.95 -19.83 25.77
C GLN D 36 -2.40 -20.11 24.34
N LYS D 37 -2.12 -19.16 23.45
CA LYS D 37 -2.45 -19.40 22.04
C LYS D 37 -1.53 -20.47 21.45
N GLY D 38 -2.11 -21.45 20.80
CA GLY D 38 -1.34 -22.48 20.17
C GLY D 38 -1.17 -23.68 21.07
N TRP D 39 -0.60 -24.71 20.48
CA TRP D 39 0.02 -25.81 21.19
C TRP D 39 1.35 -25.35 21.78
N PRO D 40 1.92 -26.11 22.73
CA PRO D 40 3.13 -25.63 23.40
C PRO D 40 4.28 -25.64 22.41
N LYS D 41 4.88 -24.48 22.22
CA LYS D 41 6.09 -24.43 21.44
C LYS D 41 7.20 -25.14 22.21
N ARG D 42 8.37 -25.19 21.62
CA ARG D 42 9.41 -26.01 22.21
C ARG D 42 10.38 -25.09 22.95
N SER D 43 10.17 -23.76 22.83
CA SER D 43 10.68 -22.84 23.85
C SER D 43 10.17 -23.24 25.23
N CYS D 44 8.97 -23.82 25.31
CA CYS D 44 8.36 -24.18 26.59
C CYS D 44 7.46 -25.39 26.42
N PRO D 45 8.02 -26.60 26.39
CA PRO D 45 7.23 -27.76 26.00
C PRO D 45 6.20 -28.14 27.05
N THR D 46 6.07 -27.38 28.13
CA THR D 46 5.06 -27.64 29.14
C THR D 46 3.78 -26.80 28.95
N GLY D 47 3.90 -25.55 28.50
CA GLY D 47 2.75 -24.69 28.28
C GLY D 47 2.28 -23.85 29.44
N ILE D 48 2.93 -23.93 30.60
CA ILE D 48 2.62 -23.14 31.77
C ILE D 48 3.75 -22.14 31.97
N PHE D 49 3.43 -20.89 32.29
CA PHE D 49 4.46 -19.87 32.41
C PHE D 49 4.43 -19.24 33.80
N GLY D 50 5.60 -18.81 34.26
CA GLY D 50 5.70 -18.04 35.47
C GLY D 50 5.70 -16.55 35.17
N VAL D 51 4.90 -15.81 35.94
CA VAL D 51 4.70 -14.37 35.77
C VAL D 51 5.61 -13.65 36.74
N ARG D 52 6.39 -12.71 36.24
CA ARG D 52 7.24 -11.88 37.07
C ARG D 52 6.89 -10.44 36.73
N ILE D 53 6.40 -9.70 37.71
CA ILE D 53 6.15 -8.28 37.56
C ILE D 53 7.30 -7.53 38.21
N LYS D 54 7.90 -6.60 37.47
CA LYS D 54 9.01 -5.80 37.98
C LYS D 54 8.98 -4.47 37.24
N LYS D 55 9.21 -3.38 37.96
CA LYS D 55 9.39 -2.07 37.34
C LYS D 55 8.43 -1.73 36.20
N GLY D 56 7.17 -2.16 36.29
CA GLY D 56 6.21 -1.87 35.23
C GLY D 56 6.29 -2.76 34.02
N GLU D 57 7.14 -3.78 34.09
CA GLU D 57 7.34 -4.83 33.09
C GLU D 57 6.71 -6.16 33.51
N LEU D 58 6.14 -6.83 32.50
CA LEU D 58 5.63 -8.18 32.56
C LEU D 58 6.62 -9.13 31.86
N LYS D 59 7.28 -10.00 32.65
CA LYS D 59 8.25 -10.95 32.11
C LYS D 59 7.74 -12.37 32.35
N LEU D 60 8.03 -13.26 31.40
CA LEU D 60 7.54 -14.62 31.46
C LEU D 60 8.69 -15.62 31.45
N ARG D 61 8.59 -16.62 32.31
CA ARG D 61 9.64 -17.60 32.51
C ARG D 61 9.08 -18.98 32.28
N ALA D 62 9.86 -19.84 31.64
CA ALA D 62 9.40 -21.16 31.30
C ALA D 62 9.49 -22.05 32.53
N ILE D 63 8.32 -22.56 33.02
CA ILE D 63 8.26 -23.52 34.13
C ILE D 63 8.45 -24.93 33.58
N SER D 64 8.96 -25.81 34.43
CA SER D 64 9.14 -27.22 34.08
C SER D 64 8.26 -28.07 34.98
N PHE D 65 8.14 -29.36 34.63
CA PHE D 65 7.37 -30.31 35.40
C PHE D 65 8.29 -31.26 36.16
N SER D 66 7.67 -32.24 36.80
CA SER D 66 8.40 -33.32 37.45
C SER D 66 8.46 -34.52 36.52
N ASN D 67 9.07 -35.59 37.01
CA ASN D 67 9.20 -36.76 36.17
C ASN D 67 7.95 -37.62 36.22
N ASN D 68 7.17 -37.53 37.31
CA ASN D 68 5.99 -38.36 37.50
C ASN D 68 4.75 -37.63 37.06
N SER D 69 4.92 -36.49 36.42
CA SER D 69 3.80 -35.64 36.09
C SER D 69 3.31 -35.99 34.70
N SER D 70 2.02 -35.81 34.49
CA SER D 70 1.43 -35.89 33.16
C SER D 70 1.46 -34.52 32.50
N TYR D 71 1.71 -34.50 31.20
CA TYR D 71 1.65 -33.25 30.47
C TYR D 71 0.21 -32.86 30.15
N LEU D 72 0.06 -31.67 29.65
CA LEU D 72 -1.21 -31.03 29.88
C LEU D 72 -1.58 -29.98 28.85
N PRO D 73 -2.65 -30.21 28.09
CA PRO D 73 -2.97 -29.34 26.99
C PRO D 73 -3.34 -27.93 27.52
N PRO D 74 -3.14 -26.91 26.70
CA PRO D 74 -3.52 -25.54 27.13
C PRO D 74 -5.02 -25.24 27.08
N LEU D 75 -5.74 -25.56 28.15
CA LEU D 75 -7.18 -25.30 28.21
C LEU D 75 -7.46 -23.80 28.06
N ARG D 76 -8.62 -23.45 27.48
CA ARG D 76 -8.80 -22.04 27.14
C ARG D 76 -9.65 -21.27 28.11
N CYS D 77 -10.78 -21.80 28.55
CA CYS D 77 -11.58 -21.10 29.56
C CYS D 77 -11.92 -22.06 30.70
N PRO D 78 -10.94 -22.80 31.18
CA PRO D 78 -11.23 -23.89 32.11
C PRO D 78 -11.79 -23.39 33.42
N ALA D 79 -12.26 -24.34 34.20
CA ALA D 79 -12.72 -24.10 35.55
C ALA D 79 -11.61 -24.44 36.53
N ILE D 80 -11.46 -23.61 37.56
CA ILE D 80 -10.19 -23.38 38.24
C ILE D 80 -10.45 -23.28 39.73
N ALA D 81 -9.95 -24.24 40.48
CA ALA D 81 -10.25 -24.40 41.90
C ALA D 81 -8.96 -24.30 42.71
N HIS D 82 -8.86 -23.30 43.59
CA HIS D 82 -7.71 -23.20 44.48
C HIS D 82 -7.93 -24.21 45.59
N PHE D 83 -7.33 -25.40 45.47
CA PHE D 83 -7.32 -26.30 46.61
C PHE D 83 -6.36 -25.76 47.67
N GLU D 84 -6.86 -25.56 48.88
CA GLU D 84 -6.14 -24.86 49.93
C GLU D 84 -5.40 -25.85 50.83
N ALA D 85 -4.40 -25.33 51.56
CA ALA D 85 -3.39 -26.16 52.20
C ALA D 85 -3.99 -27.03 53.32
N GLN D 86 -4.12 -28.33 53.06
CA GLN D 86 -4.57 -29.28 54.07
C GLN D 86 -4.00 -30.65 53.72
N ASP D 87 -4.44 -31.68 54.44
CA ASP D 87 -3.97 -33.05 54.24
C ASP D 87 -4.66 -33.72 53.07
N GLY D 88 -3.90 -34.48 52.28
CA GLY D 88 -2.51 -34.84 52.53
C GLY D 88 -1.48 -33.87 52.03
N LYS D 89 -1.51 -33.57 50.73
CA LYS D 89 -0.48 -32.77 50.09
C LYS D 89 -1.03 -31.40 49.70
N PRO D 90 -0.63 -30.33 50.38
CA PRO D 90 -0.99 -28.99 49.94
C PRO D 90 -0.09 -28.58 48.77
N GLU D 91 -0.55 -27.59 48.02
CA GLU D 91 -1.86 -26.96 48.13
C GLU D 91 -2.26 -26.73 46.69
N CYS D 92 -3.18 -27.59 46.28
CA CYS D 92 -3.33 -27.87 44.85
C CYS D 92 -4.06 -26.82 44.04
N TYR D 93 -4.52 -27.24 42.86
CA TYR D 93 -5.28 -26.40 41.96
C TYR D 93 -5.94 -27.26 40.92
N LEU D 94 -7.24 -27.45 41.09
CA LEU D 94 -8.00 -28.35 40.26
C LEU D 94 -8.34 -27.60 38.97
N ILE D 95 -8.13 -28.24 37.83
CA ILE D 95 -8.51 -27.66 36.55
C ILE D 95 -9.42 -28.67 35.87
N HIS D 96 -10.56 -28.19 35.38
CA HIS D 96 -11.56 -28.94 34.63
C HIS D 96 -12.55 -27.92 34.10
N GLY D 97 -12.88 -27.99 32.82
CA GLY D 97 -12.16 -28.77 31.85
C GLY D 97 -11.77 -27.86 30.71
N GLY D 98 -12.48 -26.75 30.57
CA GLY D 98 -12.04 -25.84 29.54
C GLY D 98 -12.09 -26.38 28.11
N ARG D 99 -11.43 -25.64 27.23
CA ARG D 99 -11.44 -25.90 25.81
C ARG D 99 -10.02 -25.97 25.28
N THR D 100 -9.67 -27.10 24.54
CA THR D 100 -8.34 -27.45 24.05
C THR D 100 -7.84 -26.35 23.11
N PRO D 101 -6.57 -26.33 22.67
CA PRO D 101 -6.20 -25.36 21.63
C PRO D 101 -6.72 -25.72 20.26
N ASN D 102 -6.83 -27.00 19.99
CA ASN D 102 -7.68 -27.50 18.94
C ASN D 102 -9.08 -27.65 19.51
N ASN D 103 -10.03 -26.94 18.93
CA ASN D 103 -11.24 -26.63 19.68
C ASN D 103 -12.07 -27.91 19.89
N GLU D 104 -11.61 -28.71 20.86
CA GLU D 104 -12.34 -29.79 21.51
C GLU D 104 -12.82 -29.28 22.87
N LEU D 105 -13.63 -30.06 23.57
CA LEU D 105 -13.88 -29.73 24.97
C LEU D 105 -13.40 -30.83 25.92
N SER D 106 -12.81 -30.44 27.04
CA SER D 106 -11.94 -31.32 27.83
C SER D 106 -12.86 -32.15 28.71
N SER D 107 -12.59 -33.44 28.78
CA SER D 107 -13.42 -34.32 29.59
C SER D 107 -12.57 -35.01 30.66
N SER D 108 -11.49 -34.35 31.07
CA SER D 108 -10.59 -34.86 32.10
C SER D 108 -10.24 -33.79 33.13
N LEU D 109 -10.02 -34.25 34.36
CA LEU D 109 -9.77 -33.42 35.54
C LEU D 109 -8.28 -33.51 35.87
N TYR D 110 -7.63 -32.36 36.09
CA TYR D 110 -6.20 -32.29 36.39
C TYR D 110 -5.94 -31.61 37.73
N MET D 111 -5.22 -32.29 38.62
CA MET D 111 -4.80 -31.67 39.88
C MET D 111 -3.37 -31.18 39.69
N LEU D 112 -3.14 -29.87 39.89
CA LEU D 112 -1.87 -29.21 39.60
C LEU D 112 -1.31 -28.63 40.89
N SER D 113 -0.19 -29.18 41.37
CA SER D 113 0.38 -28.77 42.65
C SER D 113 1.81 -28.25 42.44
N VAL D 114 2.40 -27.69 43.53
CA VAL D 114 3.82 -27.34 43.57
C VAL D 114 4.56 -28.57 44.10
N ASP D 115 5.84 -28.73 43.71
CA ASP D 115 6.54 -29.95 44.11
C ASP D 115 7.89 -29.73 44.77
N SER D 116 8.72 -28.83 44.25
CA SER D 116 10.06 -28.69 44.82
C SER D 116 10.74 -27.42 44.34
N ARG D 117 11.71 -27.00 45.15
CA ARG D 117 12.49 -25.79 44.99
C ARG D 117 13.74 -26.00 45.82
N GLY D 118 14.84 -25.34 45.46
CA GLY D 118 14.96 -24.49 44.29
C GLY D 118 15.38 -25.32 43.09
N CYS D 119 16.58 -25.10 42.53
CA CYS D 119 17.69 -24.42 43.18
C CYS D 119 17.72 -22.88 43.14
N ASN D 120 17.82 -22.34 41.94
CA ASN D 120 18.07 -20.92 41.69
C ASN D 120 16.77 -20.24 41.30
N ARG D 121 15.85 -20.19 42.29
CA ARG D 121 14.48 -19.75 42.08
C ARG D 121 13.81 -20.59 41.01
N LYS D 122 14.18 -21.87 40.95
CA LYS D 122 13.51 -22.79 40.05
C LYS D 122 12.42 -23.48 40.86
N VAL D 123 11.27 -23.62 40.24
CA VAL D 123 10.14 -24.30 40.85
C VAL D 123 9.74 -25.36 39.85
N THR D 124 9.39 -26.54 40.35
CA THR D 124 8.74 -27.55 39.52
C THR D 124 7.33 -27.78 40.02
N LEU D 125 6.41 -27.94 39.08
CA LEU D 125 5.03 -28.18 39.41
C LEU D 125 4.80 -29.67 39.24
N ARG D 126 3.55 -30.11 39.36
CA ARG D 126 3.24 -31.42 38.82
C ARG D 126 1.76 -31.46 38.50
N CYS D 127 1.41 -32.34 37.56
CA CYS D 127 0.04 -32.56 37.13
C CYS D 127 -0.26 -34.04 37.36
N GLU D 128 -1.26 -34.32 38.17
CA GLU D 128 -1.84 -35.65 38.26
C GLU D 128 -3.16 -35.57 37.53
N GLU D 129 -3.26 -36.28 36.43
CA GLU D 129 -4.55 -36.54 35.81
C GLU D 129 -5.35 -37.44 36.74
N LYS D 130 -6.41 -36.85 37.31
CA LYS D 130 -7.34 -37.48 38.22
C LYS D 130 -8.46 -38.14 37.44
N GLU D 131 -8.60 -39.44 37.59
CA GLU D 131 -9.57 -40.18 36.80
C GLU D 131 -10.90 -40.13 37.49
N LEU D 132 -11.95 -40.00 36.71
CA LEU D 132 -13.27 -39.69 37.24
C LEU D 132 -14.18 -40.90 37.02
N VAL D 133 -14.82 -41.36 38.09
CA VAL D 133 -15.79 -42.46 38.02
C VAL D 133 -17.12 -41.96 38.55
N GLY D 134 -18.17 -42.11 37.75
CA GLY D 134 -19.47 -41.57 38.06
C GLY D 134 -20.50 -42.21 37.18
N ASP D 135 -21.48 -41.48 36.64
CA ASP D 135 -21.79 -40.06 36.89
C ASP D 135 -20.71 -38.98 36.66
N VAL D 136 -19.93 -39.04 35.59
CA VAL D 136 -18.88 -38.04 35.40
C VAL D 136 -19.57 -36.83 34.79
N PRO D 137 -19.05 -35.62 34.91
CA PRO D 137 -19.65 -34.49 34.19
C PRO D 137 -19.23 -34.51 32.74
N SER D 138 -20.05 -33.89 31.90
CA SER D 138 -19.78 -33.89 30.47
C SER D 138 -18.73 -32.84 30.17
N ALA D 139 -18.00 -33.05 29.09
CA ALA D 139 -17.07 -31.99 28.68
C ALA D 139 -17.84 -30.70 28.46
N ARG D 140 -17.34 -29.61 29.04
CA ARG D 140 -17.98 -28.30 29.01
C ARG D 140 -16.91 -27.26 29.26
N TYR D 141 -17.31 -25.98 29.32
CA TYR D 141 -16.38 -24.92 29.67
C TYR D 141 -17.14 -23.70 30.18
N GLY D 142 -16.40 -22.73 30.71
CA GLY D 142 -17.02 -21.56 31.34
C GLY D 142 -17.87 -21.85 32.55
N HIS D 143 -17.78 -23.09 33.04
CA HIS D 143 -18.49 -23.52 34.23
C HIS D 143 -17.64 -23.21 35.45
N THR D 144 -18.10 -23.58 36.65
CA THR D 144 -17.24 -23.30 37.80
C THR D 144 -17.16 -24.43 38.82
N LEU D 145 -16.00 -24.49 39.46
CA LEU D 145 -15.61 -25.49 40.44
C LEU D 145 -15.24 -24.77 41.73
N SER D 146 -15.68 -25.32 42.88
CA SER D 146 -15.39 -24.73 44.18
C SER D 146 -15.20 -25.87 45.18
N VAL D 147 -14.55 -25.58 46.29
CA VAL D 147 -14.24 -26.59 47.30
C VAL D 147 -14.99 -26.27 48.59
N ILE D 148 -15.54 -27.31 49.24
CA ILE D 148 -16.36 -27.15 50.44
C ILE D 148 -15.98 -28.20 51.48
N ASN D 149 -16.10 -27.82 52.75
CA ASN D 149 -15.73 -28.67 53.88
C ASN D 149 -16.95 -28.89 54.76
N SER D 150 -17.26 -30.15 55.03
CA SER D 150 -18.37 -30.53 55.91
C SER D 150 -17.97 -31.75 56.75
N ARG D 151 -17.66 -31.49 58.02
CA ARG D 151 -17.65 -32.45 59.13
C ARG D 151 -16.77 -33.71 58.92
N GLY D 152 -15.46 -33.50 58.72
CA GLY D 152 -14.86 -32.30 58.18
C GLY D 152 -14.34 -32.70 56.81
N LYS D 153 -14.97 -33.73 56.21
CA LYS D 153 -14.58 -34.21 54.90
C LYS D 153 -14.62 -33.08 53.87
N THR D 154 -13.80 -33.20 52.83
CA THR D 154 -13.69 -32.16 51.81
C THR D 154 -14.16 -32.70 50.47
N ALA D 155 -15.13 -32.00 49.86
CA ALA D 155 -15.53 -32.29 48.48
C ALA D 155 -15.49 -31.06 47.59
N CYS D 156 -15.95 -31.19 46.34
CA CYS D 156 -15.74 -30.16 45.33
C CYS D 156 -16.96 -30.11 44.40
N VAL D 157 -17.61 -28.95 44.35
CA VAL D 157 -18.89 -28.75 43.69
C VAL D 157 -18.68 -28.06 42.35
N LEU D 158 -19.39 -28.52 41.33
CA LEU D 158 -19.17 -28.11 39.95
C LEU D 158 -20.51 -27.80 39.31
N PHE D 159 -20.64 -26.61 38.74
CA PHE D 159 -21.96 -26.23 38.26
C PHE D 159 -21.80 -25.13 37.22
N GLY D 160 -22.68 -25.19 36.22
CA GLY D 160 -22.83 -24.20 35.18
C GLY D 160 -22.17 -24.63 33.89
N GLY D 161 -22.14 -23.70 32.94
CA GLY D 161 -21.29 -23.80 31.77
C GLY D 161 -22.07 -24.06 30.48
N ARG D 162 -21.35 -23.87 29.38
CA ARG D 162 -21.80 -24.12 28.02
C ARG D 162 -21.14 -25.40 27.52
N SER D 163 -21.74 -25.94 26.46
CA SER D 163 -21.13 -27.06 25.77
C SER D 163 -21.62 -27.01 24.32
N TYR D 164 -21.13 -27.94 23.51
CA TYR D 164 -21.69 -28.12 22.18
C TYR D 164 -22.97 -28.93 22.27
N MET D 165 -23.75 -28.89 21.20
CA MET D 165 -25.01 -29.60 21.18
C MET D 165 -24.70 -31.09 21.21
N PRO D 166 -25.62 -31.93 21.69
CA PRO D 166 -25.32 -33.37 21.80
C PRO D 166 -24.82 -33.94 20.50
N PRO D 167 -23.95 -34.97 20.52
CA PRO D 167 -23.36 -35.48 19.26
C PRO D 167 -24.36 -36.00 18.21
N THR D 168 -25.62 -36.23 18.57
CA THR D 168 -26.62 -36.71 17.61
C THR D 168 -27.25 -35.56 16.81
N GLU D 169 -27.47 -34.41 17.45
CA GLU D 169 -28.04 -33.22 16.84
C GLU D 169 -27.01 -32.22 16.39
N ARG D 170 -25.74 -32.50 16.59
CA ARG D 170 -24.69 -31.55 16.28
C ARG D 170 -24.42 -31.76 14.80
N THR D 171 -24.40 -30.66 14.06
CA THR D 171 -24.41 -30.70 12.63
C THR D 171 -23.24 -29.85 12.16
N THR D 172 -22.77 -30.11 10.97
CA THR D 172 -21.70 -29.25 10.48
C THR D 172 -22.12 -27.83 10.07
N GLN D 173 -23.35 -27.39 10.32
CA GLN D 173 -23.70 -25.97 10.33
C GLN D 173 -24.05 -25.50 11.74
N ASN D 174 -24.06 -26.44 12.71
CA ASN D 174 -24.21 -26.16 14.13
C ASN D 174 -22.90 -26.24 14.90
N TRP D 175 -21.75 -26.41 14.21
CA TRP D 175 -20.60 -27.08 14.83
C TRP D 175 -19.99 -26.18 15.88
N ASN D 176 -20.07 -24.87 15.68
CA ASN D 176 -19.53 -23.91 16.62
C ASN D 176 -20.62 -23.29 17.46
N SER D 177 -21.86 -23.72 17.25
CA SER D 177 -22.98 -23.30 18.09
C SER D 177 -22.86 -23.92 19.46
N VAL D 178 -23.29 -23.17 20.49
CA VAL D 178 -23.24 -23.68 21.85
C VAL D 178 -24.62 -23.50 22.45
N VAL D 179 -24.90 -24.35 23.43
CA VAL D 179 -26.15 -24.39 24.18
C VAL D 179 -25.72 -24.62 25.62
N ASP D 180 -26.56 -24.21 26.57
CA ASP D 180 -26.22 -24.43 27.96
C ASP D 180 -26.47 -25.88 28.34
N CYS D 181 -25.58 -26.40 29.17
CA CYS D 181 -25.71 -27.76 29.62
C CYS D 181 -26.80 -27.84 30.67
N PRO D 182 -27.35 -29.02 30.91
CA PRO D 182 -28.45 -29.16 31.87
C PRO D 182 -28.04 -28.68 33.26
N PRO D 183 -28.95 -28.00 34.01
CA PRO D 183 -28.52 -27.41 35.30
C PRO D 183 -28.50 -28.45 36.43
N GLN D 184 -27.46 -29.28 36.45
CA GLN D 184 -27.15 -30.16 37.55
C GLN D 184 -25.88 -29.69 38.24
N VAL D 185 -25.75 -30.04 39.52
CA VAL D 185 -24.51 -29.83 40.26
C VAL D 185 -23.81 -31.18 40.37
N TYR D 186 -22.48 -31.15 40.40
CA TYR D 186 -21.68 -32.36 40.51
C TYR D 186 -20.86 -32.28 41.78
N LEU D 187 -20.97 -33.29 42.63
CA LEU D 187 -20.04 -33.45 43.74
C LEU D 187 -18.92 -34.38 43.27
N ILE D 188 -17.73 -33.82 43.12
CA ILE D 188 -16.49 -34.55 42.89
C ILE D 188 -15.78 -34.66 44.23
N ASP D 189 -15.67 -35.88 44.76
CA ASP D 189 -14.69 -36.11 45.79
C ASP D 189 -13.41 -36.45 45.05
N LEU D 190 -12.27 -36.07 45.63
CA LEU D 190 -11.02 -36.05 44.89
C LEU D 190 -10.08 -37.19 45.25
N GLU D 191 -10.34 -37.90 46.35
CA GLU D 191 -9.94 -39.29 46.47
C GLU D 191 -10.96 -39.98 47.39
N PHE D 192 -11.86 -40.76 46.81
CA PHE D 192 -11.70 -41.37 45.50
C PHE D 192 -12.20 -40.43 44.40
N GLY D 193 -12.17 -40.90 43.16
CA GLY D 193 -12.59 -40.09 42.05
C GLY D 193 -14.07 -40.23 41.78
N CYS D 194 -14.89 -40.25 42.82
CA CYS D 194 -16.31 -40.55 42.70
C CYS D 194 -17.13 -39.28 42.54
N CYS D 195 -17.88 -39.20 41.45
CA CYS D 195 -18.71 -38.05 41.10
C CYS D 195 -20.17 -38.43 41.29
N THR D 196 -20.96 -37.49 41.78
CA THR D 196 -22.41 -37.65 41.86
C THR D 196 -23.07 -36.44 41.23
N ALA D 197 -24.20 -36.66 40.58
CA ALA D 197 -24.94 -35.58 39.96
C ALA D 197 -26.24 -35.39 40.70
N HIS D 198 -26.58 -34.13 40.96
CA HIS D 198 -27.74 -33.78 41.77
C HIS D 198 -28.52 -32.71 41.02
N THR D 199 -29.83 -32.89 40.96
CA THR D 199 -30.72 -31.96 40.26
C THR D 199 -31.52 -31.17 41.27
N LEU D 200 -31.81 -29.92 40.91
CA LEU D 200 -32.31 -28.99 41.90
C LEU D 200 -33.62 -28.41 41.36
N PRO D 201 -34.69 -28.43 42.15
CA PRO D 201 -35.97 -27.86 41.66
C PRO D 201 -35.87 -26.37 41.36
N GLU D 202 -34.99 -25.67 42.08
CA GLU D 202 -34.83 -24.22 42.02
C GLU D 202 -33.95 -23.79 40.85
N LEU D 203 -33.08 -24.68 40.38
CA LEU D 203 -32.09 -24.37 39.35
C LEU D 203 -32.74 -24.76 38.03
N THR D 204 -33.48 -23.80 37.48
CA THR D 204 -34.35 -24.10 36.36
C THR D 204 -33.60 -24.10 35.05
N ASP D 205 -32.49 -23.36 34.97
CA ASP D 205 -31.78 -23.30 33.70
C ASP D 205 -30.30 -23.07 33.91
N GLY D 206 -29.53 -23.59 32.96
CA GLY D 206 -28.10 -23.53 33.05
C GLY D 206 -27.63 -22.10 32.85
N GLN D 207 -26.40 -21.83 33.28
CA GLN D 207 -25.82 -20.51 33.05
C GLN D 207 -24.33 -20.70 32.86
N SER D 208 -23.66 -19.64 32.42
CA SER D 208 -22.27 -19.78 32.06
C SER D 208 -21.57 -18.46 32.24
N PHE D 209 -20.27 -18.56 32.47
CA PHE D 209 -19.38 -17.42 32.67
C PHE D 209 -19.72 -16.69 33.96
N HIS D 210 -20.27 -17.41 34.93
CA HIS D 210 -20.51 -16.83 36.23
C HIS D 210 -19.38 -17.06 37.22
N VAL D 211 -19.38 -16.29 38.29
CA VAL D 211 -18.45 -16.47 39.40
C VAL D 211 -19.19 -17.23 40.49
N ALA D 212 -18.51 -18.19 41.12
CA ALA D 212 -19.07 -18.91 42.25
C ALA D 212 -18.09 -18.82 43.39
N LEU D 213 -18.57 -18.37 44.55
CA LEU D 213 -17.72 -18.21 45.71
C LEU D 213 -18.22 -19.12 46.83
N ALA D 214 -17.30 -19.89 47.39
CA ALA D 214 -17.61 -20.86 48.42
C ALA D 214 -16.85 -20.48 49.68
N ARG D 215 -17.43 -20.83 50.81
CA ARG D 215 -16.76 -20.70 52.10
C ARG D 215 -17.40 -21.73 53.02
N GLN D 216 -16.62 -22.72 53.41
CA GLN D 216 -16.89 -23.51 54.61
C GLN D 216 -18.31 -24.10 54.53
N ASP D 217 -18.60 -24.75 53.41
CA ASP D 217 -19.82 -25.49 52.99
C ASP D 217 -21.04 -24.68 52.52
N CYS D 218 -20.93 -23.37 52.24
CA CYS D 218 -21.99 -22.66 51.54
C CYS D 218 -21.39 -22.00 50.29
N VAL D 219 -22.09 -22.09 49.17
CA VAL D 219 -21.64 -21.49 47.92
C VAL D 219 -22.64 -20.47 47.38
N TYR D 220 -22.15 -19.26 47.05
CA TYR D 220 -22.94 -18.17 46.47
C TYR D 220 -22.56 -18.03 45.01
N PHE D 221 -23.51 -18.32 44.13
CA PHE D 221 -23.37 -18.11 42.70
C PHE D 221 -23.89 -16.72 42.36
N LEU D 222 -23.00 -15.87 41.88
CA LEU D 222 -23.36 -14.53 41.49
C LEU D 222 -23.78 -14.54 40.02
N GLY D 223 -23.95 -13.35 39.45
CA GLY D 223 -24.66 -13.17 38.20
C GLY D 223 -23.95 -13.92 37.09
N GLY D 224 -24.69 -14.74 36.36
CA GLY D 224 -24.17 -15.43 35.20
C GLY D 224 -24.66 -14.81 33.91
N HIS D 225 -24.63 -15.62 32.86
CA HIS D 225 -25.29 -15.26 31.62
C HIS D 225 -26.05 -16.50 31.22
N ILE D 226 -27.35 -16.34 31.00
CA ILE D 226 -28.22 -17.40 30.55
C ILE D 226 -28.39 -17.18 29.05
N LEU D 227 -28.25 -18.24 28.24
CA LEU D 227 -28.16 -18.11 26.79
C LEU D 227 -29.45 -18.48 26.07
N SER D 228 -30.30 -19.31 26.68
CA SER D 228 -31.62 -19.55 26.10
C SER D 228 -32.39 -18.24 25.99
N SER D 229 -32.54 -17.53 27.10
CA SER D 229 -33.30 -16.29 27.12
C SER D 229 -32.43 -15.05 26.90
N ASP D 230 -31.12 -15.22 26.79
CA ASP D 230 -30.13 -14.16 26.62
C ASP D 230 -30.32 -13.08 27.70
N CYS D 231 -31.07 -13.41 28.76
CA CYS D 231 -31.18 -12.49 29.87
C CYS D 231 -29.93 -12.59 30.73
N ARG D 232 -29.66 -11.53 31.49
CA ARG D 232 -28.60 -11.60 32.49
C ARG D 232 -29.23 -11.50 33.86
N PRO D 233 -29.57 -12.60 34.52
CA PRO D 233 -30.30 -12.47 35.78
C PRO D 233 -29.43 -11.73 36.80
N SER D 234 -30.04 -10.79 37.51
CA SER D 234 -29.40 -10.12 38.62
C SER D 234 -29.57 -10.85 39.94
N ARG D 235 -30.31 -11.96 39.96
CA ARG D 235 -30.48 -12.70 41.20
C ARG D 235 -29.21 -13.45 41.59
N LEU D 236 -29.18 -13.90 42.83
CA LEU D 236 -28.04 -14.55 43.43
C LEU D 236 -28.53 -15.86 44.05
N ILE D 237 -27.79 -16.93 43.81
CA ILE D 237 -28.15 -18.25 44.34
C ILE D 237 -27.25 -18.59 45.50
N ARG D 238 -27.82 -19.19 46.54
CA ARG D 238 -27.03 -19.67 47.67
C ARG D 238 -27.42 -21.11 47.91
N LEU D 239 -26.45 -22.01 47.83
CA LEU D 239 -26.73 -23.42 48.06
C LEU D 239 -25.83 -23.95 49.17
N HIS D 240 -26.42 -24.81 49.98
CA HIS D 240 -25.85 -25.26 51.24
C HIS D 240 -25.81 -26.78 51.16
N VAL D 241 -24.63 -27.35 51.24
CA VAL D 241 -24.51 -28.80 51.19
C VAL D 241 -24.18 -29.31 52.59
N GLU D 242 -24.34 -30.62 52.76
CA GLU D 242 -23.72 -31.32 53.87
C GLU D 242 -23.55 -32.76 53.46
N LEU D 243 -22.36 -33.27 53.72
CA LEU D 243 -21.91 -34.57 53.24
C LEU D 243 -22.26 -35.56 54.35
N LEU D 244 -23.43 -36.18 54.23
CA LEU D 244 -23.89 -37.16 55.19
C LEU D 244 -23.53 -38.54 54.68
N LEU D 245 -23.18 -39.43 55.61
CA LEU D 245 -22.91 -40.82 55.28
C LEU D 245 -24.13 -41.42 54.59
N GLY D 246 -23.95 -41.86 53.34
CA GLY D 246 -22.85 -41.42 52.48
C GLY D 246 -23.41 -40.79 51.22
N SER D 247 -24.55 -40.12 51.43
CA SER D 247 -25.26 -39.35 50.40
C SER D 247 -25.21 -37.86 50.75
N PRO D 248 -24.62 -37.03 49.90
CA PRO D 248 -24.40 -35.61 50.21
C PRO D 248 -25.66 -34.79 49.97
N VAL D 249 -26.51 -34.68 51.01
CA VAL D 249 -27.70 -33.84 50.91
C VAL D 249 -27.36 -32.37 50.66
N LEU D 250 -28.25 -31.70 49.94
CA LEU D 250 -27.92 -30.50 49.19
C LEU D 250 -29.18 -29.67 49.03
N THR D 251 -29.21 -28.50 49.66
CA THR D 251 -30.37 -27.60 49.65
C THR D 251 -29.96 -26.33 48.93
N CYS D 252 -30.96 -25.53 48.57
CA CYS D 252 -30.71 -24.36 47.73
C CYS D 252 -31.79 -23.32 47.97
N THR D 253 -31.42 -22.06 47.75
CA THR D 253 -32.33 -20.94 47.87
C THR D 253 -31.95 -19.91 46.81
N ILE D 254 -32.96 -19.18 46.37
CA ILE D 254 -32.80 -18.02 45.50
C ILE D 254 -32.74 -16.82 46.44
N LEU D 255 -31.68 -16.04 46.37
CA LEU D 255 -31.62 -14.82 47.16
C LEU D 255 -32.03 -13.63 46.29
N HIS D 256 -32.46 -12.56 46.96
CA HIS D 256 -33.36 -11.60 46.32
C HIS D 256 -32.63 -10.83 45.23
N GLU D 257 -31.49 -10.24 45.56
CA GLU D 257 -30.73 -9.42 44.61
C GLU D 257 -29.27 -9.79 44.69
N GLY D 258 -28.65 -10.04 43.55
CA GLY D 258 -27.21 -10.16 43.48
C GLY D 258 -26.67 -9.07 42.59
N LEU D 259 -26.35 -9.43 41.34
CA LEU D 259 -25.42 -8.62 40.53
C LEU D 259 -25.41 -9.07 39.07
N THR D 260 -25.57 -8.12 38.15
CA THR D 260 -25.70 -8.44 36.74
C THR D 260 -24.30 -8.25 36.14
N ILE D 261 -23.44 -9.25 36.36
CA ILE D 261 -22.14 -9.28 35.69
C ILE D 261 -21.98 -10.62 34.98
N THR D 262 -20.98 -10.68 34.09
CA THR D 262 -20.54 -11.91 33.44
C THR D 262 -19.03 -11.86 33.30
N SER D 263 -18.34 -12.98 33.56
CA SER D 263 -16.92 -13.11 33.22
C SER D 263 -16.09 -12.09 34.01
N ALA D 264 -16.11 -12.22 35.32
CA ALA D 264 -15.54 -11.22 36.21
C ALA D 264 -14.12 -11.58 36.63
N ILE D 265 -13.49 -10.64 37.34
CA ILE D 265 -12.18 -10.85 37.97
C ILE D 265 -12.40 -10.68 39.46
N ALA D 266 -12.22 -11.78 40.21
CA ALA D 266 -12.44 -11.83 41.65
C ALA D 266 -11.09 -11.87 42.37
N SER D 267 -10.52 -10.71 42.63
CA SER D 267 -9.28 -10.86 43.37
C SER D 267 -9.58 -11.07 44.85
N PRO D 268 -8.84 -11.93 45.53
CA PRO D 268 -9.04 -12.03 46.97
C PRO D 268 -8.16 -11.03 47.71
N ILE D 269 -8.71 -10.29 48.68
CA ILE D 269 -7.93 -9.34 49.47
C ILE D 269 -7.84 -9.74 50.93
N GLY D 270 -8.93 -10.27 51.49
CA GLY D 270 -8.98 -10.52 52.91
C GLY D 270 -9.04 -12.01 53.16
N TYR D 271 -9.65 -12.40 54.28
CA TYR D 271 -9.80 -13.83 54.59
C TYR D 271 -10.84 -14.48 53.71
N HIS D 272 -12.05 -13.93 53.67
CA HIS D 272 -13.11 -14.39 52.78
C HIS D 272 -13.73 -13.22 52.04
N GLU D 273 -12.91 -12.25 51.66
CA GLU D 273 -13.38 -11.01 51.08
C GLU D 273 -12.69 -10.83 49.74
N TYR D 274 -13.47 -10.57 48.70
CA TYR D 274 -12.99 -10.40 47.34
C TYR D 274 -13.42 -9.05 46.79
N ILE D 275 -12.89 -8.75 45.62
CA ILE D 275 -13.24 -7.55 44.87
C ILE D 275 -13.49 -8.00 43.44
N ILE D 276 -14.55 -7.49 42.87
CA ILE D 276 -15.06 -7.93 41.59
C ILE D 276 -14.69 -6.81 40.64
N PHE D 277 -13.84 -7.14 39.68
CA PHE D 277 -13.27 -6.18 38.78
C PHE D 277 -14.05 -6.03 37.49
N GLY D 278 -15.03 -6.87 37.24
CA GLY D 278 -15.93 -6.53 36.17
C GLY D 278 -15.63 -7.23 34.86
N GLY D 279 -16.58 -7.98 34.36
CA GLY D 279 -16.55 -8.35 32.97
C GLY D 279 -17.53 -7.41 32.30
N TYR D 280 -18.72 -7.88 32.00
CA TYR D 280 -19.64 -7.13 31.16
C TYR D 280 -21.02 -7.13 31.81
N GLN D 281 -21.69 -5.97 31.77
CA GLN D 281 -23.05 -5.79 32.26
C GLN D 281 -24.09 -6.15 31.19
N SER D 282 -24.02 -5.53 30.01
CA SER D 282 -24.91 -5.78 28.88
C SER D 282 -24.08 -6.15 27.67
N GLU D 283 -24.75 -6.67 26.64
CA GLU D 283 -24.04 -7.23 25.49
C GLU D 283 -23.15 -6.22 24.78
N THR D 284 -23.30 -4.94 25.07
CA THR D 284 -22.57 -3.90 24.37
C THR D 284 -21.73 -3.05 25.32
N GLN D 285 -21.92 -3.20 26.63
CA GLN D 285 -21.53 -2.20 27.61
C GLN D 285 -20.89 -2.91 28.81
N LYS D 286 -19.58 -2.83 28.88
CA LYS D 286 -18.81 -3.53 29.90
C LYS D 286 -18.90 -2.82 31.25
N ARG D 287 -18.85 -3.62 32.32
CA ARG D 287 -19.10 -3.08 33.65
C ARG D 287 -17.82 -2.37 34.10
N MET D 288 -17.93 -1.08 34.39
CA MET D 288 -16.76 -0.25 34.53
C MET D 288 -16.46 0.08 35.99
N GLU D 289 -17.34 -0.31 36.91
CA GLU D 289 -17.20 0.03 38.32
C GLU D 289 -16.76 -1.22 39.07
N CYS D 290 -16.00 -1.00 40.13
CA CYS D 290 -15.50 -2.09 40.95
C CYS D 290 -16.48 -2.33 42.10
N THR D 291 -16.43 -3.54 42.66
CA THR D 291 -17.37 -3.86 43.73
C THR D 291 -16.70 -4.75 44.78
N TYR D 292 -16.76 -4.33 46.04
CA TYR D 292 -16.23 -5.14 47.14
C TYR D 292 -17.33 -6.09 47.56
N VAL D 293 -16.96 -7.34 47.78
CA VAL D 293 -17.87 -8.41 48.14
C VAL D 293 -17.22 -9.12 49.31
N GLY D 294 -17.68 -8.82 50.50
CA GLY D 294 -17.34 -9.59 51.68
C GLY D 294 -18.45 -10.60 51.87
N LEU D 295 -18.13 -11.75 52.43
CA LEU D 295 -19.18 -12.71 52.71
C LEU D 295 -18.95 -13.41 54.05
N ASP D 296 -20.04 -13.59 54.78
CA ASP D 296 -19.98 -14.05 56.16
C ASP D 296 -20.94 -15.23 56.25
N ASP D 297 -21.40 -15.55 57.45
CA ASP D 297 -22.40 -16.59 57.66
C ASP D 297 -23.82 -16.04 57.77
N VAL D 298 -23.98 -14.71 57.88
CA VAL D 298 -25.30 -14.12 57.67
C VAL D 298 -25.64 -14.19 56.20
N GLY D 299 -24.67 -13.86 55.35
CA GLY D 299 -24.74 -14.00 53.92
C GLY D 299 -23.61 -13.24 53.26
N VAL D 300 -23.88 -12.66 52.13
CA VAL D 300 -22.91 -11.84 51.41
C VAL D 300 -23.25 -10.38 51.69
N HIS D 301 -22.22 -9.54 51.74
CA HIS D 301 -22.44 -8.11 51.83
C HIS D 301 -21.66 -7.51 50.68
N MET D 302 -22.00 -6.28 50.32
CA MET D 302 -21.65 -5.83 48.99
C MET D 302 -21.68 -4.31 48.89
N GLU D 303 -20.56 -3.70 48.52
CA GLU D 303 -20.52 -2.24 48.46
C GLU D 303 -19.73 -1.79 47.24
N SER D 304 -20.22 -0.72 46.61
CA SER D 304 -19.47 -0.10 45.53
C SER D 304 -18.25 0.58 46.14
N ARG D 305 -17.09 0.32 45.56
CA ARG D 305 -15.95 1.17 45.80
C ARG D 305 -15.82 2.09 44.59
N GLU D 306 -15.08 3.19 44.77
CA GLU D 306 -15.09 3.98 43.53
C GLU D 306 -13.96 3.51 42.64
N PRO D 307 -14.23 3.34 41.35
CA PRO D 307 -13.24 2.74 40.47
C PRO D 307 -12.12 3.71 40.18
N PRO D 308 -10.97 3.22 39.75
CA PRO D 308 -9.92 4.12 39.28
C PRO D 308 -10.39 4.80 38.00
N GLN D 309 -9.68 5.85 37.65
CA GLN D 309 -9.89 6.63 36.44
C GLN D 309 -9.45 5.82 35.22
N TRP D 310 -10.39 5.12 34.58
CA TRP D 310 -10.07 4.34 33.41
C TRP D 310 -9.49 5.26 32.35
N THR D 311 -8.28 4.92 31.87
CA THR D 311 -7.68 5.59 30.73
C THR D 311 -8.68 5.64 29.58
N SER D 312 -8.48 6.54 28.62
CA SER D 312 -9.28 6.56 27.40
C SER D 312 -9.17 5.26 26.64
N GLU D 313 -8.00 4.63 26.71
CA GLU D 313 -7.73 3.45 25.91
C GLU D 313 -8.53 2.25 26.43
N ILE D 314 -8.51 2.01 27.74
CA ILE D 314 -9.28 0.92 28.35
C ILE D 314 -10.76 1.27 28.46
N SER D 315 -11.12 2.49 28.12
CA SER D 315 -12.51 2.90 28.07
C SER D 315 -13.13 2.75 26.69
N HIS D 316 -12.36 2.91 25.62
CA HIS D 316 -12.91 2.76 24.28
C HIS D 316 -12.67 1.40 23.64
N SER D 317 -12.12 0.42 24.36
CA SER D 317 -12.00 -0.91 23.79
C SER D 317 -13.37 -1.56 23.64
N ARG D 318 -13.47 -2.49 22.70
CA ARG D 318 -14.73 -3.23 22.55
C ARG D 318 -14.82 -4.35 23.58
N THR D 319 -13.78 -5.13 23.70
CA THR D 319 -13.76 -6.24 24.62
C THR D 319 -12.61 -6.02 25.60
N TRP D 320 -12.53 -6.87 26.63
CA TRP D 320 -11.42 -6.87 27.55
C TRP D 320 -11.56 -8.08 28.45
N PHE D 321 -10.44 -8.47 29.05
CA PHE D 321 -10.36 -9.62 29.94
C PHE D 321 -9.14 -9.44 30.83
N GLY D 322 -8.96 -10.40 31.74
CA GLY D 322 -7.78 -10.40 32.61
C GLY D 322 -8.06 -11.20 33.86
N GLY D 323 -7.11 -11.12 34.79
CA GLY D 323 -7.30 -11.90 35.99
C GLY D 323 -6.41 -11.45 37.13
N SER D 324 -6.65 -12.07 38.28
CA SER D 324 -6.13 -11.62 39.56
C SER D 324 -4.72 -12.16 39.79
N LEU D 325 -3.75 -11.26 40.01
CA LEU D 325 -2.46 -11.72 40.51
C LEU D 325 -2.55 -12.02 42.00
N GLY D 326 -3.74 -11.86 42.58
CA GLY D 326 -4.03 -12.23 43.95
C GLY D 326 -3.67 -11.13 44.92
N LYS D 327 -4.16 -11.30 46.15
CA LYS D 327 -3.89 -10.38 47.24
C LYS D 327 -4.29 -8.95 46.84
N GLY D 328 -5.52 -8.82 46.34
CA GLY D 328 -6.07 -7.56 45.89
C GLY D 328 -5.39 -6.90 44.70
N THR D 329 -4.56 -7.63 43.95
CA THR D 329 -3.89 -7.07 42.77
C THR D 329 -4.36 -7.90 41.58
N ALA D 330 -4.61 -7.26 40.45
CA ALA D 330 -4.98 -8.00 39.25
C ALA D 330 -4.35 -7.42 37.99
N LEU D 331 -4.40 -8.23 36.93
CA LEU D 331 -3.86 -7.89 35.61
C LEU D 331 -5.04 -7.79 34.66
N VAL D 332 -5.08 -6.74 33.83
CA VAL D 332 -6.12 -6.61 32.83
C VAL D 332 -5.48 -6.35 31.48
N ALA D 333 -6.22 -6.69 30.44
CA ALA D 333 -5.73 -6.65 29.06
C ALA D 333 -6.76 -6.01 28.15
N ILE D 334 -6.26 -5.27 27.16
CA ILE D 334 -7.06 -4.54 26.18
C ILE D 334 -6.55 -4.88 24.78
N PRO D 335 -7.41 -5.28 23.86
CA PRO D 335 -6.96 -5.43 22.48
C PRO D 335 -6.47 -4.08 21.98
N SER D 336 -5.43 -4.09 21.15
CA SER D 336 -4.83 -2.87 20.66
C SER D 336 -4.98 -2.75 19.15
N GLU D 337 -5.23 -1.52 18.69
CA GLU D 337 -5.43 -1.25 17.27
C GLU D 337 -4.34 -0.32 16.79
N GLY D 338 -3.57 -0.78 15.81
CA GLY D 338 -2.60 0.06 15.15
C GLY D 338 -2.38 -0.46 13.75
N ASN D 339 -1.80 0.39 12.92
CA ASN D 339 -1.36 0.01 11.58
C ASN D 339 0.03 0.59 11.34
N PRO D 340 1.07 -0.24 11.21
CA PRO D 340 0.98 -1.72 11.22
C PRO D 340 0.60 -2.34 12.56
N THR D 341 0.32 -3.64 12.53
CA THR D 341 0.03 -4.37 13.76
C THR D 341 1.24 -4.25 14.69
N PRO D 342 1.03 -4.09 15.99
CA PRO D 342 2.12 -3.62 16.87
C PRO D 342 3.32 -4.55 16.90
N PRO D 343 3.18 -5.89 16.78
CA PRO D 343 2.14 -6.91 16.74
C PRO D 343 1.81 -7.36 18.13
N GLU D 344 2.23 -6.54 19.08
CA GLU D 344 1.79 -6.71 20.45
C GLU D 344 0.29 -6.47 20.47
N ALA D 345 -0.46 -7.56 20.60
CA ALA D 345 -1.90 -7.55 20.39
C ALA D 345 -2.66 -6.93 21.54
N TYR D 346 -2.07 -6.86 22.72
CA TYR D 346 -2.81 -6.43 23.88
C TYR D 346 -1.97 -5.49 24.75
N HIS D 347 -2.55 -4.33 25.07
CA HIS D 347 -2.05 -3.47 26.14
C HIS D 347 -2.45 -4.02 27.49
N PHE D 348 -1.56 -3.88 28.48
CA PHE D 348 -1.75 -4.45 29.81
C PHE D 348 -1.76 -3.36 30.88
N TYR D 349 -2.61 -3.55 31.88
CA TYR D 349 -2.63 -2.69 33.05
C TYR D 349 -2.50 -3.57 34.29
N GLN D 350 -1.95 -2.98 35.35
CA GLN D 350 -1.91 -3.57 36.68
C GLN D 350 -2.78 -2.74 37.61
N VAL D 351 -3.79 -3.39 38.16
CA VAL D 351 -4.68 -2.81 39.14
C VAL D 351 -4.35 -3.32 40.53
N SER D 352 -4.61 -2.46 41.51
CA SER D 352 -4.25 -2.68 42.90
C SER D 352 -5.30 -2.06 43.82
N PHE D 353 -5.56 -2.74 44.94
CA PHE D 353 -6.51 -2.27 45.95
C PHE D 353 -5.77 -1.62 47.12
N GLN D 354 -6.21 -0.43 47.49
CA GLN D 354 -5.60 0.41 48.53
C GLN D 354 -4.12 0.71 48.26
#